data_6MIN
# 
_entry.id   6MIN 
# 
_audit_conform.dict_name       mmcif_pdbx.dic 
_audit_conform.dict_version    5.381 
_audit_conform.dict_location   http://mmcif.pdb.org/dictionaries/ascii/mmcif_pdbx.dic 
# 
loop_
_database_2.database_id 
_database_2.database_code 
_database_2.pdbx_database_accession 
_database_2.pdbx_DOI 
PDB   6MIN         pdb_00006min 10.2210/pdb6min/pdb 
WWPDB D_1000237005 ?            ?                   
# 
_pdbx_database_status.status_code                     REL 
_pdbx_database_status.status_code_sf                  REL 
_pdbx_database_status.status_code_mr                  ? 
_pdbx_database_status.entry_id                        6MIN 
_pdbx_database_status.recvd_initial_deposition_date   2018-09-19 
_pdbx_database_status.SG_entry                        N 
_pdbx_database_status.deposit_site                    RCSB 
_pdbx_database_status.process_site                    RCSB 
_pdbx_database_status.status_code_cs                  ? 
_pdbx_database_status.methods_development_category    ? 
_pdbx_database_status.pdb_format_compatible           Y 
_pdbx_database_status.status_code_nmr_data            ? 
# 
loop_
_audit_author.name 
_audit_author.pdbx_ordinal 
_audit_author.identifier_ORCID 
'Klein, B.J.'       1 0000-0003-2479-8013 
'Andrews, F.H.'     2 ?                   
'Kutateladze, T.G.' 3 0000-0001-7375-6990 
# 
_citation.abstract                  ? 
_citation.abstract_id_CAS           ? 
_citation.book_id_ISBN              ? 
_citation.book_publisher            ? 
_citation.book_publisher_city       ? 
_citation.book_title                ? 
_citation.coordinate_linkage        ? 
_citation.country                   UK 
_citation.database_id_Medline       ? 
_citation.details                   ? 
_citation.id                        primary 
_citation.journal_abbrev            'Nat Commun' 
_citation.journal_id_ASTM           ? 
_citation.journal_id_CSD            ? 
_citation.journal_id_ISSN           2041-1723 
_citation.journal_full              ? 
_citation.journal_issue             ? 
_citation.journal_volume            9 
_citation.language                  ? 
_citation.page_first                4574 
_citation.page_last                 4574 
_citation.title                     
'Structural insights into the pi-pi-pi stacking mechanism and DNA-binding activity of the YEATS domain.' 
_citation.year                      2018 
_citation.database_id_CSD           ? 
_citation.pdbx_database_id_DOI      10.1038/s41467-018-07072-6 
_citation.pdbx_database_id_PubMed   30385749 
_citation.unpublished_flag          ? 
# 
loop_
_citation_author.citation_id 
_citation_author.name 
_citation_author.ordinal 
_citation_author.identifier_ORCID 
primary 'Klein, B.J.'        1  ?                   
primary 'Vann, K.R.'         2  ?                   
primary 'Andrews, F.H.'      3  ?                   
primary 'Wang, W.W.'         4  ?                   
primary 'Zhang, J.'          5  ?                   
primary 'Zhang, Y.'          6  0000-0001-8170-9983 
primary 'Beloglazkina, A.A.' 7  ?                   
primary 'Mi, W.'             8  0000-0002-7453-051X 
primary 'Li, Y.'             9  ?                   
primary 'Li, H.'             10 0000-0001-6741-293X 
primary 'Shi, X.'            11 0000-0001-5242-8189 
primary 'Kutateladze, A.G.'  12 ?                   
primary 'Strahl, B.D.'       13 0000-0002-4947-6259 
primary 'Liu, W.R.'          14 0000-0002-7078-6534 
primary 'Kutateladze, T.G.'  15 0000-0001-7375-6990 
# 
_cell.angle_alpha                  90.00 
_cell.angle_alpha_esd              ? 
_cell.angle_beta                   90.00 
_cell.angle_beta_esd               ? 
_cell.angle_gamma                  120.00 
_cell.angle_gamma_esd              ? 
_cell.entry_id                     6MIN 
_cell.details                      ? 
_cell.formula_units_Z              ? 
_cell.length_a                     113.446 
_cell.length_a_esd                 ? 
_cell.length_b                     113.446 
_cell.length_b_esd                 ? 
_cell.length_c                     26.392 
_cell.length_c_esd                 ? 
_cell.volume                       ? 
_cell.volume_esd                   ? 
_cell.Z_PDB                        6 
_cell.reciprocal_angle_alpha       ? 
_cell.reciprocal_angle_beta        ? 
_cell.reciprocal_angle_gamma       ? 
_cell.reciprocal_angle_alpha_esd   ? 
_cell.reciprocal_angle_beta_esd    ? 
_cell.reciprocal_angle_gamma_esd   ? 
_cell.reciprocal_length_a          ? 
_cell.reciprocal_length_b          ? 
_cell.reciprocal_length_c          ? 
_cell.reciprocal_length_a_esd      ? 
_cell.reciprocal_length_b_esd      ? 
_cell.reciprocal_length_c_esd      ? 
_cell.pdbx_unique_axis             ? 
# 
_symmetry.entry_id                         6MIN 
_symmetry.cell_setting                     ? 
_symmetry.Int_Tables_number                170 
_symmetry.space_group_name_Hall            ? 
_symmetry.space_group_name_H-M             'P 65' 
_symmetry.pdbx_full_space_group_name_H-M   ? 
# 
loop_
_entity.id 
_entity.type 
_entity.src_method 
_entity.pdbx_description 
_entity.formula_weight 
_entity.pdbx_number_of_molecules 
_entity.pdbx_ec 
_entity.pdbx_mutation 
_entity.pdbx_fragment 
_entity.details 
1 polymer man 'Transcription initiation factor TFIID subunit 14' 16194.522 1   ? G82A 'YEATS domain residues 1-137' ? 
2 polymer syn 'Histone H3K9cr'                                   885.986   1   ? ?    ?                             ? 
3 water   nat water                                              18.015    155 ? ?    ?                             ? 
# 
_entity_name_com.entity_id   1 
_entity_name_com.name        
;Actin non-complementing mutant 1,Chromosome stability protein 10,SWI/SNF chromatin-remodeling complex subunit TAF14,SWI/SNF complex 29 kDa subunit,SWI/SNF complex subunit TAF14,TBP-associated factor 14,TBP-associated factor 30 kDa,Transcription factor G 30 kDa subunit,Transcription initiation factor TFIIF 30 kDa subunit
;
# 
loop_
_entity_poly.entity_id 
_entity_poly.type 
_entity_poly.nstd_linkage 
_entity_poly.nstd_monomer 
_entity_poly.pdbx_seq_one_letter_code 
_entity_poly.pdbx_seq_one_letter_code_can 
_entity_poly.pdbx_strand_id 
_entity_poly.pdbx_target_identifier 
1 'polypeptide(L)' no no  
;GPLGSMVATVKRTIRIKTQQHILPEVPPVENFPVRQWSIEIVLLDDEGKEIPATIFDKVIYHLHPTFANPNRTFTDPPFR
IEEQGWAGFPLDISVFLLEKAGERKIPHDLNFLQESYEVEHVIQIPLNKPLLTEELAKSGST
;
;GPLGSMVATVKRTIRIKTQQHILPEVPPVENFPVRQWSIEIVLLDDEGKEIPATIFDKVIYHLHPTFANPNRTFTDPPFR
IEEQGWAGFPLDISVFLLEKAGERKIPHDLNFLQESYEVEHVIQIPLNKPLLTEELAKSGST
;
A ? 
2 'polypeptide(L)' no yes '(ACE)QTAR(KCR)ST' XQTARXST B ? 
# 
loop_
_entity_poly_seq.entity_id 
_entity_poly_seq.num 
_entity_poly_seq.mon_id 
_entity_poly_seq.hetero 
1 1   GLY n 
1 2   PRO n 
1 3   LEU n 
1 4   GLY n 
1 5   SER n 
1 6   MET n 
1 7   VAL n 
1 8   ALA n 
1 9   THR n 
1 10  VAL n 
1 11  LYS n 
1 12  ARG n 
1 13  THR n 
1 14  ILE n 
1 15  ARG n 
1 16  ILE n 
1 17  LYS n 
1 18  THR n 
1 19  GLN n 
1 20  GLN n 
1 21  HIS n 
1 22  ILE n 
1 23  LEU n 
1 24  PRO n 
1 25  GLU n 
1 26  VAL n 
1 27  PRO n 
1 28  PRO n 
1 29  VAL n 
1 30  GLU n 
1 31  ASN n 
1 32  PHE n 
1 33  PRO n 
1 34  VAL n 
1 35  ARG n 
1 36  GLN n 
1 37  TRP n 
1 38  SER n 
1 39  ILE n 
1 40  GLU n 
1 41  ILE n 
1 42  VAL n 
1 43  LEU n 
1 44  LEU n 
1 45  ASP n 
1 46  ASP n 
1 47  GLU n 
1 48  GLY n 
1 49  LYS n 
1 50  GLU n 
1 51  ILE n 
1 52  PRO n 
1 53  ALA n 
1 54  THR n 
1 55  ILE n 
1 56  PHE n 
1 57  ASP n 
1 58  LYS n 
1 59  VAL n 
1 60  ILE n 
1 61  TYR n 
1 62  HIS n 
1 63  LEU n 
1 64  HIS n 
1 65  PRO n 
1 66  THR n 
1 67  PHE n 
1 68  ALA n 
1 69  ASN n 
1 70  PRO n 
1 71  ASN n 
1 72  ARG n 
1 73  THR n 
1 74  PHE n 
1 75  THR n 
1 76  ASP n 
1 77  PRO n 
1 78  PRO n 
1 79  PHE n 
1 80  ARG n 
1 81  ILE n 
1 82  GLU n 
1 83  GLU n 
1 84  GLN n 
1 85  GLY n 
1 86  TRP n 
1 87  ALA n 
1 88  GLY n 
1 89  PHE n 
1 90  PRO n 
1 91  LEU n 
1 92  ASP n 
1 93  ILE n 
1 94  SER n 
1 95  VAL n 
1 96  PHE n 
1 97  LEU n 
1 98  LEU n 
1 99  GLU n 
1 100 LYS n 
1 101 ALA n 
1 102 GLY n 
1 103 GLU n 
1 104 ARG n 
1 105 LYS n 
1 106 ILE n 
1 107 PRO n 
1 108 HIS n 
1 109 ASP n 
1 110 LEU n 
1 111 ASN n 
1 112 PHE n 
1 113 LEU n 
1 114 GLN n 
1 115 GLU n 
1 116 SER n 
1 117 TYR n 
1 118 GLU n 
1 119 VAL n 
1 120 GLU n 
1 121 HIS n 
1 122 VAL n 
1 123 ILE n 
1 124 GLN n 
1 125 ILE n 
1 126 PRO n 
1 127 LEU n 
1 128 ASN n 
1 129 LYS n 
1 130 PRO n 
1 131 LEU n 
1 132 LEU n 
1 133 THR n 
1 134 GLU n 
1 135 GLU n 
1 136 LEU n 
1 137 ALA n 
1 138 LYS n 
1 139 SER n 
1 140 GLY n 
1 141 SER n 
1 142 THR n 
2 1   ACE n 
2 2   GLN n 
2 3   THR n 
2 4   ALA n 
2 5   ARG n 
2 6   KCR n 
2 7   SER n 
2 8   THR n 
# 
_entity_src_gen.entity_id                          1 
_entity_src_gen.pdbx_src_id                        1 
_entity_src_gen.pdbx_alt_source_flag               sample 
_entity_src_gen.pdbx_seq_type                      'Biological sequence' 
_entity_src_gen.pdbx_beg_seq_num                   1 
_entity_src_gen.pdbx_end_seq_num                   142 
_entity_src_gen.gene_src_common_name               
;Baker's yeast
;
_entity_src_gen.gene_src_genus                     ? 
_entity_src_gen.pdbx_gene_src_gene                 'TAF14, ANC1, CST10, SWP29, TAF30, TFG3, YPL129W' 
_entity_src_gen.gene_src_species                   ? 
_entity_src_gen.gene_src_strain                    'ATCC 204508 / S288c' 
_entity_src_gen.gene_src_tissue                    ? 
_entity_src_gen.gene_src_tissue_fraction           ? 
_entity_src_gen.gene_src_details                   ? 
_entity_src_gen.pdbx_gene_src_fragment             ? 
_entity_src_gen.pdbx_gene_src_scientific_name      'Saccharomyces cerevisiae (strain ATCC 204508 / S288c)' 
_entity_src_gen.pdbx_gene_src_ncbi_taxonomy_id     559292 
_entity_src_gen.pdbx_gene_src_variant              ? 
_entity_src_gen.pdbx_gene_src_cell_line            ? 
_entity_src_gen.pdbx_gene_src_atcc                 ? 
_entity_src_gen.pdbx_gene_src_organ                ? 
_entity_src_gen.pdbx_gene_src_organelle            ? 
_entity_src_gen.pdbx_gene_src_cell                 ? 
_entity_src_gen.pdbx_gene_src_cellular_location    ? 
_entity_src_gen.host_org_common_name               ? 
_entity_src_gen.pdbx_host_org_scientific_name      'Escherichia coli' 
_entity_src_gen.pdbx_host_org_ncbi_taxonomy_id     562 
_entity_src_gen.host_org_genus                     ? 
_entity_src_gen.pdbx_host_org_gene                 ? 
_entity_src_gen.pdbx_host_org_organ                ? 
_entity_src_gen.host_org_species                   ? 
_entity_src_gen.pdbx_host_org_tissue               ? 
_entity_src_gen.pdbx_host_org_tissue_fraction      ? 
_entity_src_gen.pdbx_host_org_strain               ? 
_entity_src_gen.pdbx_host_org_variant              ? 
_entity_src_gen.pdbx_host_org_cell_line            ? 
_entity_src_gen.pdbx_host_org_atcc                 ? 
_entity_src_gen.pdbx_host_org_culture_collection   ? 
_entity_src_gen.pdbx_host_org_cell                 ? 
_entity_src_gen.pdbx_host_org_organelle            ? 
_entity_src_gen.pdbx_host_org_cellular_location    ? 
_entity_src_gen.pdbx_host_org_vector_type          ? 
_entity_src_gen.pdbx_host_org_vector               ? 
_entity_src_gen.host_org_details                   ? 
_entity_src_gen.expression_system_id               ? 
_entity_src_gen.plasmid_name                       ? 
_entity_src_gen.plasmid_details                    ? 
_entity_src_gen.pdbx_description                   ? 
# 
_pdbx_entity_src_syn.entity_id              2 
_pdbx_entity_src_syn.pdbx_src_id            1 
_pdbx_entity_src_syn.pdbx_alt_source_flag   sample 
_pdbx_entity_src_syn.pdbx_beg_seq_num       1 
_pdbx_entity_src_syn.pdbx_end_seq_num       8 
_pdbx_entity_src_syn.organism_scientific    'Homo sapiens' 
_pdbx_entity_src_syn.organism_common_name   Human 
_pdbx_entity_src_syn.ncbi_taxonomy_id       9606 
_pdbx_entity_src_syn.details                ? 
# 
loop_
_struct_ref.id 
_struct_ref.db_name 
_struct_ref.db_code 
_struct_ref.pdbx_db_accession 
_struct_ref.pdbx_db_isoform 
_struct_ref.entity_id 
_struct_ref.pdbx_seq_one_letter_code 
_struct_ref.pdbx_align_begin 
1 UNP TAF14_YEAST P35189 ? 1 
;MVATVKRTIRIKTQQHILPEVPPVENFPVRQWSIEIVLLDDEGKEIPATIFDKVIYHLHPTFANPNRTFTDPPFRIEEQG
WGGFPLDISVFLLEKAGERKIPHDLNFLQESYEVEHVIQIPLNKPLLTEELAKSGST
;
1 
2 PDB 6MIN        6MIN   ? 2 ? 1 
# 
loop_
_struct_ref_seq.align_id 
_struct_ref_seq.ref_id 
_struct_ref_seq.pdbx_PDB_id_code 
_struct_ref_seq.pdbx_strand_id 
_struct_ref_seq.seq_align_beg 
_struct_ref_seq.pdbx_seq_align_beg_ins_code 
_struct_ref_seq.seq_align_end 
_struct_ref_seq.pdbx_seq_align_end_ins_code 
_struct_ref_seq.pdbx_db_accession 
_struct_ref_seq.db_align_beg 
_struct_ref_seq.pdbx_db_align_beg_ins_code 
_struct_ref_seq.db_align_end 
_struct_ref_seq.pdbx_db_align_end_ins_code 
_struct_ref_seq.pdbx_auth_seq_align_beg 
_struct_ref_seq.pdbx_auth_seq_align_end 
1 1 6MIN A 6 ? 142 ? P35189 1 ? 137 ? 1 137 
2 2 6MIN B 1 ? 8   ? 6MIN   4 ? 11  ? 4 11  
# 
loop_
_struct_ref_seq_dif.align_id 
_struct_ref_seq_dif.pdbx_pdb_id_code 
_struct_ref_seq_dif.mon_id 
_struct_ref_seq_dif.pdbx_pdb_strand_id 
_struct_ref_seq_dif.seq_num 
_struct_ref_seq_dif.pdbx_pdb_ins_code 
_struct_ref_seq_dif.pdbx_seq_db_name 
_struct_ref_seq_dif.pdbx_seq_db_accession_code 
_struct_ref_seq_dif.db_mon_id 
_struct_ref_seq_dif.pdbx_seq_db_seq_num 
_struct_ref_seq_dif.details 
_struct_ref_seq_dif.pdbx_auth_seq_num 
_struct_ref_seq_dif.pdbx_ordinal 
1 6MIN GLY A 1  ? UNP P35189 ?   ?  'expression tag'      -4 1 
1 6MIN PRO A 2  ? UNP P35189 ?   ?  'expression tag'      -3 2 
1 6MIN LEU A 3  ? UNP P35189 ?   ?  'expression tag'      -2 3 
1 6MIN GLY A 4  ? UNP P35189 ?   ?  'expression tag'      -1 4 
1 6MIN SER A 5  ? UNP P35189 ?   ?  'expression tag'      0  5 
1 6MIN ALA A 87 ? UNP P35189 GLY 82 'engineered mutation' 82 6 
# 
loop_
_chem_comp.id 
_chem_comp.type 
_chem_comp.mon_nstd_flag 
_chem_comp.name 
_chem_comp.pdbx_synonyms 
_chem_comp.formula 
_chem_comp.formula_weight 
ACE non-polymer         . 'ACETYL GROUP'        ? 'C2 H4 O'        44.053  
ALA 'L-peptide linking' y ALANINE               ? 'C3 H7 N O2'     89.093  
ARG 'L-peptide linking' y ARGININE              ? 'C6 H15 N4 O2 1' 175.209 
ASN 'L-peptide linking' y ASPARAGINE            ? 'C4 H8 N2 O3'    132.118 
ASP 'L-peptide linking' y 'ASPARTIC ACID'       ? 'C4 H7 N O4'     133.103 
GLN 'L-peptide linking' y GLUTAMINE             ? 'C5 H10 N2 O3'   146.144 
GLU 'L-peptide linking' y 'GLUTAMIC ACID'       ? 'C5 H9 N O4'     147.129 
GLY 'peptide linking'   y GLYCINE               ? 'C2 H5 N O2'     75.067  
HIS 'L-peptide linking' y HISTIDINE             ? 'C6 H10 N3 O2 1' 156.162 
HOH non-polymer         . WATER                 ? 'H2 O'           18.015  
ILE 'L-peptide linking' y ISOLEUCINE            ? 'C6 H13 N O2'    131.173 
KCR 'L-peptide linking' n N-6-crotonyl-L-lysine ? 'C10 H18 N2 O3'  214.262 
LEU 'L-peptide linking' y LEUCINE               ? 'C6 H13 N O2'    131.173 
LYS 'L-peptide linking' y LYSINE                ? 'C6 H15 N2 O2 1' 147.195 
MET 'L-peptide linking' y METHIONINE            ? 'C5 H11 N O2 S'  149.211 
PHE 'L-peptide linking' y PHENYLALANINE         ? 'C9 H11 N O2'    165.189 
PRO 'L-peptide linking' y PROLINE               ? 'C5 H9 N O2'     115.130 
SER 'L-peptide linking' y SERINE                ? 'C3 H7 N O3'     105.093 
THR 'L-peptide linking' y THREONINE             ? 'C4 H9 N O3'     119.119 
TRP 'L-peptide linking' y TRYPTOPHAN            ? 'C11 H12 N2 O2'  204.225 
TYR 'L-peptide linking' y TYROSINE              ? 'C9 H11 N O3'    181.189 
VAL 'L-peptide linking' y VALINE                ? 'C5 H11 N O2'    117.146 
# 
_exptl.absorpt_coefficient_mu     ? 
_exptl.absorpt_correction_T_max   ? 
_exptl.absorpt_correction_T_min   ? 
_exptl.absorpt_correction_type    ? 
_exptl.absorpt_process_details    ? 
_exptl.entry_id                   6MIN 
_exptl.crystals_number            1 
_exptl.details                    ? 
_exptl.method                     'X-RAY DIFFRACTION' 
_exptl.method_details             ? 
# 
_exptl_crystal.colour                      ? 
_exptl_crystal.density_diffrn              ? 
_exptl_crystal.density_Matthews            2.87 
_exptl_crystal.density_method              ? 
_exptl_crystal.density_percent_sol         57.15 
_exptl_crystal.description                 ? 
_exptl_crystal.F_000                       ? 
_exptl_crystal.id                          1 
_exptl_crystal.preparation                 ? 
_exptl_crystal.size_max                    ? 
_exptl_crystal.size_mid                    ? 
_exptl_crystal.size_min                    ? 
_exptl_crystal.size_rad                    ? 
_exptl_crystal.colour_lustre               ? 
_exptl_crystal.colour_modifier             ? 
_exptl_crystal.colour_primary              ? 
_exptl_crystal.density_meas                ? 
_exptl_crystal.density_meas_esd            ? 
_exptl_crystal.density_meas_gt             ? 
_exptl_crystal.density_meas_lt             ? 
_exptl_crystal.density_meas_temp           ? 
_exptl_crystal.density_meas_temp_esd       ? 
_exptl_crystal.density_meas_temp_gt        ? 
_exptl_crystal.density_meas_temp_lt        ? 
_exptl_crystal.pdbx_crystal_image_url      ? 
_exptl_crystal.pdbx_crystal_image_format   ? 
_exptl_crystal.pdbx_mosaicity              ? 
_exptl_crystal.pdbx_mosaicity_esd          ? 
# 
_exptl_crystal_grow.apparatus       ? 
_exptl_crystal_grow.atmosphere      ? 
_exptl_crystal_grow.crystal_id      1 
_exptl_crystal_grow.details         ? 
_exptl_crystal_grow.method          'VAPOR DIFFUSION, SITTING DROP' 
_exptl_crystal_grow.method_ref      ? 
_exptl_crystal_grow.pH              ? 
_exptl_crystal_grow.pressure        ? 
_exptl_crystal_grow.pressure_esd    ? 
_exptl_crystal_grow.seeding         ? 
_exptl_crystal_grow.seeding_ref     ? 
_exptl_crystal_grow.temp            291 
_exptl_crystal_grow.temp_details    ? 
_exptl_crystal_grow.temp_esd        ? 
_exptl_crystal_grow.time            ? 
_exptl_crystal_grow.pdbx_details    '44% PEG600 (v/v) and 0.2 M citric acid (pH 6.0)' 
_exptl_crystal_grow.pdbx_pH_range   ? 
# 
_diffrn.ambient_environment              ? 
_diffrn.ambient_temp                     100 
_diffrn.ambient_temp_details             ? 
_diffrn.ambient_temp_esd                 ? 
_diffrn.crystal_id                       1 
_diffrn.crystal_support                  ? 
_diffrn.crystal_treatment                ? 
_diffrn.details                          ? 
_diffrn.id                               1 
_diffrn.ambient_pressure                 ? 
_diffrn.ambient_pressure_esd             ? 
_diffrn.ambient_pressure_gt              ? 
_diffrn.ambient_pressure_lt              ? 
_diffrn.ambient_temp_gt                  ? 
_diffrn.ambient_temp_lt                  ? 
_diffrn.pdbx_serial_crystal_experiment   ? 
# 
_diffrn_detector.details                      ? 
_diffrn_detector.detector                     PIXEL 
_diffrn_detector.diffrn_id                    1 
_diffrn_detector.type                         'DECTRIS PILATUS 200K' 
_diffrn_detector.area_resol_mean              ? 
_diffrn_detector.dtime                        ? 
_diffrn_detector.pdbx_frames_total            ? 
_diffrn_detector.pdbx_collection_time_total   ? 
_diffrn_detector.pdbx_collection_date         2016-04-30 
_diffrn_detector.pdbx_frequency               ? 
# 
_diffrn_radiation.collimation                      ? 
_diffrn_radiation.diffrn_id                        1 
_diffrn_radiation.filter_edge                      ? 
_diffrn_radiation.inhomogeneity                    ? 
_diffrn_radiation.monochromator                    ? 
_diffrn_radiation.polarisn_norm                    ? 
_diffrn_radiation.polarisn_ratio                   ? 
_diffrn_radiation.probe                            ? 
_diffrn_radiation.type                             ? 
_diffrn_radiation.xray_symbol                      ? 
_diffrn_radiation.wavelength_id                    1 
_diffrn_radiation.pdbx_monochromatic_or_laue_m_l   M 
_diffrn_radiation.pdbx_wavelength_list             ? 
_diffrn_radiation.pdbx_wavelength                  ? 
_diffrn_radiation.pdbx_diffrn_protocol             'SINGLE WAVELENGTH' 
_diffrn_radiation.pdbx_analyzer                    ? 
_diffrn_radiation.pdbx_scattering_type             x-ray 
# 
_diffrn_radiation_wavelength.id           1 
_diffrn_radiation_wavelength.wavelength   1.54 
_diffrn_radiation_wavelength.wt           1.0 
# 
_diffrn_source.current                     ? 
_diffrn_source.details                     ? 
_diffrn_source.diffrn_id                   1 
_diffrn_source.power                       ? 
_diffrn_source.size                        ? 
_diffrn_source.source                      'ROTATING ANODE' 
_diffrn_source.target                      ? 
_diffrn_source.type                        'RIGAKU MICROMAX-007 HF' 
_diffrn_source.voltage                     ? 
_diffrn_source.take-off_angle              ? 
_diffrn_source.pdbx_wavelength_list        1.54 
_diffrn_source.pdbx_wavelength             ? 
_diffrn_source.pdbx_synchrotron_beamline   ? 
_diffrn_source.pdbx_synchrotron_site       ? 
# 
_reflns.B_iso_Wilson_estimate            ? 
_reflns.entry_id                         6MIN 
_reflns.data_reduction_details           ? 
_reflns.data_reduction_method            ? 
_reflns.d_resolution_high                1.9 
_reflns.d_resolution_low                 37.14 
_reflns.details                          ? 
_reflns.limit_h_max                      ? 
_reflns.limit_h_min                      ? 
_reflns.limit_k_max                      ? 
_reflns.limit_k_min                      ? 
_reflns.limit_l_max                      ? 
_reflns.limit_l_min                      ? 
_reflns.number_all                       ? 
_reflns.number_obs                       15267 
_reflns.observed_criterion               ? 
_reflns.observed_criterion_F_max         ? 
_reflns.observed_criterion_F_min         ? 
_reflns.observed_criterion_I_max         ? 
_reflns.observed_criterion_I_min         ? 
_reflns.observed_criterion_sigma_F       ? 
_reflns.observed_criterion_sigma_I       ? 
_reflns.percent_possible_obs             96.7 
_reflns.R_free_details                   ? 
_reflns.Rmerge_F_all                     ? 
_reflns.Rmerge_F_obs                     ? 
_reflns.Friedel_coverage                 ? 
_reflns.number_gt                        ? 
_reflns.threshold_expression             ? 
_reflns.pdbx_redundancy                  4.3 
_reflns.pdbx_Rmerge_I_obs                ? 
_reflns.pdbx_Rmerge_I_all                ? 
_reflns.pdbx_Rsym_value                  0.048 
_reflns.pdbx_netI_over_av_sigmaI         ? 
_reflns.pdbx_netI_over_sigmaI            40.0 
_reflns.pdbx_res_netI_over_av_sigmaI_2   ? 
_reflns.pdbx_res_netI_over_sigmaI_2      ? 
_reflns.pdbx_chi_squared                 ? 
_reflns.pdbx_scaling_rejects             ? 
_reflns.pdbx_d_res_high_opt              ? 
_reflns.pdbx_d_res_low_opt               ? 
_reflns.pdbx_d_res_opt_method            ? 
_reflns.phase_calculation_details        ? 
_reflns.pdbx_Rrim_I_all                  ? 
_reflns.pdbx_Rpim_I_all                  ? 
_reflns.pdbx_d_opt                       ? 
_reflns.pdbx_number_measured_all         ? 
_reflns.pdbx_diffrn_id                   1 
_reflns.pdbx_ordinal                     1 
_reflns.pdbx_CC_half                     ? 
_reflns.pdbx_R_split                     ? 
# 
_reflns_shell.d_res_high                  1.90 
_reflns_shell.d_res_low                   1.93 
_reflns_shell.meanI_over_sigI_all         ? 
_reflns_shell.meanI_over_sigI_obs         ? 
_reflns_shell.number_measured_all         ? 
_reflns_shell.number_measured_obs         ? 
_reflns_shell.number_possible             ? 
_reflns_shell.number_unique_all           ? 
_reflns_shell.number_unique_obs           ? 
_reflns_shell.percent_possible_all        ? 
_reflns_shell.percent_possible_obs        ? 
_reflns_shell.Rmerge_F_all                ? 
_reflns_shell.Rmerge_F_obs                ? 
_reflns_shell.Rmerge_I_all                ? 
_reflns_shell.Rmerge_I_obs                ? 
_reflns_shell.meanI_over_sigI_gt          ? 
_reflns_shell.meanI_over_uI_all           ? 
_reflns_shell.meanI_over_uI_gt            ? 
_reflns_shell.number_measured_gt          ? 
_reflns_shell.number_unique_gt            ? 
_reflns_shell.percent_possible_gt         ? 
_reflns_shell.Rmerge_F_gt                 ? 
_reflns_shell.Rmerge_I_gt                 ? 
_reflns_shell.pdbx_redundancy             ? 
_reflns_shell.pdbx_Rsym_value             0.164 
_reflns_shell.pdbx_chi_squared            ? 
_reflns_shell.pdbx_netI_over_sigmaI_all   ? 
_reflns_shell.pdbx_netI_over_sigmaI_obs   ? 
_reflns_shell.pdbx_Rrim_I_all             ? 
_reflns_shell.pdbx_Rpim_I_all             ? 
_reflns_shell.pdbx_rejects                ? 
_reflns_shell.pdbx_ordinal                1 
_reflns_shell.pdbx_diffrn_id              1 
_reflns_shell.pdbx_CC_half                ? 
_reflns_shell.pdbx_R_split                ? 
# 
_refine.aniso_B[1][1]                            ? 
_refine.aniso_B[1][2]                            ? 
_refine.aniso_B[1][3]                            ? 
_refine.aniso_B[2][2]                            ? 
_refine.aniso_B[2][3]                            ? 
_refine.aniso_B[3][3]                            ? 
_refine.B_iso_max                                ? 
_refine.B_iso_mean                               ? 
_refine.B_iso_min                                ? 
_refine.correlation_coeff_Fo_to_Fc               ? 
_refine.correlation_coeff_Fo_to_Fc_free          ? 
_refine.details                                  ? 
_refine.diff_density_max                         ? 
_refine.diff_density_max_esd                     ? 
_refine.diff_density_min                         ? 
_refine.diff_density_min_esd                     ? 
_refine.diff_density_rms                         ? 
_refine.diff_density_rms_esd                     ? 
_refine.entry_id                                 6MIN 
_refine.pdbx_refine_id                           'X-RAY DIFFRACTION' 
_refine.ls_abs_structure_details                 ? 
_refine.ls_abs_structure_Flack                   ? 
_refine.ls_abs_structure_Flack_esd               ? 
_refine.ls_abs_structure_Rogers                  ? 
_refine.ls_abs_structure_Rogers_esd              ? 
_refine.ls_d_res_high                            1.900 
_refine.ls_d_res_low                             37.134 
_refine.ls_extinction_coef                       ? 
_refine.ls_extinction_coef_esd                   ? 
_refine.ls_extinction_expression                 ? 
_refine.ls_extinction_method                     ? 
_refine.ls_goodness_of_fit_all                   ? 
_refine.ls_goodness_of_fit_all_esd               ? 
_refine.ls_goodness_of_fit_obs                   ? 
_refine.ls_goodness_of_fit_obs_esd               ? 
_refine.ls_hydrogen_treatment                    ? 
_refine.ls_matrix_type                           ? 
_refine.ls_number_constraints                    ? 
_refine.ls_number_parameters                     ? 
_refine.ls_number_reflns_all                     ? 
_refine.ls_number_reflns_obs                     14635 
_refine.ls_number_reflns_R_free                  1454 
_refine.ls_number_reflns_R_work                  ? 
_refine.ls_number_restraints                     ? 
_refine.ls_percent_reflns_obs                    92.75 
_refine.ls_percent_reflns_R_free                 9.94 
_refine.ls_R_factor_all                          ? 
_refine.ls_R_factor_obs                          0.2070 
_refine.ls_R_factor_R_free                       0.2556 
_refine.ls_R_factor_R_free_error                 ? 
_refine.ls_R_factor_R_free_error_details         ? 
_refine.ls_R_factor_R_work                       0.2018 
_refine.ls_R_Fsqd_factor_obs                     ? 
_refine.ls_R_I_factor_obs                        ? 
_refine.ls_redundancy_reflns_all                 ? 
_refine.ls_redundancy_reflns_obs                 ? 
_refine.ls_restrained_S_all                      ? 
_refine.ls_restrained_S_obs                      ? 
_refine.ls_shift_over_esd_max                    ? 
_refine.ls_shift_over_esd_mean                   ? 
_refine.ls_structure_factor_coef                 ? 
_refine.ls_weighting_details                     ? 
_refine.ls_weighting_scheme                      ? 
_refine.ls_wR_factor_all                         ? 
_refine.ls_wR_factor_obs                         ? 
_refine.ls_wR_factor_R_free                      ? 
_refine.ls_wR_factor_R_work                      ? 
_refine.occupancy_max                            ? 
_refine.occupancy_min                            ? 
_refine.solvent_model_details                    ? 
_refine.solvent_model_param_bsol                 ? 
_refine.solvent_model_param_ksol                 ? 
_refine.ls_R_factor_gt                           ? 
_refine.ls_goodness_of_fit_gt                    ? 
_refine.ls_goodness_of_fit_ref                   ? 
_refine.ls_shift_over_su_max                     ? 
_refine.ls_shift_over_su_max_lt                  ? 
_refine.ls_shift_over_su_mean                    ? 
_refine.ls_shift_over_su_mean_lt                 ? 
_refine.pdbx_ls_sigma_I                          ? 
_refine.pdbx_ls_sigma_F                          0.00 
_refine.pdbx_ls_sigma_Fsqd                       ? 
_refine.pdbx_data_cutoff_high_absF               ? 
_refine.pdbx_data_cutoff_high_rms_absF           ? 
_refine.pdbx_data_cutoff_low_absF                ? 
_refine.pdbx_isotropic_thermal_model             ? 
_refine.pdbx_ls_cross_valid_method               'FREE R-VALUE' 
_refine.pdbx_method_to_determine_struct          'MOLECULAR REPLACEMENT' 
_refine.pdbx_starting_model                      5IOK 
_refine.pdbx_stereochemistry_target_values       ? 
_refine.pdbx_R_Free_selection_details            ? 
_refine.pdbx_stereochem_target_val_spec_case     ? 
_refine.pdbx_overall_ESU_R                       ? 
_refine.pdbx_overall_ESU_R_Free                  ? 
_refine.pdbx_solvent_vdw_probe_radii             1.11 
_refine.pdbx_solvent_ion_probe_radii             ? 
_refine.pdbx_solvent_shrinkage_radii             0.90 
_refine.pdbx_real_space_R                        ? 
_refine.pdbx_density_correlation                 ? 
_refine.pdbx_pd_number_of_powder_patterns        ? 
_refine.pdbx_pd_number_of_points                 ? 
_refine.pdbx_pd_meas_number_of_points            ? 
_refine.pdbx_pd_proc_ls_prof_R_factor            ? 
_refine.pdbx_pd_proc_ls_prof_wR_factor           ? 
_refine.pdbx_pd_Marquardt_correlation_coeff      ? 
_refine.pdbx_pd_Fsqrd_R_factor                   ? 
_refine.pdbx_pd_ls_matrix_band_width             ? 
_refine.pdbx_overall_phase_error                 24.06 
_refine.pdbx_overall_SU_R_free_Cruickshank_DPI   ? 
_refine.pdbx_overall_SU_R_free_Blow_DPI          ? 
_refine.pdbx_overall_SU_R_Blow_DPI               ? 
_refine.pdbx_TLS_residual_ADP_flag               ? 
_refine.pdbx_diffrn_id                           1 
_refine.overall_SU_B                             ? 
_refine.overall_SU_ML                            0.20 
_refine.overall_SU_R_Cruickshank_DPI             ? 
_refine.overall_SU_R_free                        ? 
_refine.overall_FOM_free_R_set                   ? 
_refine.overall_FOM_work_R_set                   ? 
_refine.pdbx_average_fsc_overall                 ? 
_refine.pdbx_average_fsc_work                    ? 
_refine.pdbx_average_fsc_free                    ? 
# 
_refine_hist.pdbx_refine_id                   'X-RAY DIFFRACTION' 
_refine_hist.cycle_id                         LAST 
_refine_hist.pdbx_number_atoms_protein        1182 
_refine_hist.pdbx_number_atoms_nucleic_acid   0 
_refine_hist.pdbx_number_atoms_ligand         0 
_refine_hist.number_atoms_solvent             155 
_refine_hist.number_atoms_total               1337 
_refine_hist.d_res_high                       1.900 
_refine_hist.d_res_low                        37.134 
# 
loop_
_refine_ls_restr.pdbx_refine_id 
_refine_ls_restr.criterion 
_refine_ls_restr.dev_ideal 
_refine_ls_restr.dev_ideal_target 
_refine_ls_restr.number 
_refine_ls_restr.rejects 
_refine_ls_restr.type 
_refine_ls_restr.weight 
_refine_ls_restr.pdbx_restraint_function 
'X-RAY DIFFRACTION' ? 0.006  ? 1212 ? f_bond_d           ? ? 
'X-RAY DIFFRACTION' ? 0.872  ? 1648 ? f_angle_d          ? ? 
'X-RAY DIFFRACTION' ? 18.546 ? 459  ? f_dihedral_angle_d ? ? 
'X-RAY DIFFRACTION' ? 0.058  ? 185  ? f_chiral_restr     ? ? 
'X-RAY DIFFRACTION' ? 0.006  ? 216  ? f_plane_restr      ? ? 
# 
loop_
_refine_ls_shell.pdbx_refine_id 
_refine_ls_shell.d_res_high 
_refine_ls_shell.d_res_low 
_refine_ls_shell.number_reflns_all 
_refine_ls_shell.number_reflns_obs 
_refine_ls_shell.number_reflns_R_free 
_refine_ls_shell.number_reflns_R_work 
_refine_ls_shell.percent_reflns_obs 
_refine_ls_shell.percent_reflns_R_free 
_refine_ls_shell.R_factor_all 
_refine_ls_shell.R_factor_obs 
_refine_ls_shell.R_factor_R_free 
_refine_ls_shell.R_factor_R_free_error 
_refine_ls_shell.R_factor_R_work 
_refine_ls_shell.redundancy_reflns_all 
_refine_ls_shell.redundancy_reflns_obs 
_refine_ls_shell.wR_factor_all 
_refine_ls_shell.wR_factor_obs 
_refine_ls_shell.wR_factor_R_free 
_refine_ls_shell.wR_factor_R_work 
_refine_ls_shell.pdbx_total_number_of_bins_used 
_refine_ls_shell.pdbx_phase_error 
_refine_ls_shell.pdbx_fsc_work 
_refine_ls_shell.pdbx_fsc_free 
'X-RAY DIFFRACTION' 1.9000 1.9679  . . 131 1208 87.00 . . . 0.2734 . 0.2626 . . . . . . . . . . 
'X-RAY DIFFRACTION' 1.9679 2.0467  . . 146 1329 93.00 . . . 0.2978 . 0.2338 . . . . . . . . . . 
'X-RAY DIFFRACTION' 2.0467 2.1398  . . 148 1367 99.00 . . . 0.2811 . 0.2287 . . . . . . . . . . 
'X-RAY DIFFRACTION' 2.1398 2.2526  . . 152 1388 99.00 . . . 0.2806 . 0.2372 . . . . . . . . . . 
'X-RAY DIFFRACTION' 2.2526 2.3938  . . 155 1380 97.00 . . . 0.2602 . 0.2345 . . . . . . . . . . 
'X-RAY DIFFRACTION' 2.3938 2.5785  . . 149 1314 94.00 . . . 0.2967 . 0.2242 . . . . . . . . . . 
'X-RAY DIFFRACTION' 2.5785 2.8379  . . 142 1283 91.00 . . . 0.2889 . 0.2295 . . . . . . . . . . 
'X-RAY DIFFRACTION' 2.8379 3.2484  . . 138 1278 89.00 . . . 0.2711 . 0.2074 . . . . . . . . . . 
'X-RAY DIFFRACTION' 3.2484 4.0918  . . 142 1297 91.00 . . . 0.2264 . 0.1686 . . . . . . . . . . 
'X-RAY DIFFRACTION' 4.0918 37.1410 . . 151 1337 89.00 . . . 0.2179 . 0.1685 . . . . . . . . . . 
# 
_struct.entry_id                     6MIN 
_struct.title                        'Crystal structure of Taf14 YEATS domain G82A mutant in complex with histone H3K9cr' 
_struct.pdbx_model_details           ? 
_struct.pdbx_formula_weight          ? 
_struct.pdbx_formula_weight_method   ? 
_struct.pdbx_model_type_details      ? 
_struct.pdbx_CASP_flag               N 
# 
_struct_keywords.entry_id        6MIN 
_struct_keywords.text            'Transcription, Epigenetic, Histone reader' 
_struct_keywords.pdbx_keywords   TRANSCRIPTION 
# 
loop_
_struct_asym.id 
_struct_asym.pdbx_blank_PDB_chainid_flag 
_struct_asym.pdbx_modified 
_struct_asym.entity_id 
_struct_asym.details 
A N N 1 ? 
B N N 2 ? 
C N N 3 ? 
D N N 3 ? 
# 
loop_
_struct_conf.conf_type_id 
_struct_conf.id 
_struct_conf.pdbx_PDB_helix_id 
_struct_conf.beg_label_comp_id 
_struct_conf.beg_label_asym_id 
_struct_conf.beg_label_seq_id 
_struct_conf.pdbx_beg_PDB_ins_code 
_struct_conf.end_label_comp_id 
_struct_conf.end_label_asym_id 
_struct_conf.end_label_seq_id 
_struct_conf.pdbx_end_PDB_ins_code 
_struct_conf.beg_auth_comp_id 
_struct_conf.beg_auth_asym_id 
_struct_conf.beg_auth_seq_id 
_struct_conf.end_auth_comp_id 
_struct_conf.end_auth_asym_id 
_struct_conf.end_auth_seq_id 
_struct_conf.pdbx_PDB_helix_class 
_struct_conf.details 
_struct_conf.pdbx_PDB_helix_length 
HELX_P HELX_P1 AA1 GLU A 99  ? ALA A 101 ? GLU A 94  ALA A 96  5 ? 3 
HELX_P HELX_P2 AA2 LYS A 129 ? ALA A 137 ? LYS A 124 ALA A 132 1 ? 9 
HELX_P HELX_P3 AA3 LYS A 138 ? GLY A 140 ? LYS A 133 GLY A 135 5 ? 3 
# 
_struct_conf_type.id          HELX_P 
_struct_conf_type.criteria    ? 
_struct_conf_type.reference   ? 
# 
loop_
_struct_conn.id 
_struct_conn.conn_type_id 
_struct_conn.pdbx_leaving_atom_flag 
_struct_conn.pdbx_PDB_id 
_struct_conn.ptnr1_label_asym_id 
_struct_conn.ptnr1_label_comp_id 
_struct_conn.ptnr1_label_seq_id 
_struct_conn.ptnr1_label_atom_id 
_struct_conn.pdbx_ptnr1_label_alt_id 
_struct_conn.pdbx_ptnr1_PDB_ins_code 
_struct_conn.pdbx_ptnr1_standard_comp_id 
_struct_conn.ptnr1_symmetry 
_struct_conn.ptnr2_label_asym_id 
_struct_conn.ptnr2_label_comp_id 
_struct_conn.ptnr2_label_seq_id 
_struct_conn.ptnr2_label_atom_id 
_struct_conn.pdbx_ptnr2_label_alt_id 
_struct_conn.pdbx_ptnr2_PDB_ins_code 
_struct_conn.ptnr1_auth_asym_id 
_struct_conn.ptnr1_auth_comp_id 
_struct_conn.ptnr1_auth_seq_id 
_struct_conn.ptnr2_auth_asym_id 
_struct_conn.ptnr2_auth_comp_id 
_struct_conn.ptnr2_auth_seq_id 
_struct_conn.ptnr2_symmetry 
_struct_conn.pdbx_ptnr3_label_atom_id 
_struct_conn.pdbx_ptnr3_label_seq_id 
_struct_conn.pdbx_ptnr3_label_comp_id 
_struct_conn.pdbx_ptnr3_label_asym_id 
_struct_conn.pdbx_ptnr3_label_alt_id 
_struct_conn.pdbx_ptnr3_PDB_ins_code 
_struct_conn.details 
_struct_conn.pdbx_dist_value 
_struct_conn.pdbx_value_order 
_struct_conn.pdbx_role 
covale1 covale both ? B ACE 1 C ? ? ? 1_555 B GLN 2 N ? ? B ACE 4 B GLN 5  1_555 ? ? ? ? ? ? ? 1.335 ? ? 
covale2 covale both ? B ARG 5 C ? ? ? 1_555 B KCR 6 N ? ? B ARG 8 B KCR 9  1_555 ? ? ? ? ? ? ? 1.332 ? ? 
covale3 covale both ? B KCR 6 C ? ? ? 1_555 B SER 7 N ? ? B KCR 9 B SER 10 1_555 ? ? ? ? ? ? ? 1.331 ? ? 
# 
_struct_conn_type.id          covale 
_struct_conn_type.criteria    ? 
_struct_conn_type.reference   ? 
# 
_struct_mon_prot_cis.pdbx_id                1 
_struct_mon_prot_cis.label_comp_id          PRO 
_struct_mon_prot_cis.label_seq_id           77 
_struct_mon_prot_cis.label_asym_id          A 
_struct_mon_prot_cis.label_alt_id           . 
_struct_mon_prot_cis.pdbx_PDB_ins_code      ? 
_struct_mon_prot_cis.auth_comp_id           PRO 
_struct_mon_prot_cis.auth_seq_id            72 
_struct_mon_prot_cis.auth_asym_id           A 
_struct_mon_prot_cis.pdbx_label_comp_id_2   PRO 
_struct_mon_prot_cis.pdbx_label_seq_id_2    78 
_struct_mon_prot_cis.pdbx_label_asym_id_2   A 
_struct_mon_prot_cis.pdbx_PDB_ins_code_2    ? 
_struct_mon_prot_cis.pdbx_auth_comp_id_2    PRO 
_struct_mon_prot_cis.pdbx_auth_seq_id_2     73 
_struct_mon_prot_cis.pdbx_auth_asym_id_2    A 
_struct_mon_prot_cis.pdbx_PDB_model_num     1 
_struct_mon_prot_cis.pdbx_omega_angle       3.97 
# 
loop_
_struct_sheet.id 
_struct_sheet.type 
_struct_sheet.number_strands 
_struct_sheet.details 
AA1 ? 3 ? 
AA2 ? 4 ? 
AA3 ? 4 ? 
# 
loop_
_struct_sheet_order.sheet_id 
_struct_sheet_order.range_id_1 
_struct_sheet_order.range_id_2 
_struct_sheet_order.offset 
_struct_sheet_order.sense 
AA1 1 2 ? anti-parallel 
AA1 2 3 ? anti-parallel 
AA2 1 2 ? anti-parallel 
AA2 2 3 ? anti-parallel 
AA2 3 4 ? anti-parallel 
AA3 1 2 ? anti-parallel 
AA3 2 3 ? anti-parallel 
AA3 3 4 ? anti-parallel 
# 
loop_
_struct_sheet_range.sheet_id 
_struct_sheet_range.id 
_struct_sheet_range.beg_label_comp_id 
_struct_sheet_range.beg_label_asym_id 
_struct_sheet_range.beg_label_seq_id 
_struct_sheet_range.pdbx_beg_PDB_ins_code 
_struct_sheet_range.end_label_comp_id 
_struct_sheet_range.end_label_asym_id 
_struct_sheet_range.end_label_seq_id 
_struct_sheet_range.pdbx_end_PDB_ins_code 
_struct_sheet_range.beg_auth_comp_id 
_struct_sheet_range.beg_auth_asym_id 
_struct_sheet_range.beg_auth_seq_id 
_struct_sheet_range.end_auth_comp_id 
_struct_sheet_range.end_auth_asym_id 
_struct_sheet_range.end_auth_seq_id 
AA1 1 GLU A 50  ? ILE A 51  ? GLU A 45  ILE A 46  
AA1 2 ARG A 35  ? LEU A 44  ? ARG A 30  LEU A 39  
AA1 3 ILE A 81  ? GLY A 85  ? ILE A 76  GLY A 80  
AA2 1 GLU A 50  ? ILE A 51  ? GLU A 45  ILE A 46  
AA2 2 ARG A 35  ? LEU A 44  ? ARG A 30  LEU A 39  
AA2 3 THR A 9   ? ILE A 22  ? THR A 4   ILE A 17  
AA2 4 SER A 116 ? PRO A 126 ? SER A 111 PRO A 121 
AA3 1 ASN A 71  ? PHE A 74  ? ASN A 66  PHE A 69  
AA3 2 PHE A 56  ? HIS A 62  ? PHE A 51  HIS A 57  
AA3 3 PHE A 89  ? LEU A 97  ? PHE A 84  LEU A 92  
AA3 4 GLY A 102 ? LEU A 110 ? GLY A 97  LEU A 105 
# 
loop_
_pdbx_struct_sheet_hbond.sheet_id 
_pdbx_struct_sheet_hbond.range_id_1 
_pdbx_struct_sheet_hbond.range_id_2 
_pdbx_struct_sheet_hbond.range_1_label_atom_id 
_pdbx_struct_sheet_hbond.range_1_label_comp_id 
_pdbx_struct_sheet_hbond.range_1_label_asym_id 
_pdbx_struct_sheet_hbond.range_1_label_seq_id 
_pdbx_struct_sheet_hbond.range_1_PDB_ins_code 
_pdbx_struct_sheet_hbond.range_1_auth_atom_id 
_pdbx_struct_sheet_hbond.range_1_auth_comp_id 
_pdbx_struct_sheet_hbond.range_1_auth_asym_id 
_pdbx_struct_sheet_hbond.range_1_auth_seq_id 
_pdbx_struct_sheet_hbond.range_2_label_atom_id 
_pdbx_struct_sheet_hbond.range_2_label_comp_id 
_pdbx_struct_sheet_hbond.range_2_label_asym_id 
_pdbx_struct_sheet_hbond.range_2_label_seq_id 
_pdbx_struct_sheet_hbond.range_2_PDB_ins_code 
_pdbx_struct_sheet_hbond.range_2_auth_atom_id 
_pdbx_struct_sheet_hbond.range_2_auth_comp_id 
_pdbx_struct_sheet_hbond.range_2_auth_asym_id 
_pdbx_struct_sheet_hbond.range_2_auth_seq_id 
AA1 1 2 O ILE A 51 ? O ILE A 46 N LEU A 43  ? N LEU A 38  
AA1 2 3 N TRP A 37 ? N TRP A 32 O GLU A 83  ? O GLU A 78  
AA2 1 2 O ILE A 51 ? O ILE A 46 N LEU A 43  ? N LEU A 38  
AA2 2 3 O GLU A 40 ? O GLU A 35 N LYS A 17  ? N LYS A 12  
AA2 3 4 N ILE A 16 ? N ILE A 11 O VAL A 119 ? O VAL A 114 
AA3 1 2 O PHE A 74 ? O PHE A 69 N VAL A 59  ? N VAL A 54  
AA3 2 3 N HIS A 62 ? N HIS A 57 O ASP A 92  ? O ASP A 87  
AA3 3 4 N ILE A 93 ? N ILE A 88 O ILE A 106 ? O ILE A 101 
# 
_atom_sites.entry_id                    6MIN 
_atom_sites.fract_transf_matrix[1][1]   -0.00781038 
_atom_sites.fract_transf_matrix[1][2]   0.00476476 
_atom_sites.fract_transf_matrix[1][3]   0.00446062 
_atom_sites.fract_transf_matrix[2][1]   -0.00900183 
_atom_sites.fract_transf_matrix[2][2]   0.00053315 
_atom_sites.fract_transf_matrix[2][3]   -0.00471958 
_atom_sites.fract_transf_matrix[3][1]   -0.01050130 
_atom_sites.fract_transf_matrix[3][2]   -0.03252504 
_atom_sites.fract_transf_matrix[3][3]   0.01635532 
_atom_sites.fract_transf_vector[1]      0.134279 
_atom_sites.fract_transf_vector[2]      0.452876 
_atom_sites.fract_transf_vector[3]      -0.002161 
# 
loop_
_atom_type.symbol 
C 
N 
O 
S 
# 
loop_
_atom_site.group_PDB 
_atom_site.id 
_atom_site.type_symbol 
_atom_site.label_atom_id 
_atom_site.label_alt_id 
_atom_site.label_comp_id 
_atom_site.label_asym_id 
_atom_site.label_entity_id 
_atom_site.label_seq_id 
_atom_site.pdbx_PDB_ins_code 
_atom_site.Cartn_x 
_atom_site.Cartn_y 
_atom_site.Cartn_z 
_atom_site.occupancy 
_atom_site.B_iso_or_equiv 
_atom_site.pdbx_formal_charge 
_atom_site.auth_seq_id 
_atom_site.auth_comp_id 
_atom_site.auth_asym_id 
_atom_site.auth_atom_id 
_atom_site.pdbx_PDB_model_num 
ATOM   1    N N   . GLY A 1 4   ? 13.001  -23.518 -7.928  1.00 42.26 ? -1  GLY A N   1 
ATOM   2    C CA  . GLY A 1 4   ? 12.773  -23.708 -9.352  1.00 42.21 ? -1  GLY A CA  1 
ATOM   3    C C   . GLY A 1 4   ? 12.525  -22.415 -10.113 1.00 47.10 ? -1  GLY A C   1 
ATOM   4    O O   . GLY A 1 4   ? 13.452  -21.640 -10.361 1.00 42.45 ? -1  GLY A O   1 
ATOM   5    N N   . SER A 1 5   ? 11.265  -22.178 -10.489 1.00 45.55 ? 0   SER A N   1 
ATOM   6    C CA  . SER A 1 5   ? 10.928  -20.959 -11.218 1.00 49.31 ? 0   SER A CA  1 
ATOM   7    C C   . SER A 1 5   ? 11.088  -19.711 -10.359 1.00 52.03 ? 0   SER A C   1 
ATOM   8    O O   . SER A 1 5   ? 11.173  -18.605 -10.905 1.00 54.62 ? 0   SER A O   1 
ATOM   9    C CB  . SER A 1 5   ? 9.496   -21.033 -11.759 1.00 47.18 ? 0   SER A CB  1 
ATOM   10   O OG  . SER A 1 5   ? 8.537   -20.823 -10.730 1.00 44.51 ? 0   SER A OG  1 
ATOM   11   N N   . MET A 1 6   ? 11.135  -19.862 -9.034  1.00 51.32 ? 1   MET A N   1 
ATOM   12   C CA  . MET A 1 6   ? 11.301  -18.714 -8.154  1.00 48.67 ? 1   MET A CA  1 
ATOM   13   C C   . MET A 1 6   ? 12.747  -18.242 -8.055  1.00 38.88 ? 1   MET A C   1 
ATOM   14   O O   . MET A 1 6   ? 12.988  -17.160 -7.510  1.00 37.17 ? 1   MET A O   1 
ATOM   15   C CB  . MET A 1 6   ? 10.751  -19.036 -6.762  1.00 49.00 ? 1   MET A CB  1 
ATOM   16   C CG  . MET A 1 6   ? 9.233   -19.180 -6.744  1.00 58.05 ? 1   MET A CG  1 
ATOM   17   S SD  . MET A 1 6   ? 8.469   -18.837 -5.146  1.00 65.82 ? 1   MET A SD  1 
ATOM   18   C CE  . MET A 1 6   ? 6.734   -18.987 -5.570  1.00 67.22 ? 1   MET A CE  1 
ATOM   19   N N   . VAL A 1 7   ? 13.706  -19.008 -8.587  1.00 44.10 ? 2   VAL A N   1 
ATOM   20   C CA  . VAL A 1 7   ? 15.101  -18.572 -8.571  1.00 42.85 ? 2   VAL A CA  1 
ATOM   21   C C   . VAL A 1 7   ? 15.279  -17.291 -9.387  1.00 42.85 ? 2   VAL A C   1 
ATOM   22   O O   . VAL A 1 7   ? 16.010  -16.379 -8.981  1.00 49.42 ? 2   VAL A O   1 
ATOM   23   C CB  . VAL A 1 7   ? 16.017  -19.707 -9.071  1.00 45.75 ? 2   VAL A CB  1 
ATOM   24   C CG1 . VAL A 1 7   ? 17.467  -19.252 -9.119  1.00 42.20 ? 2   VAL A CG1 1 
ATOM   25   C CG2 . VAL A 1 7   ? 15.873  -20.938 -8.184  1.00 45.94 ? 2   VAL A CG2 1 
ATOM   26   N N   . ALA A 1 8   ? 14.587  -17.181 -10.526 1.00 34.56 ? 3   ALA A N   1 
ATOM   27   C CA  . ALA A 1 8   ? 14.765  -16.060 -11.448 1.00 32.15 ? 3   ALA A CA  1 
ATOM   28   C C   . ALA A 1 8   ? 13.991  -14.816 -11.017 1.00 31.44 ? 3   ALA A C   1 
ATOM   29   O O   . ALA A 1 8   ? 13.256  -14.220 -11.812 1.00 28.18 ? 3   ALA A O   1 
ATOM   30   C CB  . ALA A 1 8   ? 14.351  -16.470 -12.861 1.00 35.51 ? 3   ALA A CB  1 
ATOM   31   N N   . THR A 1 9   ? 14.159  -14.409 -9.761  1.00 25.55 ? 4   THR A N   1 
ATOM   32   C CA  . THR A 1 9   ? 13.489  -13.239 -9.222  1.00 24.33 ? 4   THR A CA  1 
ATOM   33   C C   . THR A 1 9   ? 14.487  -12.446 -8.388  1.00 23.34 ? 4   THR A C   1 
ATOM   34   O O   . THR A 1 9   ? 15.551  -12.946 -8.025  1.00 22.13 ? 4   THR A O   1 
ATOM   35   C CB  . THR A 1 9   ? 12.263  -13.627 -8.369  1.00 27.48 ? 4   THR A CB  1 
ATOM   36   O OG1 . THR A 1 9   ? 12.667  -14.492 -7.302  1.00 26.49 ? 4   THR A OG1 1 
ATOM   37   C CG2 . THR A 1 9   ? 11.211  -14.352 -9.213  1.00 31.49 ? 4   THR A CG2 1 
ATOM   38   N N   . VAL A 1 10  ? 14.142  -11.194 -8.098  1.00 24.54 ? 5   VAL A N   1 
ATOM   39   C CA  . VAL A 1 10  ? 14.849  -10.401 -7.100  1.00 21.28 ? 5   VAL A CA  1 
ATOM   40   C C   . VAL A 1 10  ? 13.839  -9.988  -6.043  1.00 22.73 ? 5   VAL A C   1 
ATOM   41   O O   . VAL A 1 10  ? 12.638  -9.900  -6.301  1.00 21.63 ? 5   VAL A O   1 
ATOM   42   C CB  . VAL A 1 10  ? 15.537  -9.143  -7.681  1.00 26.13 ? 5   VAL A CB  1 
ATOM   43   C CG1 . VAL A 1 10  ? 16.617  -9.517  -8.684  1.00 31.89 ? 5   VAL A CG1 1 
ATOM   44   C CG2 . VAL A 1 10  ? 14.503  -8.197  -8.285  1.00 23.58 ? 5   VAL A CG2 1 
ATOM   45   N N   . LYS A 1 11  ? 14.339  -9.704  -4.847  1.00 23.95 ? 6   LYS A N   1 
ATOM   46   C CA  . LYS A 1 11  ? 13.487  -9.201  -3.782  1.00 22.96 ? 6   LYS A CA  1 
ATOM   47   C C   . LYS A 1 11  ? 13.610  -7.685  -3.688  1.00 22.23 ? 6   LYS A C   1 
ATOM   48   O O   . LYS A 1 11  ? 14.691  -7.122  -3.874  1.00 21.97 ? 6   LYS A O   1 
ATOM   49   C CB  . LYS A 1 11  ? 13.839  -9.854  -2.445  1.00 25.87 ? 6   LYS A CB  1 
ATOM   50   C CG  . LYS A 1 11  ? 13.632  -11.356 -2.459  1.00 32.23 ? 6   LYS A CG  1 
ATOM   51   C CD  . LYS A 1 11  ? 13.932  -11.975 -1.101  1.00 41.12 ? 6   LYS A CD  1 
ATOM   52   C CE  . LYS A 1 11  ? 13.897  -13.497 -1.180  1.00 51.08 ? 6   LYS A CE  1 
ATOM   53   N NZ  . LYS A 1 11  ? 14.329  -14.146 0.091   1.00 62.14 ? 6   LYS A NZ  1 
ATOM   54   N N   . ARG A 1 12  ? 12.489  -7.029  -3.416  1.00 21.52 ? 7   ARG A N   1 
ATOM   55   C CA  . ARG A 1 12  ? 12.470  -5.608  -3.112  1.00 17.65 ? 7   ARG A CA  1 
ATOM   56   C C   . ARG A 1 12  ? 11.593  -5.402  -1.890  1.00 17.49 ? 7   ARG A C   1 
ATOM   57   O O   . ARG A 1 12  ? 10.622  -6.134  -1.678  1.00 20.19 ? 7   ARG A O   1 
ATOM   58   C CB  . ARG A 1 12  ? 11.923  -4.761  -4.277  1.00 22.02 ? 7   ARG A CB  1 
ATOM   59   C CG  . ARG A 1 12  ? 12.845  -4.659  -5.493  1.00 22.10 ? 7   ARG A CG  1 
ATOM   60   C CD  . ARG A 1 12  ? 14.121  -3.867  -5.172  1.00 20.62 ? 7   ARG A CD  1 
ATOM   61   N NE  . ARG A 1 12  ? 14.949  -3.666  -6.361  1.00 24.80 ? 7   ARG A NE  1 
ATOM   62   C CZ  . ARG A 1 12  ? 15.961  -4.457  -6.700  1.00 28.78 ? 7   ARG A CZ  1 
ATOM   63   N NH1 . ARG A 1 12  ? 16.262  -5.506  -5.941  1.00 28.64 ? 7   ARG A NH1 1 
ATOM   64   N NH2 . ARG A 1 12  ? 16.668  -4.206  -7.795  1.00 24.72 ? 7   ARG A NH2 1 
ATOM   65   N N   . THR A 1 13  ? 11.939  -4.395  -1.093  1.00 20.44 ? 8   THR A N   1 
ATOM   66   C CA  . THR A 1 13  ? 11.147  -4.017  0.067   1.00 21.90 ? 8   THR A CA  1 
ATOM   67   C C   . THR A 1 13  ? 10.315  -2.789  -0.281  1.00 18.98 ? 8   THR A C   1 
ATOM   68   O O   . THR A 1 13  ? 10.852  -1.771  -0.737  1.00 20.45 ? 8   THR A O   1 
ATOM   69   C CB  . THR A 1 13  ? 12.034  -3.716  1.277   1.00 23.49 ? 8   THR A CB  1 
ATOM   70   O OG1 . THR A 1 13  ? 12.775  -4.885  1.643   1.00 23.37 ? 8   THR A OG1 1 
ATOM   71   C CG2 . THR A 1 13  ? 11.185  -3.282  2.450   1.00 26.78 ? 8   THR A CG2 1 
ATOM   72   N N   . ILE A 1 14  ? 9.012   -2.879  -0.067  1.00 18.12 ? 9   ILE A N   1 
ATOM   73   C CA  . ILE A 1 14  ? 8.155   -1.715  -0.232  1.00 19.02 ? 9   ILE A CA  1 
ATOM   74   C C   . ILE A 1 14  ? 7.706   -1.275  1.151   1.00 21.64 ? 9   ILE A C   1 
ATOM   75   O O   . ILE A 1 14  ? 7.616   -2.081  2.085   1.00 22.40 ? 9   ILE A O   1 
ATOM   76   C CB  . ILE A 1 14  ? 6.959   -1.993  -1.159  1.00 24.68 ? 9   ILE A CB  1 
ATOM   77   C CG1 . ILE A 1 14  ? 6.019   -3.013  -0.530  1.00 22.56 ? 9   ILE A CG1 1 
ATOM   78   C CG2 . ILE A 1 14  ? 7.462   -2.479  -2.539  1.00 20.08 ? 9   ILE A CG2 1 
ATOM   79   C CD1 . ILE A 1 14  ? 4.670   -3.104  -1.240  1.00 26.43 ? 9   ILE A CD1 1 
ATOM   80   N N   . ARG A 1 15  ? 7.445   0.016   1.289   1.00 18.84 ? 10  ARG A N   1 
ATOM   81   C CA  . ARG A 1 15  ? 7.068   0.585   2.576   1.00 23.08 ? 10  ARG A CA  1 
ATOM   82   C C   . ARG A 1 15  ? 5.687   1.209   2.433   1.00 21.97 ? 10  ARG A C   1 
ATOM   83   O O   . ARG A 1 15  ? 5.489   2.104   1.607   1.00 16.97 ? 10  ARG A O   1 
ATOM   84   C CB  . ARG A 1 15  ? 8.097   1.613   3.044   1.00 20.92 ? 10  ARG A CB  1 
ATOM   85   C CG  . ARG A 1 15  ? 7.757   2.249   4.383   1.00 24.04 ? 10  ARG A CG  1 
ATOM   86   C CD  . ARG A 1 15  ? 8.804   3.269   4.773   1.00 28.77 ? 10  ARG A CD  1 
ATOM   87   N NE  . ARG A 1 15  ? 9.999   2.643   5.324   1.00 26.83 ? 10  ARG A NE  1 
ATOM   88   C CZ  . ARG A 1 15  ? 11.181  3.240   5.391   1.00 27.82 ? 10  ARG A CZ  1 
ATOM   89   N NH1 . ARG A 1 15  ? 11.323  4.477   4.926   1.00 29.18 ? 10  ARG A NH1 1 
ATOM   90   N NH2 . ARG A 1 15  ? 12.223  2.602   5.920   1.00 30.34 ? 10  ARG A NH2 1 
ATOM   91   N N   . ILE A 1 16  ? 4.735   0.714   3.216   1.00 19.38 ? 11  ILE A N   1 
ATOM   92   C CA  . ILE A 1 16  ? 3.376   1.238   3.229   1.00 19.43 ? 11  ILE A CA  1 
ATOM   93   C C   . ILE A 1 16  ? 3.281   2.276   4.340   1.00 23.22 ? 11  ILE A C   1 
ATOM   94   O O   . ILE A 1 16  ? 3.654   2.008   5.489   1.00 22.38 ? 11  ILE A O   1 
ATOM   95   C CB  . ILE A 1 16  ? 2.359   0.103   3.420   1.00 20.03 ? 11  ILE A CB  1 
ATOM   96   C CG1 . ILE A 1 16  ? 2.549   -0.947  2.313   1.00 19.16 ? 11  ILE A CG1 1 
ATOM   97   C CG2 . ILE A 1 16  ? 0.943   0.633   3.365   1.00 21.38 ? 11  ILE A CG2 1 
ATOM   98   C CD1 . ILE A 1 16  ? 1.550   -2.080  2.369   1.00 27.66 ? 11  ILE A CD1 1 
ATOM   99   N N   . LYS A 1 17  ? 2.809   3.470   3.993   1.00 19.60 ? 12  LYS A N   1 
ATOM   100  C CA  . LYS A 1 17  ? 2.845   4.621   4.889   1.00 20.11 ? 12  LYS A CA  1 
ATOM   101  C C   . LYS A 1 17  ? 1.419   5.062   5.164   1.00 22.27 ? 12  LYS A C   1 
ATOM   102  O O   . LYS A 1 17  ? 0.685   5.407   4.236   1.00 18.31 ? 12  LYS A O   1 
ATOM   103  C CB  . LYS A 1 17  ? 3.663   5.758   4.275   1.00 25.60 ? 12  LYS A CB  1 
ATOM   104  C CG  . LYS A 1 17  ? 5.111   5.370   4.003   1.00 22.66 ? 12  LYS A CG  1 
ATOM   105  C CD  . LYS A 1 17  ? 5.843   6.432   3.202   1.00 30.03 ? 12  LYS A CD  1 
ATOM   106  C CE  . LYS A 1 17  ? 6.074   7.685   4.006   1.00 31.24 ? 12  LYS A CE  1 
ATOM   107  N NZ  . LYS A 1 17  ? 6.873   8.652   3.210   1.00 36.00 ? 12  LYS A NZ  1 
ATOM   108  N N   . THR A 1 18  ? 1.035   5.057   6.435   1.00 22.50 ? 13  THR A N   1 
ATOM   109  C CA  . THR A 1 18  ? -0.333  5.323   6.834   1.00 21.16 ? 13  THR A CA  1 
ATOM   110  C C   . THR A 1 18  ? -0.355  6.507   7.790   1.00 20.19 ? 13  THR A C   1 
ATOM   111  O O   . THR A 1 18  ? 0.507   6.619   8.668   1.00 18.73 ? 13  THR A O   1 
ATOM   112  C CB  . THR A 1 18  ? -0.952  4.089   7.502   1.00 25.25 ? 13  THR A CB  1 
ATOM   113  O OG1 . THR A 1 18  ? -0.846  2.954   6.622   1.00 22.30 ? 13  THR A OG1 1 
ATOM   114  C CG2 . THR A 1 18  ? -2.410  4.344   7.837   1.00 20.40 ? 13  THR A CG2 1 
ATOM   115  N N   . GLN A 1 19  ? -1.336  7.393   7.605   1.00 21.71 ? 14  GLN A N   1 
ATOM   116  C CA  . GLN A 1 19  ? -1.557  8.510   8.517   1.00 23.43 ? 14  GLN A CA  1 
ATOM   117  C C   . GLN A 1 19  ? -3.048  8.640   8.797   1.00 20.43 ? 14  GLN A C   1 
ATOM   118  O O   . GLN A 1 19  ? -3.872  8.257   7.972   1.00 17.64 ? 14  GLN A O   1 
ATOM   119  C CB  . GLN A 1 19  ? -1.022  9.828   7.947   1.00 28.23 ? 14  GLN A CB  1 
ATOM   120  C CG  . GLN A 1 19  ? 0.473   9.822   7.699   1.00 38.85 ? 14  GLN A CG  1 
ATOM   121  C CD  . GLN A 1 19  ? 1.013   11.191  7.338   1.00 54.83 ? 14  GLN A CD  1 
ATOM   122  O OE1 . GLN A 1 19  ? 0.342   11.985  6.678   1.00 59.77 ? 14  GLN A OE1 1 
ATOM   123  N NE2 . GLN A 1 19  ? 2.234   11.477  7.774   1.00 62.44 ? 14  GLN A NE2 1 
ATOM   124  N N   . GLN A 1 20  ? -3.395  9.195   9.966   1.00 21.19 ? 15  GLN A N   1 
ATOM   125  C CA  . GLN A 1 20  ? -4.805  9.332   10.321  1.00 17.30 ? 15  GLN A CA  1 
ATOM   126  C C   . GLN A 1 20  ? -4.964  10.401  11.394  1.00 21.01 ? 15  GLN A C   1 
ATOM   127  O O   . GLN A 1 20  ? -4.079  10.587  12.230  1.00 20.48 ? 15  GLN A O   1 
ATOM   128  C CB  . GLN A 1 20  ? -5.395  8.004   10.819  1.00 19.36 ? 15  GLN A CB  1 
ATOM   129  C CG  . GLN A 1 20  ? -4.730  7.424   12.081  1.00 23.35 ? 15  GLN A CG  1 
ATOM   130  C CD  . GLN A 1 20  ? -5.302  7.948   13.395  1.00 27.27 ? 15  GLN A CD  1 
ATOM   131  O OE1 . GLN A 1 20  ? -6.365  8.567   13.428  1.00 24.75 ? 15  GLN A OE1 1 
ATOM   132  N NE2 . GLN A 1 20  ? -4.587  7.694   14.489  1.00 28.54 ? 15  GLN A NE2 1 
ATOM   133  N N   . HIS A 1 21  ? -6.109  11.083  11.368  1.00 23.35 ? 16  HIS A N   1 
ATOM   134  C CA  . HIS A 1 21  ? -6.442  12.053  12.407  1.00 24.24 ? 16  HIS A CA  1 
ATOM   135  C C   . HIS A 1 21  ? -7.955  12.222  12.477  1.00 23.60 ? 16  HIS A C   1 
ATOM   136  O O   . HIS A 1 21  ? -8.666  11.994  11.498  1.00 24.32 ? 16  HIS A O   1 
ATOM   137  C CB  . HIS A 1 21  ? -5.759  13.404  12.151  1.00 26.13 ? 16  HIS A CB  1 
ATOM   138  C CG  . HIS A 1 21  ? -6.281  14.132  10.949  1.00 34.02 ? 16  HIS A CG  1 
ATOM   139  N ND1 . HIS A 1 21  ? -7.302  15.057  11.023  1.00 42.58 ? 16  HIS A ND1 1 
ATOM   140  C CD2 . HIS A 1 21  ? -5.921  14.075  9.644   1.00 39.99 ? 16  HIS A CD2 1 
ATOM   141  C CE1 . HIS A 1 21  ? -7.550  15.534  9.816   1.00 37.85 ? 16  HIS A CE1 1 
ATOM   142  N NE2 . HIS A 1 21  ? -6.727  14.955  8.961   1.00 46.54 ? 16  HIS A NE2 1 
ATOM   143  N N   . ILE A 1 22  ? -8.445  12.650  13.647  1.00 26.32 ? 17  ILE A N   1 
ATOM   144  C CA  . ILE A 1 22  ? -9.885  12.812  13.842  1.00 25.18 ? 17  ILE A CA  1 
ATOM   145  C C   . ILE A 1 22  ? -10.410 14.007  13.051  1.00 18.74 ? 17  ILE A C   1 
ATOM   146  O O   . ILE A 1 22  ? -9.759  15.054  12.964  1.00 26.40 ? 17  ILE A O   1 
ATOM   147  C CB  . ILE A 1 22  ? -10.207 12.969  15.338  1.00 25.11 ? 17  ILE A CB  1 
ATOM   148  C CG1 . ILE A 1 22  ? -9.886  11.674  16.088  1.00 26.18 ? 17  ILE A CG1 1 
ATOM   149  C CG2 . ILE A 1 22  ? -11.677 13.376  15.546  1.00 22.70 ? 17  ILE A CG2 1 
ATOM   150  C CD1 . ILE A 1 22  ? -10.177 11.730  17.576  1.00 30.56 ? 17  ILE A CD1 1 
ATOM   151  N N   . LEU A 1 23  ? -11.603 13.853  12.467  1.00 20.62 ? 18  LEU A N   1 
ATOM   152  C CA  . LEU A 1 23  ? -12.354 14.962  11.897  1.00 25.66 ? 18  LEU A CA  1 
ATOM   153  C C   . LEU A 1 23  ? -13.426 15.395  12.900  1.00 23.86 ? 18  LEU A C   1 
ATOM   154  O O   . LEU A 1 23  ? -14.479 14.750  12.985  1.00 25.02 ? 18  LEU A O   1 
ATOM   155  C CB  . LEU A 1 23  ? -12.995 14.559  10.568  1.00 25.01 ? 18  LEU A CB  1 
ATOM   156  C CG  . LEU A 1 23  ? -12.064 14.145  9.430   1.00 21.49 ? 18  LEU A CG  1 
ATOM   157  C CD1 . LEU A 1 23  ? -12.891 13.690  8.260   1.00 27.08 ? 18  LEU A CD1 1 
ATOM   158  C CD2 . LEU A 1 23  ? -11.156 15.313  9.046   1.00 28.21 ? 18  LEU A CD2 1 
ATOM   159  N N   . PRO A 1 24  ? -13.217 16.458  13.679  1.00 25.39 ? 19  PRO A N   1 
ATOM   160  C CA  . PRO A 1 24  ? -14.239 16.839  14.680  1.00 25.96 ? 19  PRO A CA  1 
ATOM   161  C C   . PRO A 1 24  ? -15.565 17.301  14.085  1.00 27.73 ? 19  PRO A C   1 
ATOM   162  O O   . PRO A 1 24  ? -16.588 17.233  14.779  1.00 26.93 ? 19  PRO A O   1 
ATOM   163  C CB  . PRO A 1 24  ? -13.557 17.968  15.467  1.00 27.33 ? 19  PRO A CB  1 
ATOM   164  C CG  . PRO A 1 24  ? -12.082 17.697  15.295  1.00 28.70 ? 19  PRO A CG  1 
ATOM   165  C CD  . PRO A 1 24  ? -11.954 17.192  13.876  1.00 30.85 ? 19  PRO A CD  1 
ATOM   166  N N   . GLU A 1 25  ? -15.597 17.774  12.838  1.00 25.83 ? 20  GLU A N   1 
ATOM   167  C CA  . GLU A 1 25  ? -16.862 18.258  12.296  1.00 29.40 ? 20  GLU A CA  1 
ATOM   168  C C   . GLU A 1 25  ? -17.783 17.128  11.853  1.00 26.32 ? 20  GLU A C   1 
ATOM   169  O O   . GLU A 1 25  ? -18.935 17.393  11.502  1.00 24.95 ? 20  GLU A O   1 
ATOM   170  C CB  . GLU A 1 25  ? -16.627 19.215  11.119  1.00 30.45 ? 20  GLU A CB  1 
ATOM   171  C CG  . GLU A 1 25  ? -16.206 18.557  9.819   1.00 30.57 ? 20  GLU A CG  1 
ATOM   172  C CD  . GLU A 1 25  ? -14.710 18.268  9.751   1.00 38.70 ? 20  GLU A CD  1 
ATOM   173  O OE1 . GLU A 1 25  ? -14.033 18.299  10.806  1.00 37.24 ? 20  GLU A OE1 1 
ATOM   174  O OE2 . GLU A 1 25  ? -14.208 18.026  8.631   1.00 41.91 ? 20  GLU A OE2 1 
ATOM   175  N N   . VAL A 1 26  ? -17.310 15.891  11.877  1.00 23.93 ? 21  VAL A N   1 
ATOM   176  C CA  . VAL A 1 26  ? -18.103 14.726  11.501  1.00 23.50 ? 21  VAL A CA  1 
ATOM   177  C C   . VAL A 1 26  ? -18.651 14.091  12.774  1.00 23.94 ? 21  VAL A C   1 
ATOM   178  O O   . VAL A 1 26  ? -17.864 13.779  13.680  1.00 24.41 ? 21  VAL A O   1 
ATOM   179  C CB  . VAL A 1 26  ? -17.266 13.713  10.706  1.00 24.19 ? 21  VAL A CB  1 
ATOM   180  C CG1 . VAL A 1 26  ? -18.146 12.586  10.204  1.00 30.51 ? 21  VAL A CG1 1 
ATOM   181  C CG2 . VAL A 1 26  ? -16.561 14.408  9.542   1.00 24.42 ? 21  VAL A CG2 1 
ATOM   182  N N   . PRO A 1 27  ? -19.962 13.903  12.892  1.00 25.41 ? 22  PRO A N   1 
ATOM   183  C CA  . PRO A 1 27  ? -20.520 13.314  14.110  1.00 24.18 ? 22  PRO A CA  1 
ATOM   184  C C   . PRO A 1 27  ? -19.945 11.932  14.362  1.00 25.13 ? 22  PRO A C   1 
ATOM   185  O O   . PRO A 1 27  ? -19.853 11.101  13.444  1.00 25.20 ? 22  PRO A O   1 
ATOM   186  C CB  . PRO A 1 27  ? -22.025 13.247  13.809  1.00 30.49 ? 22  PRO A CB  1 
ATOM   187  C CG  . PRO A 1 27  ? -22.247 14.322  12.798  1.00 24.99 ? 22  PRO A CG  1 
ATOM   188  C CD  . PRO A 1 27  ? -21.012 14.346  11.957  1.00 25.41 ? 22  PRO A CD  1 
ATOM   189  N N   . PRO A 1 28  ? -19.542 11.650  15.597  1.00 25.12 ? 23  PRO A N   1 
ATOM   190  C CA  . PRO A 1 28  ? -19.054 10.308  15.922  1.00 21.73 ? 23  PRO A CA  1 
ATOM   191  C C   . PRO A 1 28  ? -20.124 9.261   15.648  1.00 24.19 ? 23  PRO A C   1 
ATOM   192  O O   . PRO A 1 28  ? -21.325 9.528   15.734  1.00 27.96 ? 23  PRO A O   1 
ATOM   193  C CB  . PRO A 1 28  ? -18.735 10.399  17.422  1.00 23.86 ? 23  PRO A CB  1 
ATOM   194  C CG  . PRO A 1 28  ? -18.573 11.854  17.693  1.00 26.05 ? 23  PRO A CG  1 
ATOM   195  C CD  . PRO A 1 28  ? -19.518 12.549  16.764  1.00 29.02 ? 23  PRO A CD  1 
ATOM   196  N N   . VAL A 1 29  ? -19.677 8.062   15.320  1.00 27.38 ? 24  VAL A N   1 
ATOM   197  C CA  . VAL A 1 29  ? -20.562 6.924   15.102  1.00 25.70 ? 24  VAL A CA  1 
ATOM   198  C C   . VAL A 1 29  ? -20.507 6.048   16.349  1.00 26.39 ? 24  VAL A C   1 
ATOM   199  O O   . VAL A 1 29  ? -19.454 5.490   16.676  1.00 27.29 ? 24  VAL A O   1 
ATOM   200  C CB  . VAL A 1 29  ? -20.162 6.135   13.847  1.00 30.84 ? 24  VAL A CB  1 
ATOM   201  C CG1 . VAL A 1 29  ? -21.158 5.020   13.584  1.00 36.48 ? 24  VAL A CG1 1 
ATOM   202  C CG2 . VAL A 1 29  ? -20.044 7.060   12.622  1.00 30.85 ? 24  VAL A CG2 1 
ATOM   203  N N   . GLU A 1 30  ? -21.642 5.923   17.036  1.00 28.17 ? 25  GLU A N   1 
ATOM   204  C CA  . GLU A 1 30  ? -21.735 5.175   18.292  1.00 26.26 ? 25  GLU A CA  1 
ATOM   205  C C   . GLU A 1 30  ? -20.645 5.604   19.270  1.00 28.42 ? 25  GLU A C   1 
ATOM   206  O O   . GLU A 1 30  ? -19.986 4.778   19.904  1.00 30.93 ? 25  GLU A O   1 
ATOM   207  C CB  . GLU A 1 30  ? -21.688 3.668   18.039  1.00 26.34 ? 25  GLU A CB  1 
ATOM   208  C CG  . GLU A 1 30  ? -22.828 3.189   17.157  1.00 33.32 ? 25  GLU A CG  1 
ATOM   209  C CD  . GLU A 1 30  ? -22.859 1.683   16.988  1.00 39.15 ? 25  GLU A CD  1 
ATOM   210  O OE1 . GLU A 1 30  ? -22.324 0.959   17.856  1.00 40.77 ? 25  GLU A OE1 1 
ATOM   211  O OE2 . GLU A 1 30  ? -23.428 1.227   15.980  1.00 39.36 ? 25  GLU A OE2 1 
ATOM   212  N N   . ASN A 1 31  ? -20.453 6.920   19.385  1.00 23.32 ? 26  ASN A N   1 
ATOM   213  C CA  . ASN A 1 31  ? -19.439 7.571   20.212  1.00 32.73 ? 26  ASN A CA  1 
ATOM   214  C C   . ASN A 1 31  ? -18.024 7.395   19.679  1.00 24.22 ? 26  ASN A C   1 
ATOM   215  O O   . ASN A 1 31  ? -17.090 7.889   20.312  1.00 23.85 ? 26  ASN A O   1 
ATOM   216  C CB  . ASN A 1 31  ? -19.471 7.094   21.670  1.00 30.19 ? 26  ASN A CB  1 
ATOM   217  C CG  . ASN A 1 31  ? -20.768 7.421   22.347  1.00 29.94 ? 26  ASN A CG  1 
ATOM   218  O OD1 . ASN A 1 31  ? -21.298 8.519   22.186  1.00 27.84 ? 26  ASN A OD1 1 
ATOM   219  N ND2 . ASN A 1 31  ? -21.301 6.466   23.097  1.00 35.80 ? 26  ASN A ND2 1 
ATOM   220  N N   . PHE A 1 32  ? -17.826 6.702   18.528  1.00 23.91 ? 27  PHE A N   1 
ATOM   221  C CA  . PHE A 1 32  ? -16.487 6.615   17.958  1.00 22.31 ? 27  PHE A CA  1 
ATOM   222  C C   . PHE A 1 32  ? -16.262 7.763   16.984  1.00 27.17 ? 27  PHE A C   1 
ATOM   223  O O   . PHE A 1 32  ? -17.068 7.956   16.068  1.00 21.04 ? 27  PHE A O   1 
ATOM   224  C CB  . PHE A 1 32  ? -16.284 5.295   17.226  1.00 25.55 ? 27  PHE A CB  1 
ATOM   225  C CG  . PHE A 1 32  ? -16.253 4.095   18.134  1.00 29.51 ? 27  PHE A CG  1 
ATOM   226  C CD1 . PHE A 1 32  ? -15.055 3.634   18.656  1.00 33.40 ? 27  PHE A CD1 1 
ATOM   227  C CD2 . PHE A 1 32  ? -17.418 3.428   18.465  1.00 35.72 ? 27  PHE A CD2 1 
ATOM   228  C CE1 . PHE A 1 32  ? -15.023 2.524   19.501  1.00 34.55 ? 27  PHE A CE1 1 
ATOM   229  C CE2 . PHE A 1 32  ? -17.392 2.323   19.300  1.00 41.13 ? 27  PHE A CE2 1 
ATOM   230  C CZ  . PHE A 1 32  ? -16.193 1.871   19.819  1.00 34.80 ? 27  PHE A CZ  1 
ATOM   231  N N   . PRO A 1 33  ? -15.173 8.510   17.114  1.00 22.79 ? 28  PRO A N   1 
ATOM   232  C CA  . PRO A 1 33  ? -14.943 9.630   16.198  1.00 18.47 ? 28  PRO A CA  1 
ATOM   233  C C   . PRO A 1 33  ? -14.637 9.144   14.790  1.00 26.09 ? 28  PRO A C   1 
ATOM   234  O O   . PRO A 1 33  ? -14.068 8.067   14.586  1.00 25.54 ? 28  PRO A O   1 
ATOM   235  C CB  . PRO A 1 33  ? -13.730 10.336  16.808  1.00 21.23 ? 28  PRO A CB  1 
ATOM   236  C CG  . PRO A 1 33  ? -12.983 9.227   17.480  1.00 22.00 ? 28  PRO A CG  1 
ATOM   237  C CD  . PRO A 1 33  ? -14.031 8.286   18.019  1.00 23.35 ? 28  PRO A CD  1 
ATOM   238  N N   . VAL A 1 34  ? -15.010 9.959   13.811  1.00 20.64 ? 29  VAL A N   1 
ATOM   239  C CA  . VAL A 1 34  ? -14.665 9.675   12.422  1.00 23.84 ? 29  VAL A CA  1 
ATOM   240  C C   . VAL A 1 34  ? -13.323 10.326  12.126  1.00 24.62 ? 29  VAL A C   1 
ATOM   241  O O   . VAL A 1 34  ? -13.075 11.474  12.529  1.00 25.52 ? 29  VAL A O   1 
ATOM   242  C CB  . VAL A 1 34  ? -15.754 10.173  11.455  1.00 21.74 ? 29  VAL A CB  1 
ATOM   243  C CG1 . VAL A 1 34  ? -15.233 10.157  10.028  1.00 26.53 ? 29  VAL A CG1 1 
ATOM   244  C CG2 . VAL A 1 34  ? -16.990 9.301   11.558  1.00 21.23 ? 29  VAL A CG2 1 
ATOM   245  N N   . ARG A 1 35  ? -12.450 9.577   11.458  1.00 16.56 ? 30  ARG A N   1 
ATOM   246  C CA  . ARG A 1 35  ? -11.090 9.989   11.171  1.00 23.39 ? 30  ARG A CA  1 
ATOM   247  C C   . ARG A 1 35  ? -10.853 10.028  9.670   1.00 23.86 ? 30  ARG A C   1 
ATOM   248  O O   . ARG A 1 35  ? -11.417 9.235   8.914   1.00 22.96 ? 30  ARG A O   1 
ATOM   249  C CB  . ARG A 1 35  ? -10.085 9.035   11.800  1.00 24.76 ? 30  ARG A CB  1 
ATOM   250  C CG  . ARG A 1 35  ? -10.315 8.818   13.270  1.00 23.84 ? 30  ARG A CG  1 
ATOM   251  C CD  . ARG A 1 35  ? -9.449  7.730   13.815  1.00 28.39 ? 30  ARG A CD  1 
ATOM   252  N NE  . ARG A 1 35  ? -9.643  7.590   15.254  1.00 26.64 ? 30  ARG A NE  1 
ATOM   253  C CZ  . ARG A 1 35  ? -8.859  8.143   16.170  1.00 28.32 ? 30  ARG A CZ  1 
ATOM   254  N NH1 . ARG A 1 35  ? -7.809  8.870   15.804  1.00 21.92 ? 30  ARG A NH1 1 
ATOM   255  N NH2 . ARG A 1 35  ? -9.128  7.968   17.456  1.00 26.86 ? 30  ARG A NH2 1 
ATOM   256  N N   . GLN A 1 36  ? -10.017 10.966  9.246   1.00 24.56 ? 31  GLN A N   1 
ATOM   257  C CA  . GLN A 1 36  ? -9.495  10.965  7.888   1.00 25.51 ? 31  GLN A CA  1 
ATOM   258  C C   . GLN A 1 36  ? -8.232  10.120  7.892   1.00 21.68 ? 31  GLN A C   1 
ATOM   259  O O   . GLN A 1 36  ? -7.377  10.284  8.767   1.00 20.47 ? 31  GLN A O   1 
ATOM   260  C CB  . GLN A 1 36  ? -9.195  12.389  7.425   1.00 28.02 ? 31  GLN A CB  1 
ATOM   261  C CG  . GLN A 1 36  ? -8.485  12.490  6.084   1.00 35.26 ? 31  GLN A CG  1 
ATOM   262  C CD  . GLN A 1 36  ? -9.400  12.966  4.976   1.00 49.63 ? 31  GLN A CD  1 
ATOM   263  O OE1 . GLN A 1 36  ? -10.539 12.519  4.859   1.00 53.84 ? 31  GLN A OE1 1 
ATOM   264  N NE2 . GLN A 1 36  ? -8.904  13.885  4.156   1.00 64.66 ? 31  GLN A NE2 1 
ATOM   265  N N   . TRP A 1 37  ? -8.125  9.183   6.961   1.00 20.16 ? 32  TRP A N   1 
ATOM   266  C CA  . TRP A 1 37  ? -6.893  8.416   6.905   1.00 17.31 ? 32  TRP A CA  1 
ATOM   267  C C   . TRP A 1 37  ? -6.384  8.357   5.475   1.00 17.88 ? 32  TRP A C   1 
ATOM   268  O O   . TRP A 1 37  ? -7.144  8.519   4.518   1.00 17.78 ? 32  TRP A O   1 
ATOM   269  C CB  . TRP A 1 37  ? -7.055  7.008   7.490   1.00 17.01 ? 32  TRP A CB  1 
ATOM   270  C CG  . TRP A 1 37  ? -8.189  6.159   6.980   1.00 20.92 ? 32  TRP A CG  1 
ATOM   271  C CD1 . TRP A 1 37  ? -9.391  5.959   7.589   1.00 23.64 ? 32  TRP A CD1 1 
ATOM   272  C CD2 . TRP A 1 37  ? -8.196  5.336   5.801   1.00 21.71 ? 32  TRP A CD2 1 
ATOM   273  N NE1 . TRP A 1 37  ? -10.159 5.088   6.858   1.00 23.53 ? 32  TRP A NE1 1 
ATOM   274  C CE2 . TRP A 1 37  ? -9.450  4.694   5.753   1.00 23.14 ? 32  TRP A CE2 1 
ATOM   275  C CE3 . TRP A 1 37  ? -7.268  5.091   4.778   1.00 18.05 ? 32  TRP A CE3 1 
ATOM   276  C CZ2 . TRP A 1 37  ? -9.803  3.822   4.732   1.00 24.90 ? 32  TRP A CZ2 1 
ATOM   277  C CZ3 . TRP A 1 37  ? -7.628  4.231   3.760   1.00 18.88 ? 32  TRP A CZ3 1 
ATOM   278  C CH2 . TRP A 1 37  ? -8.886  3.605   3.747   1.00 22.71 ? 32  TRP A CH2 1 
ATOM   279  N N   . SER A 1 38  ? -5.074  8.125   5.357   1.00 19.46 ? 33  SER A N   1 
ATOM   280  C CA  . SER A 1 38  ? -4.396  8.071   4.070   1.00 18.25 ? 33  SER A CA  1 
ATOM   281  C C   . SER A 1 38  ? -3.393  6.928   4.075   1.00 18.07 ? 33  SER A C   1 
ATOM   282  O O   . SER A 1 38  ? -2.801  6.601   5.105   1.00 18.66 ? 33  SER A O   1 
ATOM   283  C CB  . SER A 1 38  ? -3.679  9.386   3.748   1.00 24.25 ? 33  SER A CB  1 
ATOM   284  O OG  . SER A 1 38  ? -2.649  9.659   4.685   1.00 25.91 ? 33  SER A OG  1 
ATOM   285  N N   . ILE A 1 39  ? -3.221  6.308   2.907   1.00 16.63 ? 34  ILE A N   1 
ATOM   286  C CA  . ILE A 1 39  ? -2.192  5.301   2.706   1.00 18.58 ? 34  ILE A CA  1 
ATOM   287  C C   . ILE A 1 39  ? -1.420  5.663   1.444   1.00 17.99 ? 34  ILE A C   1 
ATOM   288  O O   . ILE A 1 39  ? -2.013  6.090   0.448   1.00 16.05 ? 34  ILE A O   1 
ATOM   289  C CB  . ILE A 1 39  ? -2.784  3.882   2.600   1.00 16.08 ? 34  ILE A CB  1 
ATOM   290  C CG1 . ILE A 1 39  ? -3.621  3.542   3.829   1.00 17.84 ? 34  ILE A CG1 1 
ATOM   291  C CG2 . ILE A 1 39  ? -1.666  2.838   2.426   1.00 16.48 ? 34  ILE A CG2 1 
ATOM   292  C CD1 . ILE A 1 39  ? -4.371  2.230   3.682   1.00 18.77 ? 34  ILE A CD1 1 
ATOM   293  N N   . GLU A 1 40  ? -0.099  5.518   1.497   1.00 18.02 ? 35  GLU A N   1 
ATOM   294  C CA  . GLU A 1 40  ? 0.761   5.692   0.327   1.00 18.60 ? 35  GLU A CA  1 
ATOM   295  C C   . GLU A 1 40  ? 1.763   4.554   0.300   1.00 16.30 ? 35  GLU A C   1 
ATOM   296  O O   . GLU A 1 40  ? 2.032   3.919   1.319   1.00 17.35 ? 35  GLU A O   1 
ATOM   297  C CB  . GLU A 1 40  ? 1.535   7.015   0.353   1.00 22.05 ? 35  GLU A CB  1 
ATOM   298  C CG  . GLU A 1 40  ? 0.691   8.259   0.369   1.00 25.78 ? 35  GLU A CG  1 
ATOM   299  C CD  . GLU A 1 40  ? 1.533   9.514   0.494   1.00 31.23 ? 35  GLU A CD  1 
ATOM   300  O OE1 . GLU A 1 40  ? 2.648   9.422   1.049   1.00 33.46 ? 35  GLU A OE1 1 
ATOM   301  O OE2 . GLU A 1 40  ? 1.088   10.586  0.030   1.00 37.71 ? 35  GLU A OE2 1 
ATOM   302  N N   . ILE A 1 41  ? 2.355   4.322   -0.867  1.00 17.64 ? 36  ILE A N   1 
ATOM   303  C CA  . ILE A 1 41  ? 3.295   3.222   -1.037  1.00 16.75 ? 36  ILE A CA  1 
ATOM   304  C C   . ILE A 1 41  ? 4.553   3.763   -1.688  1.00 15.94 ? 36  ILE A C   1 
ATOM   305  O O   . ILE A 1 41  ? 4.478   4.449   -2.715  1.00 13.88 ? 36  ILE A O   1 
ATOM   306  C CB  . ILE A 1 41  ? 2.699   2.085   -1.883  1.00 21.15 ? 36  ILE A CB  1 
ATOM   307  C CG1 . ILE A 1 41  ? 1.466   1.505   -1.178  1.00 22.56 ? 36  ILE A CG1 1 
ATOM   308  C CG2 . ILE A 1 41  ? 3.743   0.986   -2.116  1.00 18.77 ? 36  ILE A CG2 1 
ATOM   309  C CD1 . ILE A 1 41  ? 0.702   0.540   -2.038  1.00 22.36 ? 36  ILE A CD1 1 
ATOM   310  N N   . VAL A 1 42  ? 5.706   3.459   -1.092  1.00 17.60 ? 37  VAL A N   1 
ATOM   311  C CA  . VAL A 1 42  ? 6.990   3.814   -1.675  1.00 20.04 ? 37  VAL A CA  1 
ATOM   312  C C   . VAL A 1 42  ? 7.838   2.554   -1.765  1.00 20.44 ? 37  VAL A C   1 
ATOM   313  O O   . VAL A 1 42  ? 7.531   1.518   -1.170  1.00 18.56 ? 37  VAL A O   1 
ATOM   314  C CB  . VAL A 1 42  ? 7.736   4.913   -0.882  1.00 24.87 ? 37  VAL A CB  1 
ATOM   315  C CG1 . VAL A 1 42  ? 6.918   6.219   -0.846  1.00 21.44 ? 37  VAL A CG1 1 
ATOM   316  C CG2 . VAL A 1 42  ? 8.101   4.432   0.534   1.00 19.95 ? 37  VAL A CG2 1 
ATOM   317  N N   . LEU A 1 43  ? 8.896   2.649   -2.555  1.00 18.11 ? 38  LEU A N   1 
ATOM   318  C CA  . LEU A 1 43  ? 9.880   1.590   -2.671  1.00 18.91 ? 38  LEU A CA  1 
ATOM   319  C C   . LEU A 1 43  ? 11.129  2.011   -1.912  1.00 22.61 ? 38  LEU A C   1 
ATOM   320  O O   . LEU A 1 43  ? 11.430  3.202   -1.796  1.00 25.12 ? 38  LEU A O   1 
ATOM   321  C CB  . LEU A 1 43  ? 10.201  1.326   -4.143  1.00 19.27 ? 38  LEU A CB  1 
ATOM   322  C CG  . LEU A 1 43  ? 11.248  0.323   -4.618  1.00 25.65 ? 38  LEU A CG  1 
ATOM   323  C CD1 . LEU A 1 43  ? 10.908  -1.093  -4.186  1.00 23.93 ? 38  LEU A CD1 1 
ATOM   324  C CD2 . LEU A 1 43  ? 11.321  0.417   -6.135  1.00 19.41 ? 38  LEU A CD2 1 
ATOM   325  N N   . LEU A 1 44  ? 11.838  1.031   -1.364  1.00 21.20 ? 39  LEU A N   1 
ATOM   326  C CA  . LEU A 1 44  ? 13.117  1.284   -0.719  1.00 23.50 ? 39  LEU A CA  1 
ATOM   327  C C   . LEU A 1 44  ? 14.230  0.814   -1.637  1.00 26.79 ? 39  LEU A C   1 
ATOM   328  O O   . LEU A 1 44  ? 14.096  -0.215  -2.310  1.00 24.96 ? 39  LEU A O   1 
ATOM   329  C CB  . LEU A 1 44  ? 13.221  0.574   0.630   1.00 22.29 ? 39  LEU A CB  1 
ATOM   330  C CG  . LEU A 1 44  ? 12.195  0.900   1.711   1.00 26.67 ? 39  LEU A CG  1 
ATOM   331  C CD1 . LEU A 1 44  ? 12.622  0.299   3.039   1.00 28.68 ? 39  LEU A CD1 1 
ATOM   332  C CD2 . LEU A 1 44  ? 11.995  2.399   1.830   1.00 28.43 ? 39  LEU A CD2 1 
ATOM   333  N N   . ASP A 1 45  ? 15.324  1.572   -1.673  1.00 28.76 ? 40  ASP A N   1 
ATOM   334  C CA  . ASP A 1 45  ? 16.470  1.127   -2.444  1.00 29.15 ? 40  ASP A CA  1 
ATOM   335  C C   . ASP A 1 45  ? 17.394  0.308   -1.545  1.00 35.62 ? 40  ASP A C   1 
ATOM   336  O O   . ASP A 1 45  ? 17.087  0.039   -0.380  1.00 30.69 ? 40  ASP A O   1 
ATOM   337  C CB  . ASP A 1 45  ? 17.177  2.311   -3.113  1.00 28.38 ? 40  ASP A CB  1 
ATOM   338  C CG  . ASP A 1 45  ? 17.817  3.279   -2.132  1.00 33.58 ? 40  ASP A CG  1 
ATOM   339  O OD1 . ASP A 1 45  ? 17.959  2.980   -0.923  1.00 31.36 ? 40  ASP A OD1 1 
ATOM   340  O OD2 . ASP A 1 45  ? 18.194  4.371   -2.599  1.00 29.61 ? 40  ASP A OD2 1 
ATOM   341  N N   . ASP A 1 46  ? 18.543  -0.097  -2.085  1.00 35.32 ? 41  ASP A N   1 
ATOM   342  C CA  . ASP A 1 46  ? 19.425  -0.985  -1.336  1.00 41.67 ? 41  ASP A CA  1 
ATOM   343  C C   . ASP A 1 46  ? 20.054  -0.292  -0.138  1.00 45.93 ? 41  ASP A C   1 
ATOM   344  O O   . ASP A 1 46  ? 20.594  -0.971  0.742   1.00 43.71 ? 41  ASP A O   1 
ATOM   345  C CB  . ASP A 1 46  ? 20.514  -1.565  -2.249  1.00 43.33 ? 41  ASP A CB  1 
ATOM   346  C CG  . ASP A 1 46  ? 21.098  -0.539  -3.208  1.00 54.58 ? 41  ASP A CG  1 
ATOM   347  O OD1 . ASP A 1 46  ? 20.876  0.674   -3.013  1.00 56.35 ? 41  ASP A OD1 1 
ATOM   348  O OD2 . ASP A 1 46  ? 21.780  -0.958  -4.170  1.00 58.15 ? 41  ASP A OD2 1 
ATOM   349  N N   . GLU A 1 47  ? 19.982  1.036   -0.078  1.00 41.30 ? 42  GLU A N   1 
ATOM   350  C CA  . GLU A 1 47  ? 20.455  1.799   1.064   1.00 43.46 ? 42  GLU A CA  1 
ATOM   351  C C   . GLU A 1 47  ? 19.332  2.156   2.027   1.00 46.06 ? 42  GLU A C   1 
ATOM   352  O O   . GLU A 1 47  ? 19.594  2.767   3.067   1.00 43.76 ? 42  GLU A O   1 
ATOM   353  C CB  . GLU A 1 47  ? 21.167  3.070   0.586   1.00 47.39 ? 42  GLU A CB  1 
ATOM   354  C CG  . GLU A 1 47  ? 22.126  2.834   -0.576  1.00 59.56 ? 42  GLU A CG  1 
ATOM   355  C CD  . GLU A 1 47  ? 23.153  3.945   -0.745  1.00 77.46 ? 42  GLU A CD  1 
ATOM   356  O OE1 . GLU A 1 47  ? 24.032  3.810   -1.625  1.00 83.72 ? 42  GLU A OE1 1 
ATOM   357  O OE2 . GLU A 1 47  ? 23.088  4.947   -0.002  1.00 79.87 ? 42  GLU A OE2 1 
ATOM   358  N N   . GLY A 1 48  ? 18.091  1.790   1.709   1.00 38.51 ? 43  GLY A N   1 
ATOM   359  C CA  . GLY A 1 48  ? 16.969  2.060   2.583   1.00 34.44 ? 43  GLY A CA  1 
ATOM   360  C C   . GLY A 1 48  ? 16.304  3.409   2.409   1.00 27.61 ? 43  GLY A C   1 
ATOM   361  O O   . GLY A 1 48  ? 15.450  3.766   3.228   1.00 36.63 ? 43  GLY A O   1 
ATOM   362  N N   . LYS A 1 49  ? 16.664  4.170   1.382   1.00 30.00 ? 44  LYS A N   1 
ATOM   363  C CA  . LYS A 1 49  ? 15.989  5.430   1.114   1.00 31.37 ? 44  LYS A CA  1 
ATOM   364  C C   . LYS A 1 49  ? 14.709  5.188   0.319   1.00 31.90 ? 44  LYS A C   1 
ATOM   365  O O   . LYS A 1 49  ? 14.626  4.272   -0.505  1.00 26.96 ? 44  LYS A O   1 
ATOM   366  C CB  . LYS A 1 49  ? 16.913  6.379   0.352   1.00 38.01 ? 44  LYS A CB  1 
ATOM   367  C CG  . LYS A 1 49  ? 18.193  6.702   1.120   1.00 51.98 ? 44  LYS A CG  1 
ATOM   368  C CD  . LYS A 1 49  ? 19.112  7.623   0.337   1.00 67.51 ? 44  LYS A CD  1 
ATOM   369  C CE  . LYS A 1 49  ? 20.359  7.966   1.142   1.00 78.43 ? 44  LYS A CE  1 
ATOM   370  N NZ  . LYS A 1 49  ? 21.336  8.762   0.346   1.00 84.89 ? 44  LYS A NZ  1 
ATOM   371  N N   . GLU A 1 50  ? 13.699  6.014   0.579   1.00 30.90 ? 45  GLU A N   1 
ATOM   372  C CA  . GLU A 1 50  ? 12.437  5.884   -0.139  1.00 27.00 ? 45  GLU A CA  1 
ATOM   373  C C   . GLU A 1 50  ? 12.582  6.466   -1.540  1.00 30.73 ? 45  GLU A C   1 
ATOM   374  O O   . GLU A 1 50  ? 13.118  7.562   -1.721  1.00 33.70 ? 45  GLU A O   1 
ATOM   375  C CB  . GLU A 1 50  ? 11.302  6.589   0.612   1.00 26.01 ? 45  GLU A CB  1 
ATOM   376  C CG  . GLU A 1 50  ? 11.067  6.052   2.010   1.00 29.14 ? 45  GLU A CG  1 
ATOM   377  C CD  . GLU A 1 50  ? 9.954   6.773   2.754   1.00 25.01 ? 45  GLU A CD  1 
ATOM   378  O OE1 . GLU A 1 50  ? 9.321   7.690   2.183   1.00 30.93 ? 45  GLU A OE1 1 
ATOM   379  O OE2 . GLU A 1 50  ? 9.708   6.408   3.917   1.00 30.08 ? 45  GLU A OE2 1 
ATOM   380  N N   . ILE A 1 51  ? 12.116  5.722   -2.533  1.00 22.44 ? 46  ILE A N   1 
ATOM   381  C CA  . ILE A 1 51  ? 12.073  6.224   -3.904  1.00 24.18 ? 46  ILE A CA  1 
ATOM   382  C C   . ILE A 1 51  ? 10.706  5.881   -4.475  1.00 26.82 ? 46  ILE A C   1 
ATOM   383  O O   . ILE A 1 51  ? 9.981   5.039   -3.919  1.00 21.94 ? 46  ILE A O   1 
ATOM   384  C CB  . ILE A 1 51  ? 13.218  5.641   -4.765  1.00 22.48 ? 46  ILE A CB  1 
ATOM   385  C CG1 . ILE A 1 51  ? 13.064  4.135   -4.956  1.00 23.50 ? 46  ILE A CG1 1 
ATOM   386  C CG2 . ILE A 1 51  ? 14.600  6.011   -4.177  1.00 29.33 ? 46  ILE A CG2 1 
ATOM   387  C CD1 . ILE A 1 51  ? 14.042  3.577   -5.951  1.00 28.13 ? 46  ILE A CD1 1 
ATOM   388  N N   . PRO A 1 52  ? 10.295  6.544   -5.554  1.00 23.61 ? 47  PRO A N   1 
ATOM   389  C CA  . PRO A 1 52  ? 8.968   6.257   -6.110  1.00 20.97 ? 47  PRO A CA  1 
ATOM   390  C C   . PRO A 1 52  ? 8.867   4.808   -6.566  1.00 19.39 ? 47  PRO A C   1 
ATOM   391  O O   . PRO A 1 52  ? 9.788   4.257   -7.181  1.00 20.32 ? 47  PRO A O   1 
ATOM   392  C CB  . PRO A 1 52  ? 8.846   7.238   -7.285  1.00 21.04 ? 47  PRO A CB  1 
ATOM   393  C CG  . PRO A 1 52  ? 9.829   8.339   -6.967  1.00 28.75 ? 47  PRO A CG  1 
ATOM   394  C CD  . PRO A 1 52  ? 10.965  7.654   -6.264  1.00 26.18 ? 47  PRO A CD  1 
ATOM   395  N N   . ALA A 1 53  ? 7.732   4.187   -6.246  1.00 18.59 ? 48  ALA A N   1 
ATOM   396  C CA  . ALA A 1 53  ? 7.489   2.783   -6.586  1.00 19.48 ? 48  ALA A CA  1 
ATOM   397  C C   . ALA A 1 53  ? 7.010   2.641   -8.034  1.00 16.69 ? 48  ALA A C   1 
ATOM   398  O O   . ALA A 1 53  ? 5.908   2.169   -8.307  1.00 15.76 ? 48  ALA A O   1 
ATOM   399  C CB  . ALA A 1 53  ? 6.471   2.171   -5.627  1.00 15.04 ? 48  ALA A CB  1 
ATOM   400  N N   . THR A 1 54  ? 7.888   3.030   -8.970  1.00 19.11 ? 49  THR A N   1 
ATOM   401  C CA  . THR A 1 54  ? 7.588   2.969   -10.397 1.00 17.39 ? 49  THR A CA  1 
ATOM   402  C C   . THR A 1 54  ? 7.572   1.542   -10.957 1.00 16.01 ? 49  THR A C   1 
ATOM   403  O O   . THR A 1 54  ? 7.262   1.369   -12.138 1.00 16.39 ? 49  THR A O   1 
ATOM   404  C CB  . THR A 1 54  ? 8.607   3.810   -11.176 1.00 23.67 ? 49  THR A CB  1 
ATOM   405  O OG1 . THR A 1 54  ? 9.901   3.195   -11.093 1.00 25.89 ? 49  THR A OG1 1 
ATOM   406  C CG2 . THR A 1 54  ? 8.677   5.222   -10.609 1.00 28.95 ? 49  THR A CG2 1 
ATOM   407  N N   . ILE A 1 55  ? 7.893   0.524   -10.158 1.00 19.28 ? 50  ILE A N   1 
ATOM   408  C CA  . ILE A 1 55  ? 7.761   -0.857  -10.612 1.00 15.08 ? 50  ILE A CA  1 
ATOM   409  C C   . ILE A 1 55  ? 6.312   -1.327  -10.688 1.00 15.02 ? 50  ILE A C   1 
ATOM   410  O O   . ILE A 1 55  ? 6.046   -2.413  -11.204 1.00 12.77 ? 50  ILE A O   1 
ATOM   411  C CB  . ILE A 1 55  ? 8.576   -1.762  -9.676  1.00 15.46 ? 50  ILE A CB  1 
ATOM   412  C CG1 . ILE A 1 55  ? 8.143   -1.511  -8.227  1.00 17.70 ? 50  ILE A CG1 1 
ATOM   413  C CG2 . ILE A 1 55  ? 10.080  -1.470  -9.858  1.00 18.98 ? 50  ILE A CG2 1 
ATOM   414  C CD1 . ILE A 1 55  ? 8.528   -2.616  -7.256  1.00 18.16 ? 50  ILE A CD1 1 
ATOM   415  N N   . PHE A 1 56  ? 5.368   -0.550  -10.169 1.00 14.57 ? 51  PHE A N   1 
ATOM   416  C CA  . PHE A 1 56  ? 3.948   -0.865  -10.272 1.00 15.33 ? 51  PHE A CA  1 
ATOM   417  C C   . PHE A 1 56  ? 3.325   0.076   -11.284 1.00 17.60 ? 51  PHE A C   1 
ATOM   418  O O   . PHE A 1 56  ? 3.577   1.277   -11.236 1.00 16.00 ? 51  PHE A O   1 
ATOM   419  C CB  . PHE A 1 56  ? 3.230   -0.683  -8.931  1.00 14.22 ? 51  PHE A CB  1 
ATOM   420  C CG  . PHE A 1 56  ? 3.877   -1.417  -7.786  1.00 15.01 ? 51  PHE A CG  1 
ATOM   421  C CD1 . PHE A 1 56  ? 4.254   -2.742  -7.917  1.00 14.59 ? 51  PHE A CD1 1 
ATOM   422  C CD2 . PHE A 1 56  ? 4.080   -0.786  -6.574  1.00 15.47 ? 51  PHE A CD2 1 
ATOM   423  C CE1 . PHE A 1 56  ? 4.858   -3.424  -6.852  1.00 13.75 ? 51  PHE A CE1 1 
ATOM   424  C CE2 . PHE A 1 56  ? 4.671   -1.464  -5.510  1.00 15.36 ? 51  PHE A CE2 1 
ATOM   425  C CZ  . PHE A 1 56  ? 5.057   -2.779  -5.653  1.00 17.54 ? 51  PHE A CZ  1 
ATOM   426  N N   . ASP A 1 57  ? 2.516   -0.442  -12.204 1.00 13.79 ? 52  ASP A N   1 
ATOM   427  C CA  . ASP A 1 57  ? 1.745   0.520   -12.973 1.00 20.86 ? 52  ASP A CA  1 
ATOM   428  C C   . ASP A 1 57  ? 0.336   0.698   -12.421 1.00 15.13 ? 52  ASP A C   1 
ATOM   429  O O   . ASP A 1 57  ? -0.404  1.543   -12.925 1.00 21.87 ? 52  ASP A O   1 
ATOM   430  C CB  . ASP A 1 57  ? 1.719   0.162   -14.466 1.00 29.86 ? 52  ASP A CB  1 
ATOM   431  C CG  . ASP A 1 57  ? 1.205   -1.212  -14.733 1.00 27.59 ? 52  ASP A CG  1 
ATOM   432  O OD1 . ASP A 1 57  ? 0.681   -1.842  -13.794 1.00 29.12 ? 52  ASP A OD1 1 
ATOM   433  O OD2 . ASP A 1 57  ? 1.331   -1.666  -15.893 1.00 33.60 ? 52  ASP A OD2 1 
ATOM   434  N N   . LYS A 1 58  ? -0.045  -0.059  -11.392 1.00 13.96 ? 53  LYS A N   1 
ATOM   435  C CA  . LYS A 1 58  ? -1.375  0.103   -10.798 1.00 15.17 ? 53  LYS A CA  1 
ATOM   436  C C   . LYS A 1 58  ? -1.369  -0.435  -9.375  1.00 15.65 ? 53  LYS A C   1 
ATOM   437  O O   . LYS A 1 58  ? -0.730  -1.451  -9.100  1.00 13.27 ? 53  LYS A O   1 
ATOM   438  C CB  . LYS A 1 58  ? -2.429  -0.637  -11.643 1.00 17.37 ? 53  LYS A CB  1 
ATOM   439  C CG  . LYS A 1 58  ? -3.870  -0.472  -11.211 1.00 22.53 ? 53  LYS A CG  1 
ATOM   440  C CD  . LYS A 1 58  ? -4.805  -0.753  -12.404 1.00 31.06 ? 53  LYS A CD  1 
ATOM   441  C CE  . LYS A 1 58  ? -5.085  -2.232  -12.610 1.00 35.86 ? 53  LYS A CE  1 
ATOM   442  N NZ  . LYS A 1 58  ? -6.078  -2.441  -13.716 1.00 39.30 ? 53  LYS A NZ  1 
ATOM   443  N N   . VAL A 1 59  ? -2.109  0.233   -8.483  1.00 13.03 ? 54  VAL A N   1 
ATOM   444  C CA  . VAL A 1 59  ? -2.376  -0.251  -7.130  1.00 13.79 ? 54  VAL A CA  1 
ATOM   445  C C   . VAL A 1 59  ? -3.883  -0.193  -6.915  1.00 13.19 ? 54  VAL A C   1 
ATOM   446  O O   . VAL A 1 59  ? -4.520  0.794   -7.294  1.00 16.44 ? 54  VAL A O   1 
ATOM   447  C CB  . VAL A 1 59  ? -1.655  0.600   -6.067  1.00 15.46 ? 54  VAL A CB  1 
ATOM   448  C CG1 . VAL A 1 59  ? -2.103  0.208   -4.675  1.00 17.50 ? 54  VAL A CG1 1 
ATOM   449  C CG2 . VAL A 1 59  ? -0.127  0.451   -6.207  1.00 13.80 ? 54  VAL A CG2 1 
ATOM   450  N N   . ILE A 1 60  ? -4.457  -1.249  -6.337  1.00 15.16 ? 55  ILE A N   1 
ATOM   451  C CA  . ILE A 1 60  ? -5.888  -1.271  -6.004  1.00 16.78 ? 55  ILE A CA  1 
ATOM   452  C C   . ILE A 1 60  ? -6.016  -1.568  -4.522  1.00 16.58 ? 55  ILE A C   1 
ATOM   453  O O   . ILE A 1 60  ? -5.600  -2.637  -4.057  1.00 16.11 ? 55  ILE A O   1 
ATOM   454  C CB  . ILE A 1 60  ? -6.679  -2.298  -6.835  1.00 18.16 ? 55  ILE A CB  1 
ATOM   455  C CG1 . ILE A 1 60  ? -6.391  -2.140  -8.328  1.00 15.87 ? 55  ILE A CG1 1 
ATOM   456  C CG2 . ILE A 1 60  ? -8.207  -2.149  -6.584  1.00 15.16 ? 55  ILE A CG2 1 
ATOM   457  C CD1 . ILE A 1 60  ? -7.028  -3.212  -9.224  1.00 21.02 ? 55  ILE A CD1 1 
ATOM   458  N N   . TYR A 1 61  ? -6.599  -0.633  -3.779  1.00 19.99 ? 56  TYR A N   1 
ATOM   459  C CA  . TYR A 1 61  ? -6.887  -0.849  -2.374  1.00 18.41 ? 56  TYR A CA  1 
ATOM   460  C C   . TYR A 1 61  ? -8.237  -1.541  -2.279  1.00 17.24 ? 56  TYR A C   1 
ATOM   461  O O   . TYR A 1 61  ? -9.233  -1.045  -2.814  1.00 21.95 ? 56  TYR A O   1 
ATOM   462  C CB  . TYR A 1 61  ? -6.898  0.473   -1.608  1.00 16.01 ? 56  TYR A CB  1 
ATOM   463  C CG  . TYR A 1 61  ? -5.560  1.164   -1.588  1.00 14.08 ? 56  TYR A CG  1 
ATOM   464  C CD1 . TYR A 1 61  ? -4.648  0.911   -0.574  1.00 13.84 ? 56  TYR A CD1 1 
ATOM   465  C CD2 . TYR A 1 61  ? -5.210  2.077   -2.576  1.00 15.66 ? 56  TYR A CD2 1 
ATOM   466  C CE1 . TYR A 1 61  ? -3.420  1.536   -0.544  1.00 17.14 ? 56  TYR A CE1 1 
ATOM   467  C CE2 . TYR A 1 61  ? -3.981  2.715   -2.553  1.00 16.11 ? 56  TYR A CE2 1 
ATOM   468  C CZ  . TYR A 1 61  ? -3.086  2.435   -1.527  1.00 17.71 ? 56  TYR A CZ  1 
ATOM   469  O OH  . TYR A 1 61  ? -1.853  3.067   -1.480  1.00 19.02 ? 56  TYR A OH  1 
ATOM   470  N N   . HIS A 1 62  ? -8.270  -2.690  -1.616  1.00 18.92 ? 57  HIS A N   1 
ATOM   471  C CA  . HIS A 1 62  ? -9.506  -3.446  -1.450  1.00 19.46 ? 57  HIS A CA  1 
ATOM   472  C C   . HIS A 1 62  ? -10.045 -3.137  -0.062  1.00 20.12 ? 57  HIS A C   1 
ATOM   473  O O   . HIS A 1 62  ? -9.679  -3.772  0.926   1.00 21.40 ? 57  HIS A O   1 
ATOM   474  C CB  . HIS A 1 62  ? -9.255  -4.926  -1.661  1.00 20.77 ? 57  HIS A CB  1 
ATOM   475  C CG  . HIS A 1 62  ? -8.705  -5.232  -3.015  1.00 21.28 ? 57  HIS A CG  1 
ATOM   476  N ND1 . HIS A 1 62  ? -9.388  -4.938  -4.176  1.00 19.84 ? 57  HIS A ND1 1 
ATOM   477  C CD2 . HIS A 1 62  ? -7.529  -5.780  -3.396  1.00 24.02 ? 57  HIS A CD2 1 
ATOM   478  C CE1 . HIS A 1 62  ? -8.661  -5.311  -5.216  1.00 22.27 ? 57  HIS A CE1 1 
ATOM   479  N NE2 . HIS A 1 62  ? -7.528  -5.822  -4.770  1.00 21.81 ? 57  HIS A NE2 1 
ATOM   480  N N   . LEU A 1 63  ? -10.926 -2.149  0.005   1.00 23.03 ? 58  LEU A N   1 
ATOM   481  C CA  . LEU A 1 63  ? -11.368 -1.666  1.298   1.00 25.50 ? 58  LEU A CA  1 
ATOM   482  C C   . LEU A 1 63  ? -12.468 -2.559  1.872   1.00 34.14 ? 58  LEU A C   1 
ATOM   483  O O   . LEU A 1 63  ? -13.097 -3.357  1.167   1.00 30.59 ? 58  LEU A O   1 
ATOM   484  C CB  . LEU A 1 63  ? -11.875 -0.229  1.183   1.00 25.62 ? 58  LEU A CB  1 
ATOM   485  C CG  . LEU A 1 63  ? -10.826 0.745   0.657   1.00 18.74 ? 58  LEU A CG  1 
ATOM   486  C CD1 . LEU A 1 63  ? -11.370 2.164   0.692   1.00 25.07 ? 58  LEU A CD1 1 
ATOM   487  C CD2 . LEU A 1 63  ? -9.556  0.634   1.463   1.00 28.40 ? 58  LEU A CD2 1 
ATOM   488  N N   . HIS A 1 64  ? -12.681 -2.410  3.178   1.00 35.31 ? 59  HIS A N   1 
ATOM   489  C CA  . HIS A 1 64  ? -13.802 -3.031  3.860   1.00 38.38 ? 59  HIS A CA  1 
ATOM   490  C C   . HIS A 1 64  ? -15.086 -2.726  3.089   1.00 36.36 ? 59  HIS A C   1 
ATOM   491  O O   . HIS A 1 64  ? -15.220 -1.634  2.520   1.00 33.53 ? 59  HIS A O   1 
ATOM   492  C CB  . HIS A 1 64  ? -13.879 -2.509  5.305   1.00 40.74 ? 59  HIS A CB  1 
ATOM   493  C CG  . HIS A 1 64  ? -14.691 -3.368  6.228   1.00 47.63 ? 59  HIS A CG  1 
ATOM   494  N ND1 . HIS A 1 64  ? -16.048 -3.198  6.404   1.00 43.76 ? 59  HIS A ND1 1 
ATOM   495  C CD2 . HIS A 1 64  ? -14.335 -4.390  7.044   1.00 45.01 ? 59  HIS A CD2 1 
ATOM   496  C CE1 . HIS A 1 64  ? -16.495 -4.085  7.273   1.00 47.45 ? 59  HIS A CE1 1 
ATOM   497  N NE2 . HIS A 1 64  ? -15.476 -4.820  7.679   1.00 51.11 ? 59  HIS A NE2 1 
ATOM   498  N N   . PRO A 1 65  ? -16.038 -3.661  3.022   1.00 44.92 ? 60  PRO A N   1 
ATOM   499  C CA  . PRO A 1 65  ? -17.259 -3.409  2.242   1.00 41.12 ? 60  PRO A CA  1 
ATOM   500  C C   . PRO A 1 65  ? -18.213 -2.407  2.876   1.00 43.66 ? 60  PRO A C   1 
ATOM   501  O O   . PRO A 1 65  ? -19.267 -2.133  2.292   1.00 38.98 ? 60  PRO A O   1 
ATOM   502  C CB  . PRO A 1 65  ? -17.902 -4.798  2.143   1.00 47.03 ? 60  PRO A CB  1 
ATOM   503  C CG  . PRO A 1 65  ? -17.402 -5.522  3.345   1.00 51.26 ? 60  PRO A CG  1 
ATOM   504  C CD  . PRO A 1 65  ? -16.002 -5.026  3.574   1.00 44.32 ? 60  PRO A CD  1 
ATOM   505  N N   . THR A 1 66  ? -17.891 -1.848  4.046   1.00 41.66 ? 61  THR A N   1 
ATOM   506  C CA  . THR A 1 66  ? -18.654 -0.707  4.539   1.00 41.80 ? 61  THR A CA  1 
ATOM   507  C C   . THR A 1 66  ? -18.334 0.578   3.787   1.00 43.99 ? 61  THR A C   1 
ATOM   508  O O   . THR A 1 66  ? -18.968 1.599   4.054   1.00 42.67 ? 61  THR A O   1 
ATOM   509  C CB  . THR A 1 66  ? -18.409 -0.500  6.037   1.00 40.42 ? 61  THR A CB  1 
ATOM   510  O OG1 . THR A 1 66  ? -17.004 -0.343  6.286   1.00 38.28 ? 61  THR A OG1 1 
ATOM   511  C CG2 . THR A 1 66  ? -18.944 -1.686  6.830   1.00 40.81 ? 61  THR A CG2 1 
ATOM   512  N N   . PHE A 1 67  ? -17.430 0.562   2.895   1.00 40.19 ? 62  PHE A N   1 
ATOM   513  C CA  . PHE A 1 67  ? -17.091 1.697   2.049   1.00 37.51 ? 62  PHE A CA  1 
ATOM   514  C C   . PHE A 1 67  ? -17.817 1.600   0.715   1.00 35.95 ? 62  PHE A C   1 
ATOM   515  O O   . PHE A 1 67  ? -18.047 0.507   0.193   1.00 42.42 ? 62  PHE A O   1 
ATOM   516  C CB  . PHE A 1 67  ? -15.583 1.763   1.803   1.00 36.42 ? 62  PHE A CB  1 
ATOM   517  C CG  . PHE A 1 67  ? -14.802 2.242   2.980   1.00 36.01 ? 62  PHE A CG  1 
ATOM   518  C CD1 . PHE A 1 67  ? -14.555 3.592   3.152   1.00 29.94 ? 62  PHE A CD1 1 
ATOM   519  C CD2 . PHE A 1 67  ? -14.328 1.345   3.926   1.00 32.92 ? 62  PHE A CD2 1 
ATOM   520  C CE1 . PHE A 1 67  ? -13.850 4.041   4.244   1.00 32.99 ? 62  PHE A CE1 1 
ATOM   521  C CE2 . PHE A 1 67  ? -13.622 1.786   5.021   1.00 36.58 ? 62  PHE A CE2 1 
ATOM   522  C CZ  . PHE A 1 67  ? -13.380 3.134   5.185   1.00 33.70 ? 62  PHE A CZ  1 
ATOM   523  N N   . ALA A 1 68  ? -18.152 2.755   0.147   1.00 39.54 ? 63  ALA A N   1 
ATOM   524  C CA  . ALA A 1 68  ? -18.753 2.807   -1.180  1.00 42.27 ? 63  ALA A CA  1 
ATOM   525  C C   . ALA A 1 68  ? -17.682 2.622   -2.255  1.00 44.01 ? 63  ALA A C   1 
ATOM   526  O O   . ALA A 1 68  ? -16.618 3.249   -2.200  1.00 36.65 ? 63  ALA A O   1 
ATOM   527  C CB  . ALA A 1 68  ? -19.484 4.133   -1.386  1.00 41.55 ? 63  ALA A CB  1 
ATOM   528  N N   . ASN A 1 69  ? -17.976 1.773   -3.241  1.00 46.07 ? 64  ASN A N   1 
ATOM   529  C CA  . ASN A 1 69  ? -17.006 1.409   -4.270  1.00 48.45 ? 64  ASN A CA  1 
ATOM   530  C C   . ASN A 1 69  ? -15.686 1.053   -3.601  1.00 35.85 ? 64  ASN A C   1 
ATOM   531  O O   . ASN A 1 69  ? -14.692 1.769   -3.767  1.00 37.32 ? 64  ASN A O   1 
ATOM   532  C CB  . ASN A 1 69  ? -16.817 2.550   -5.276  1.00 60.34 ? 64  ASN A CB  1 
ATOM   533  C CG  . ASN A 1 69  ? -17.960 2.648   -6.274  1.00 69.32 ? 64  ASN A CG  1 
ATOM   534  O OD1 . ASN A 1 69  ? -18.522 1.636   -6.696  1.00 73.05 ? 64  ASN A OD1 1 
ATOM   535  N ND2 . ASN A 1 69  ? -18.309 3.871   -6.656  1.00 70.36 ? 64  ASN A ND2 1 
ATOM   536  N N   . PRO A 1 70  ? -15.640 -0.035  -2.827  1.00 30.56 ? 65  PRO A N   1 
ATOM   537  C CA  . PRO A 1 70  ? -14.486 -0.273  -1.944  1.00 29.79 ? 65  PRO A CA  1 
ATOM   538  C C   . PRO A 1 70  ? -13.201 -0.678  -2.667  1.00 24.32 ? 65  PRO A C   1 
ATOM   539  O O   . PRO A 1 70  ? -12.165 -0.837  -2.011  1.00 23.81 ? 65  PRO A O   1 
ATOM   540  C CB  . PRO A 1 70  ? -14.988 -1.396  -1.025  1.00 27.96 ? 65  PRO A CB  1 
ATOM   541  C CG  . PRO A 1 70  ? -16.003 -2.130  -1.858  1.00 29.08 ? 65  PRO A CG  1 
ATOM   542  C CD  . PRO A 1 70  ? -16.631 -1.124  -2.776  1.00 30.08 ? 65  PRO A CD  1 
ATOM   543  N N   . ASN A 1 71  ? -13.204 -0.821  -3.982  1.00 23.73 ? 66  ASN A N   1 
ATOM   544  C CA  . ASN A 1 71  ? -11.998 -1.183  -4.726  1.00 21.89 ? 66  ASN A CA  1 
ATOM   545  C C   . ASN A 1 71  ? -11.516 0.036   -5.504  1.00 23.79 ? 66  ASN A C   1 
ATOM   546  O O   . ASN A 1 71  ? -12.099 0.404   -6.528  1.00 26.10 ? 66  ASN A O   1 
ATOM   547  C CB  . ASN A 1 71  ? -12.291 -2.383  -5.616  1.00 21.24 ? 66  ASN A CB  1 
ATOM   548  C CG  . ASN A 1 71  ? -12.831 -3.534  -4.813  1.00 18.43 ? 66  ASN A CG  1 
ATOM   549  O OD1 . ASN A 1 71  ? -12.122 -4.083  -3.977  1.00 25.85 ? 66  ASN A OD1 1 
ATOM   550  N ND2 . ASN A 1 71  ? -14.104 -3.863  -5.006  1.00 26.91 ? 66  ASN A ND2 1 
ATOM   551  N N   . ARG A 1 72  ? -10.446 0.660   -5.001  1.00 21.43 ? 67  ARG A N   1 
ATOM   552  C CA  . ARG A 1 72  ? -9.996  1.972   -5.455  1.00 18.87 ? 67  ARG A CA  1 
ATOM   553  C C   . ARG A 1 72  ? -8.668  1.826   -6.183  1.00 16.16 ? 67  ARG A C   1 
ATOM   554  O O   . ARG A 1 72  ? -7.668  1.452   -5.561  1.00 16.65 ? 67  ARG A O   1 
ATOM   555  C CB  . ARG A 1 72  ? -9.829  2.924   -4.274  1.00 21.12 ? 67  ARG A CB  1 
ATOM   556  C CG  . ARG A 1 72  ? -11.017 2.938   -3.307  1.00 25.79 ? 67  ARG A CG  1 
ATOM   557  C CD  . ARG A 1 72  ? -12.178 3.718   -3.872  1.00 29.72 ? 67  ARG A CD  1 
ATOM   558  N NE  . ARG A 1 72  ? -13.264 3.791   -2.897  1.00 34.67 ? 67  ARG A NE  1 
ATOM   559  C CZ  . ARG A 1 72  ? -13.347 4.713   -1.940  1.00 29.01 ? 67  ARG A CZ  1 
ATOM   560  N NH1 . ARG A 1 72  ? -14.369 4.698   -1.094  1.00 36.65 ? 67  ARG A NH1 1 
ATOM   561  N NH2 . ARG A 1 72  ? -12.418 5.652   -1.836  1.00 26.34 ? 67  ARG A NH2 1 
ATOM   562  N N   . THR A 1 73  ? -8.654  2.178   -7.463  1.00 19.40 ? 68  THR A N   1 
ATOM   563  C CA  . THR A 1 73  ? -7.491  2.017   -8.336  1.00 20.72 ? 68  THR A CA  1 
ATOM   564  C C   . THR A 1 73  ? -6.693  3.312   -8.411  1.00 20.31 ? 68  THR A C   1 
ATOM   565  O O   . THR A 1 73  ? -7.265  4.379   -8.640  1.00 23.01 ? 68  THR A O   1 
ATOM   566  C CB  . THR A 1 73  ? -7.933  1.620   -9.745  1.00 20.73 ? 68  THR A CB  1 
ATOM   567  O OG1 . THR A 1 73  ? -8.403  0.267   -9.746  1.00 21.09 ? 68  THR A OG1 1 
ATOM   568  C CG2 . THR A 1 73  ? -6.804  1.770   -10.738 1.00 17.12 ? 68  THR A CG2 1 
ATOM   569  N N   . PHE A 1 74  ? -5.374  3.212   -8.255  1.00 14.32 ? 69  PHE A N   1 
ATOM   570  C CA  . PHE A 1 74  ? -4.475  4.337   -8.445  1.00 15.30 ? 69  PHE A CA  1 
ATOM   571  C C   . PHE A 1 74  ? -3.379  3.938   -9.421  1.00 18.16 ? 69  PHE A C   1 
ATOM   572  O O   . PHE A 1 74  ? -2.939  2.789   -9.441  1.00 15.67 ? 69  PHE A O   1 
ATOM   573  C CB  . PHE A 1 74  ? -3.905  4.794   -7.105  1.00 17.35 ? 69  PHE A CB  1 
ATOM   574  C CG  . PHE A 1 74  ? -4.966  5.328   -6.187  1.00 17.36 ? 69  PHE A CG  1 
ATOM   575  C CD1 . PHE A 1 74  ? -5.351  6.657   -6.257  1.00 24.53 ? 69  PHE A CD1 1 
ATOM   576  C CD2 . PHE A 1 74  ? -5.642  4.480   -5.317  1.00 15.10 ? 69  PHE A CD2 1 
ATOM   577  C CE1 . PHE A 1 74  ? -6.360  7.142   -5.435  1.00 24.95 ? 69  PHE A CE1 1 
ATOM   578  C CE2 . PHE A 1 74  ? -6.651  4.957   -4.502  1.00 21.29 ? 69  PHE A CE2 1 
ATOM   579  C CZ  . PHE A 1 74  ? -7.013  6.286   -4.568  1.00 19.52 ? 69  PHE A CZ  1 
ATOM   580  N N   . THR A 1 75  ? -2.946  4.892   -10.245 1.00 15.66 ? 70  THR A N   1 
ATOM   581  C CA  . THR A 1 75  ? -1.986  4.576   -11.296 1.00 18.30 ? 70  THR A CA  1 
ATOM   582  C C   . THR A 1 75  ? -0.673  5.334   -11.213 1.00 19.88 ? 70  THR A C   1 
ATOM   583  O O   . THR A 1 75  ? 0.223   5.069   -12.026 1.00 21.42 ? 70  THR A O   1 
ATOM   584  C CB  . THR A 1 75  ? -2.599  4.845   -12.684 1.00 23.72 ? 70  THR A CB  1 
ATOM   585  O OG1 . THR A 1 75  ? -3.063  6.197   -12.738 1.00 23.93 ? 70  THR A OG1 1 
ATOM   586  C CG2 . THR A 1 75  ? -3.771  3.889   -12.960 1.00 23.05 ? 70  THR A CG2 1 
ATOM   587  N N   . ASP A 1 76  ? -0.529  6.282   -10.303 1.00 20.56 ? 71  ASP A N   1 
ATOM   588  C CA  . ASP A 1 76  ? 0.701   7.048   -10.274 1.00 22.01 ? 71  ASP A CA  1 
ATOM   589  C C   . ASP A 1 76  ? 1.269   7.067   -8.861  1.00 18.70 ? 71  ASP A C   1 
ATOM   590  O O   . ASP A 1 76  ? 0.505   7.221   -7.887  1.00 19.19 ? 71  ASP A O   1 
ATOM   591  C CB  . ASP A 1 76  ? 0.445   8.455   -10.812 1.00 27.12 ? 71  ASP A CB  1 
ATOM   592  C CG  . ASP A 1 76  ? 0.130   8.449   -12.316 1.00 30.27 ? 71  ASP A CG  1 
ATOM   593  O OD1 . ASP A 1 76  ? 1.065   8.305   -13.139 1.00 40.96 ? 71  ASP A OD1 1 
ATOM   594  O OD2 . ASP A 1 76  ? -1.056  8.551   -12.680 1.00 40.13 ? 71  ASP A OD2 1 
ATOM   595  N N   . PRO A 1 77  ? 2.574   6.845   -8.703  1.00 17.90 ? 72  PRO A N   1 
ATOM   596  C CA  . PRO A 1 77  ? 3.193   6.890   -7.371  1.00 17.18 ? 72  PRO A CA  1 
ATOM   597  C C   . PRO A 1 77  ? 2.960   8.241   -6.718  1.00 20.42 ? 72  PRO A C   1 
ATOM   598  O O   . PRO A 1 77  ? 2.965   9.272   -7.404  1.00 20.81 ? 72  PRO A O   1 
ATOM   599  C CB  . PRO A 1 77  ? 4.685   6.661   -7.665  1.00 19.80 ? 72  PRO A CB  1 
ATOM   600  C CG  . PRO A 1 77  ? 4.693   5.866   -8.961  1.00 20.53 ? 72  PRO A CG  1 
ATOM   601  C CD  . PRO A 1 77  ? 3.516   6.380   -9.748  1.00 19.10 ? 72  PRO A CD  1 
ATOM   602  N N   . PRO A 1 78  ? 2.762   8.284   -5.395  1.00 19.12 ? 73  PRO A N   1 
ATOM   603  C CA  . PRO A 1 78  ? 2.830   7.138   -4.478  1.00 21.26 ? 73  PRO A CA  1 
ATOM   604  C C   . PRO A 1 78  ? 1.495   6.437   -4.226  1.00 16.67 ? 73  PRO A C   1 
ATOM   605  O O   . PRO A 1 78  ? 1.316   5.840   -3.151  1.00 16.72 ? 73  PRO A O   1 
ATOM   606  C CB  . PRO A 1 78  ? 3.346   7.776   -3.187  1.00 20.10 ? 73  PRO A CB  1 
ATOM   607  C CG  . PRO A 1 78  ? 2.702   9.146   -3.207  1.00 19.60 ? 73  PRO A CG  1 
ATOM   608  C CD  . PRO A 1 78  ? 2.646   9.562   -4.663  1.00 21.84 ? 73  PRO A CD  1 
ATOM   609  N N   . PHE A 1 79  ? 0.573   6.489   -5.189  1.00 14.98 ? 74  PHE A N   1 
ATOM   610  C CA  . PHE A 1 79  ? -0.667  5.709   -5.093  1.00 13.40 ? 74  PHE A CA  1 
ATOM   611  C C   . PHE A 1 79  ? -1.432  6.063   -3.821  1.00 21.61 ? 74  PHE A C   1 
ATOM   612  O O   . PHE A 1 79  ? -1.908  5.187   -3.100  1.00 16.86 ? 74  PHE A O   1 
ATOM   613  C CB  . PHE A 1 79  ? -0.379  4.208   -5.129  1.00 15.50 ? 74  PHE A CB  1 
ATOM   614  C CG  . PHE A 1 79  ? 0.515   3.800   -6.271  1.00 15.40 ? 74  PHE A CG  1 
ATOM   615  C CD1 . PHE A 1 79  ? 0.014   3.736   -7.551  1.00 14.35 ? 74  PHE A CD1 1 
ATOM   616  C CD2 . PHE A 1 79  ? 1.854   3.502   -6.055  1.00 14.94 ? 74  PHE A CD2 1 
ATOM   617  C CE1 . PHE A 1 79  ? 0.822   3.351   -8.611  1.00 16.18 ? 74  PHE A CE1 1 
ATOM   618  C CE2 . PHE A 1 79  ? 2.688   3.131   -7.113  1.00 14.02 ? 74  PHE A CE2 1 
ATOM   619  C CZ  . PHE A 1 79  ? 2.165   3.042   -8.390  1.00 13.45 ? 74  PHE A CZ  1 
ATOM   620  N N   . ARG A 1 80  ? -1.531  7.356   -3.539  1.00 17.77 ? 75  ARG A N   1 
ATOM   621  C CA  . ARG A 1 80  ? -2.101  7.808   -2.279  1.00 13.32 ? 75  ARG A CA  1 
ATOM   622  C C   . ARG A 1 80  ? -3.616  7.690   -2.300  1.00 18.59 ? 75  ARG A C   1 
ATOM   623  O O   . ARG A 1 80  ? -4.279  8.212   -3.203  1.00 18.95 ? 75  ARG A O   1 
ATOM   624  C CB  . ARG A 1 80  ? -1.691  9.253   -2.013  1.00 20.36 ? 75  ARG A CB  1 
ATOM   625  C CG  . ARG A 1 80  ? -2.306  9.851   -0.748  1.00 24.29 ? 75  ARG A CG  1 
ATOM   626  C CD  . ARG A 1 80  ? -1.936  11.319  -0.640  1.00 30.84 ? 75  ARG A CD  1 
ATOM   627  N NE  . ARG A 1 80  ? -2.633  11.985  0.466   1.00 40.34 ? 75  ARG A NE  1 
ATOM   628  C CZ  . ARG A 1 80  ? -2.186  12.033  1.718   1.00 40.83 ? 75  ARG A CZ  1 
ATOM   629  N NH1 . ARG A 1 80  ? -1.039  11.449  2.044   1.00 42.49 ? 75  ARG A NH1 1 
ATOM   630  N NH2 . ARG A 1 80  ? -2.889  12.667  2.651   1.00 39.79 ? 75  ARG A NH2 1 
ATOM   631  N N   . ILE A 1 81  ? -4.163  7.015   -1.299  1.00 18.19 ? 76  ILE A N   1 
ATOM   632  C CA  . ILE A 1 81  ? -5.603  6.960   -1.086  1.00 16.26 ? 76  ILE A CA  1 
ATOM   633  C C   . ILE A 1 81  ? -5.915  7.730   0.186   1.00 17.90 ? 76  ILE A C   1 
ATOM   634  O O   . ILE A 1 81  ? -5.132  7.711   1.140   1.00 16.46 ? 76  ILE A O   1 
ATOM   635  C CB  . ILE A 1 81  ? -6.127  5.514   -0.996  1.00 14.84 ? 76  ILE A CB  1 
ATOM   636  C CG1 . ILE A 1 81  ? -7.650  5.497   -0.833  1.00 18.31 ? 76  ILE A CG1 1 
ATOM   637  C CG2 . ILE A 1 81  ? -5.454  4.737   0.129   1.00 14.03 ? 76  ILE A CG2 1 
ATOM   638  C CD1 . ILE A 1 81  ? -8.244  4.086   -0.829  1.00 22.58 ? 76  ILE A CD1 1 
ATOM   639  N N   . GLU A 1 82  ? -7.034  8.440   0.176   1.00 22.04 ? 77  GLU A N   1 
ATOM   640  C CA  . GLU A 1 82  ? -7.545  9.119   1.355   1.00 25.20 ? 77  GLU A CA  1 
ATOM   641  C C   . GLU A 1 82  ? -9.004  8.749   1.537   1.00 25.37 ? 77  GLU A C   1 
ATOM   642  O O   . GLU A 1 82  ? -9.765  8.713   0.569   1.00 19.64 ? 77  GLU A O   1 
ATOM   643  C CB  . GLU A 1 82  ? -7.408  10.637  1.237   1.00 30.17 ? 77  GLU A CB  1 
ATOM   644  C CG  . GLU A 1 82  ? -5.973  11.112  1.202   1.00 38.72 ? 77  GLU A CG  1 
ATOM   645  C CD  . GLU A 1 82  ? -5.866  12.620  1.273   1.00 53.38 ? 77  GLU A CD  1 
ATOM   646  O OE1 . GLU A 1 82  ? -5.395  13.230  0.289   1.00 58.89 ? 77  GLU A OE1 1 
ATOM   647  O OE2 . GLU A 1 82  ? -6.266  13.193  2.310   1.00 61.36 ? 77  GLU A OE2 1 
ATOM   648  N N   . GLU A 1 83  ? -9.387  8.471   2.781   1.00 20.48 ? 78  GLU A N   1 
ATOM   649  C CA  . GLU A 1 83  ? -10.757 8.093   3.087   1.00 24.74 ? 78  GLU A CA  1 
ATOM   650  C C   . GLU A 1 83  ? -11.100 8.575   4.487   1.00 21.53 ? 78  GLU A C   1 
ATOM   651  O O   . GLU A 1 83  ? -10.259 9.128   5.197   1.00 20.90 ? 78  GLU A O   1 
ATOM   652  C CB  . GLU A 1 83  ? -10.974 6.583   2.978   1.00 23.68 ? 78  GLU A CB  1 
ATOM   653  C CG  . GLU A 1 83  ? -11.637 6.158   1.688   1.00 28.70 ? 78  GLU A CG  1 
ATOM   654  C CD  . GLU A 1 83  ? -13.052 6.706   1.531   1.00 28.89 ? 78  GLU A CD  1 
ATOM   655  O OE1 . GLU A 1 83  ? -13.661 7.152   2.526   1.00 29.28 ? 78  GLU A OE1 1 
ATOM   656  O OE2 . GLU A 1 83  ? -13.557 6.690   0.396   1.00 28.94 ? 78  GLU A OE2 1 
ATOM   657  N N   . GLN A 1 84  ? -12.360 8.372   4.863   1.00 23.02 ? 79  GLN A N   1 
ATOM   658  C CA  . GLN A 1 84  ? -12.857 8.701   6.192   1.00 27.24 ? 79  GLN A CA  1 
ATOM   659  C C   . GLN A 1 84  ? -13.523 7.476   6.789   1.00 26.11 ? 79  GLN A C   1 
ATOM   660  O O   . GLN A 1 84  ? -14.203 6.728   6.079   1.00 24.62 ? 79  GLN A O   1 
ATOM   661  C CB  . GLN A 1 84  ? -13.882 9.845   6.157   1.00 28.75 ? 79  GLN A CB  1 
ATOM   662  C CG  . GLN A 1 84  ? -13.359 11.151  5.629   1.00 38.88 ? 79  GLN A CG  1 
ATOM   663  C CD  . GLN A 1 84  ? -14.427 12.224  5.628   1.00 49.24 ? 79  GLN A CD  1 
ATOM   664  O OE1 . GLN A 1 84  ? -15.582 11.967  5.977   1.00 55.91 ? 79  GLN A OE1 1 
ATOM   665  N NE2 . GLN A 1 84  ? -14.047 13.436  5.242   1.00 54.63 ? 79  GLN A NE2 1 
ATOM   666  N N   . GLY A 1 85  ? -13.324 7.249   8.085   1.00 24.11 ? 80  GLY A N   1 
ATOM   667  C CA  . GLY A 1 85  ? -13.913 6.095   8.743   1.00 31.36 ? 80  GLY A CA  1 
ATOM   668  C C   . GLY A 1 85  ? -13.997 6.217   10.253  1.00 34.92 ? 80  GLY A C   1 
ATOM   669  O O   . GLY A 1 85  ? -13.843 7.308   10.804  1.00 57.46 ? 80  GLY A O   1 
ATOM   670  N N   . TRP A 1 86  ? -14.243 5.096   10.925  1.00 36.32 ? 81  TRP A N   1 
ATOM   671  C CA  . TRP A 1 86  ? -14.349 5.090   12.382  1.00 38.17 ? 81  TRP A CA  1 
ATOM   672  C C   . TRP A 1 86  ? -13.711 3.871   13.045  1.00 36.41 ? 81  TRP A C   1 
ATOM   673  O O   . TRP A 1 86  ? -13.472 3.870   14.252  1.00 34.20 ? 81  TRP A O   1 
ATOM   674  C CB  . TRP A 1 86  ? -15.811 5.219   12.822  1.00 39.31 ? 81  TRP A CB  1 
ATOM   675  C CG  . TRP A 1 86  ? -16.710 4.117   12.359  1.00 55.06 ? 81  TRP A CG  1 
ATOM   676  C CD1 . TRP A 1 86  ? -16.939 2.928   12.987  1.00 65.69 ? 81  TRP A CD1 1 
ATOM   677  C CD2 . TRP A 1 86  ? -17.500 4.097   11.163  1.00 70.66 ? 81  TRP A CD2 1 
ATOM   678  N NE1 . TRP A 1 86  ? -17.823 2.170   12.259  1.00 75.67 ? 81  TRP A NE1 1 
ATOM   679  C CE2 . TRP A 1 86  ? -18.183 2.864   11.134  1.00 78.53 ? 81  TRP A CE2 1 
ATOM   680  C CE3 . TRP A 1 86  ? -17.697 5.002   10.114  1.00 76.67 ? 81  TRP A CE3 1 
ATOM   681  C CZ2 . TRP A 1 86  ? -19.048 2.512   10.096  1.00 82.51 ? 81  TRP A CZ2 1 
ATOM   682  C CZ3 . TRP A 1 86  ? -18.559 4.651   9.085   1.00 80.16 ? 81  TRP A CZ3 1 
ATOM   683  C CH2 . TRP A 1 86  ? -19.221 3.416   9.084   1.00 81.50 ? 81  TRP A CH2 1 
ATOM   684  N N   . ALA A 1 87  ? -13.435 2.837   12.257  1.00 43.36 ? 82  ALA A N   1 
ATOM   685  C CA  . ALA A 1 87  ? -12.830 1.624   12.797  1.00 40.34 ? 82  ALA A CA  1 
ATOM   686  C C   . ALA A 1 87  ? -11.801 1.024   11.845  1.00 41.54 ? 82  ALA A C   1 
ATOM   687  O O   . ALA A 1 87  ? -12.083 0.812   10.665  1.00 53.19 ? 82  ALA A O   1 
ATOM   688  C CB  . ALA A 1 87  ? -13.905 0.601   13.131  1.00 44.51 ? 82  ALA A CB  1 
ATOM   689  N N   . GLY A 1 88  ? -10.609 0.752   12.365  1.00 35.80 ? 83  GLY A N   1 
ATOM   690  C CA  . GLY A 1 88  ? -9.554  0.173   11.566  1.00 40.61 ? 83  GLY A CA  1 
ATOM   691  C C   . GLY A 1 88  ? -9.918  -1.211  11.077  1.00 36.76 ? 83  GLY A C   1 
ATOM   692  O O   . GLY A 1 88  ? -10.894 -1.816  11.509  1.00 41.45 ? 83  GLY A O   1 
ATOM   693  N N   . PHE A 1 89  ? -9.103  -1.733  10.160  1.00 35.40 ? 84  PHE A N   1 
ATOM   694  C CA  . PHE A 1 89  ? -9.427  -3.029  9.581   1.00 38.16 ? 84  PHE A CA  1 
ATOM   695  C C   . PHE A 1 89  ? -8.250  -3.559  8.781   1.00 43.53 ? 84  PHE A C   1 
ATOM   696  O O   . PHE A 1 89  ? -7.433  -2.777  8.278   1.00 35.60 ? 84  PHE A O   1 
ATOM   697  C CB  . PHE A 1 89  ? -10.666 -2.935  8.678   1.00 35.97 ? 84  PHE A CB  1 
ATOM   698  C CG  . PHE A 1 89  ? -10.599 -1.829  7.646   1.00 35.83 ? 84  PHE A CG  1 
ATOM   699  C CD1 . PHE A 1 89  ? -10.074 -2.066  6.386   1.00 42.04 ? 84  PHE A CD1 1 
ATOM   700  C CD2 . PHE A 1 89  ? -11.110 -0.575  7.923   1.00 42.67 ? 84  PHE A CD2 1 
ATOM   701  C CE1 . PHE A 1 89  ? -10.041 -1.055  5.435   1.00 43.98 ? 84  PHE A CE1 1 
ATOM   702  C CE2 . PHE A 1 89  ? -11.078 0.437   6.982   1.00 36.33 ? 84  PHE A CE2 1 
ATOM   703  C CZ  . PHE A 1 89  ? -10.541 0.205   5.744   1.00 39.48 ? 84  PHE A CZ  1 
ATOM   704  N N   . PRO A 1 90  ? -8.119  -4.876  8.642   1.00 46.47 ? 85  PRO A N   1 
ATOM   705  C CA  . PRO A 1 90  ? -7.250  -5.394  7.588   1.00 43.44 ? 85  PRO A CA  1 
ATOM   706  C C   . PRO A 1 90  ? -7.866  -5.039  6.247   1.00 43.45 ? 85  PRO A C   1 
ATOM   707  O O   . PRO A 1 90  ? -9.074  -5.179  6.046   1.00 43.63 ? 85  PRO A O   1 
ATOM   708  C CB  . PRO A 1 90  ? -7.236  -6.905  7.838   1.00 45.94 ? 85  PRO A CB  1 
ATOM   709  C CG  . PRO A 1 90  ? -8.520  -7.170  8.534   1.00 48.95 ? 85  PRO A CG  1 
ATOM   710  C CD  . PRO A 1 90  ? -8.811  -5.955  9.367   1.00 46.15 ? 85  PRO A CD  1 
ATOM   711  N N   . LEU A 1 91  ? -7.049  -4.503  5.358   1.00 44.29 ? 86  LEU A N   1 
ATOM   712  C CA  . LEU A 1 91  ? -7.468  -4.336  3.979   1.00 40.39 ? 86  LEU A CA  1 
ATOM   713  C C   . LEU A 1 91  ? -6.433  -5.010  3.098   1.00 36.29 ? 86  LEU A C   1 
ATOM   714  O O   . LEU A 1 91  ? -5.317  -5.305  3.530   1.00 42.24 ? 86  LEU A O   1 
ATOM   715  C CB  . LEU A 1 91  ? -7.668  -2.852  3.608   1.00 36.73 ? 86  LEU A CB  1 
ATOM   716  C CG  . LEU A 1 91  ? -6.516  -1.847  3.634   1.00 34.63 ? 86  LEU A CG  1 
ATOM   717  C CD1 . LEU A 1 91  ? -5.939  -1.696  2.242   1.00 28.36 ? 86  LEU A CD1 1 
ATOM   718  C CD2 . LEU A 1 91  ? -6.984  -0.495  4.150   1.00 36.31 ? 86  LEU A CD2 1 
ATOM   719  N N   . ASP A 1 92  ? -6.826  -5.301  1.869   1.00 37.84 ? 87  ASP A N   1 
ATOM   720  C CA  . ASP A 1 92  ? -5.918  -5.907  0.911   1.00 34.11 ? 87  ASP A CA  1 
ATOM   721  C C   . ASP A 1 92  ? -5.485  -4.850  -0.085  1.00 16.61 ? 87  ASP A C   1 
ATOM   722  O O   . ASP A 1 92  ? -6.315  -4.077  -0.575  1.00 25.84 ? 87  ASP A O   1 
ATOM   723  C CB  . ASP A 1 92  ? -6.575  -7.083  0.192   1.00 35.61 ? 87  ASP A CB  1 
ATOM   724  C CG  . ASP A 1 92  ? -6.568  -8.344  1.024   1.00 46.93 ? 87  ASP A CG  1 
ATOM   725  O OD1 . ASP A 1 92  ? -5.467  -8.861  1.319   1.00 56.05 ? 87  ASP A OD1 1 
ATOM   726  O OD2 . ASP A 1 92  ? -7.665  -8.807  1.392   1.00 47.38 ? 87  ASP A OD2 1 
ATOM   727  N N   . ILE A 1 93  ? -4.186  -4.802  -0.355  1.00 22.62 ? 88  ILE A N   1 
ATOM   728  C CA  . ILE A 1 93  ? -3.618  -3.907  -1.352  1.00 18.92 ? 88  ILE A CA  1 
ATOM   729  C C   . ILE A 1 93  ? -3.090  -4.782  -2.477  1.00 18.22 ? 88  ILE A C   1 
ATOM   730  O O   . ILE A 1 93  ? -2.140  -5.551  -2.278  1.00 22.31 ? 88  ILE A O   1 
ATOM   731  C CB  . ILE A 1 93  ? -2.499  -3.025  -0.776  1.00 18.74 ? 88  ILE A CB  1 
ATOM   732  C CG1 . ILE A 1 93  ? -2.950  -2.325  0.509   1.00 20.00 ? 88  ILE A CG1 1 
ATOM   733  C CG2 . ILE A 1 93  ? -2.072  -1.998  -1.802  1.00 18.42 ? 88  ILE A CG2 1 
ATOM   734  C CD1 . ILE A 1 93  ? -1.881  -1.424  1.117   1.00 18.83 ? 88  ILE A CD1 1 
ATOM   735  N N   . SER A 1 94  ? -3.684  -4.672  -3.658  1.00 13.78 ? 89  SER A N   1 
ATOM   736  C CA  . SER A 1 94  ? -3.153  -5.346  -4.843  1.00 18.86 ? 89  SER A CA  1 
ATOM   737  C C   . SER A 1 94  ? -2.189  -4.406  -5.553  1.00 16.66 ? 89  SER A C   1 
ATOM   738  O O   . SER A 1 94  ? -2.576  -3.295  -5.930  1.00 15.57 ? 89  SER A O   1 
ATOM   739  C CB  . SER A 1 94  ? -4.281  -5.769  -5.787  1.00 15.30 ? 89  SER A CB  1 
ATOM   740  O OG  . SER A 1 94  ? -4.983  -6.896  -5.274  1.00 18.40 ? 89  SER A OG  1 
ATOM   741  N N   . VAL A 1 95  ? -0.938  -4.836  -5.737  1.00 15.58 ? 90  VAL A N   1 
ATOM   742  C CA  . VAL A 1 95  ? 0.029   -4.071  -6.519  1.00 10.27 ? 90  VAL A CA  1 
ATOM   743  C C   . VAL A 1 95  ? 0.335   -4.859  -7.788  1.00 13.62 ? 90  VAL A C   1 
ATOM   744  O O   . VAL A 1 95  ? 0.531   -6.078  -7.740  1.00 14.00 ? 90  VAL A O   1 
ATOM   745  C CB  . VAL A 1 95  ? 1.303   -3.742  -5.712  1.00 15.18 ? 90  VAL A CB  1 
ATOM   746  C CG1 . VAL A 1 95  ? 0.947   -2.934  -4.468  1.00 13.69 ? 90  VAL A CG1 1 
ATOM   747  C CG2 . VAL A 1 95  ? 2.067   -5.014  -5.308  1.00 16.56 ? 90  VAL A CG2 1 
ATOM   748  N N   . PHE A 1 96  ? 0.311   -4.171  -8.927  1.00 13.10 ? 91  PHE A N   1 
ATOM   749  C CA  . PHE A 1 96  ? 0.482   -4.790  -10.241 1.00 13.02 ? 91  PHE A CA  1 
ATOM   750  C C   . PHE A 1 96  ? 1.814   -4.335  -10.813 1.00 13.56 ? 91  PHE A C   1 
ATOM   751  O O   . PHE A 1 96  ? 2.001   -3.146  -11.086 1.00 14.51 ? 91  PHE A O   1 
ATOM   752  C CB  . PHE A 1 96  ? -0.667  -4.412  -11.181 1.00 13.14 ? 91  PHE A CB  1 
ATOM   753  C CG  . PHE A 1 96  ? -1.978  -5.046  -10.811 1.00 15.74 ? 91  PHE A CG  1 
ATOM   754  C CD1 . PHE A 1 96  ? -2.398  -6.210  -11.432 1.00 16.36 ? 91  PHE A CD1 1 
ATOM   755  C CD2 . PHE A 1 96  ? -2.782  -4.486  -9.818  1.00 17.37 ? 91  PHE A CD2 1 
ATOM   756  C CE1 . PHE A 1 96  ? -3.603  -6.813  -11.070 1.00 18.77 ? 91  PHE A CE1 1 
ATOM   757  C CE2 . PHE A 1 96  ? -3.996  -5.079  -9.453  1.00 17.78 ? 91  PHE A CE2 1 
ATOM   758  C CZ  . PHE A 1 96  ? -4.403  -6.240  -10.075 1.00 18.25 ? 91  PHE A CZ  1 
ATOM   759  N N   . LEU A 1 97  ? 2.726   -5.283  -10.991 1.00 14.15 ? 92  LEU A N   1 
ATOM   760  C CA  . LEU A 1 97  ? 4.029   -5.012  -11.567 1.00 14.96 ? 92  LEU A CA  1 
ATOM   761  C C   . LEU A 1 97  ? 3.891   -4.619  -13.028 1.00 14.24 ? 92  LEU A C   1 
ATOM   762  O O   . LEU A 1 97  ? 2.949   -5.025  -13.720 1.00 13.67 ? 92  LEU A O   1 
ATOM   763  C CB  . LEU A 1 97  ? 4.923   -6.253  -11.437 1.00 13.50 ? 92  LEU A CB  1 
ATOM   764  C CG  . LEU A 1 97  ? 5.266   -6.658  -10.006 1.00 16.59 ? 92  LEU A CG  1 
ATOM   765  C CD1 . LEU A 1 97  ? 5.734   -8.138  -9.938  1.00 17.66 ? 92  LEU A CD1 1 
ATOM   766  C CD2 . LEU A 1 97  ? 6.329   -5.704  -9.457  1.00 13.21 ? 92  LEU A CD2 1 
ATOM   767  N N   . LEU A 1 98  ? 4.852   -3.818  -13.493 1.00 12.90 ? 93  LEU A N   1 
ATOM   768  C CA  . LEU A 1 98  ? 4.912   -3.381  -14.885 1.00 12.89 ? 93  LEU A CA  1 
ATOM   769  C C   . LEU A 1 98  ? 4.875   -4.575  -15.815 1.00 16.81 ? 93  LEU A C   1 
ATOM   770  O O   . LEU A 1 98  ? 5.263   -5.674  -15.415 1.00 11.20 ? 93  LEU A O   1 
ATOM   771  C CB  . LEU A 1 98  ? 6.202   -2.589  -15.166 1.00 12.14 ? 93  LEU A CB  1 
ATOM   772  C CG  . LEU A 1 98  ? 6.492   -1.248  -14.493 1.00 14.09 ? 93  LEU A CG  1 
ATOM   773  C CD1 . LEU A 1 98  ? 7.791   -0.682  -15.056 1.00 17.55 ? 93  LEU A CD1 1 
ATOM   774  C CD2 . LEU A 1 98  ? 5.355   -0.274  -14.722 1.00 17.12 ? 93  LEU A CD2 1 
ATOM   775  N N   . GLU A 1 99  ? 4.464   -4.351  -17.064 1.00 15.29 ? 94  GLU A N   1 
ATOM   776  C CA  . GLU A 1 99  ? 4.595   -5.345  -18.140 1.00 15.64 ? 94  GLU A CA  1 
ATOM   777  C C   . GLU A 1 99  ? 3.838   -6.630  -17.831 1.00 16.58 ? 94  GLU A C   1 
ATOM   778  O O   . GLU A 1 99  ? 4.262   -7.720  -18.226 1.00 14.94 ? 94  GLU A O   1 
ATOM   779  C CB  . GLU A 1 99  ? 6.067   -5.658  -18.437 1.00 15.44 ? 94  GLU A CB  1 
ATOM   780  C CG  . GLU A 1 99  ? 6.859   -4.502  -19.042 1.00 16.36 ? 94  GLU A CG  1 
ATOM   781  C CD  . GLU A 1 99  ? 6.296   -4.051  -20.376 1.00 23.00 ? 94  GLU A CD  1 
ATOM   782  O OE1 . GLU A 1 99  ? 5.309   -3.288  -20.360 1.00 22.38 ? 94  GLU A OE1 1 
ATOM   783  O OE2 . GLU A 1 99  ? 6.840   -4.460  -21.431 1.00 17.93 ? 94  GLU A OE2 1 
ATOM   784  N N   . LYS A 1 100 ? 2.738   -6.504  -17.088 1.00 15.00 ? 95  LYS A N   1 
ATOM   785  C CA  . LYS A 1 100 ? 1.895   -7.636  -16.723 1.00 19.72 ? 95  LYS A CA  1 
ATOM   786  C C   . LYS A 1 100 ? 2.687   -8.703  -15.980 1.00 19.32 ? 95  LYS A C   1 
ATOM   787  O O   . LYS A 1 100 ? 2.387   -9.896  -16.074 1.00 16.65 ? 95  LYS A O   1 
ATOM   788  C CB  . LYS A 1 100 ? 1.211   -8.232  -17.957 1.00 19.65 ? 95  LYS A CB  1 
ATOM   789  C CG  . LYS A 1 100 ? 0.289   -7.254  -18.667 1.00 28.60 ? 95  LYS A CG  1 
ATOM   790  C CD  . LYS A 1 100 ? -0.710  -7.991  -19.558 1.00 42.54 ? 95  LYS A CD  1 
ATOM   791  C CE  . LYS A 1 100 ? -0.454  -7.770  -21.046 1.00 55.58 ? 95  LYS A CE  1 
ATOM   792  N NZ  . LYS A 1 100 ? -1.326  -6.707  -21.625 1.00 58.36 ? 95  LYS A NZ  1 
ATOM   793  N N   . ALA A 1 101 ? 3.707   -8.285  -15.228 1.00 13.27 ? 96  ALA A N   1 
ATOM   794  C CA  . ALA A 1 101 ? 4.583   -9.275  -14.619 1.00 15.21 ? 96  ALA A CA  1 
ATOM   795  C C   . ALA A 1 101 ? 3.959   -9.954  -13.411 1.00 17.49 ? 96  ALA A C   1 
ATOM   796  O O   . ALA A 1 101 ? 4.451   -11.008 -13.003 1.00 17.88 ? 96  ALA A O   1 
ATOM   797  C CB  . ALA A 1 101 ? 5.916   -8.653  -14.235 1.00 14.22 ? 96  ALA A CB  1 
ATOM   798  N N   . GLY A 1 102 ? 2.907   -9.399  -12.831 1.00 17.26 ? 97  GLY A N   1 
ATOM   799  C CA  . GLY A 1 102 ? 2.121   -10.158 -11.878 1.00 15.10 ? 97  GLY A CA  1 
ATOM   800  C C   . GLY A 1 102 ? 1.504   -9.275  -10.809 1.00 15.41 ? 97  GLY A C   1 
ATOM   801  O O   . GLY A 1 102 ? 1.985   -8.189  -10.493 1.00 13.86 ? 97  GLY A O   1 
ATOM   802  N N   . GLU A 1 103 ? 0.404   -9.764  -10.240 1.00 15.12 ? 98  GLU A N   1 
ATOM   803  C CA  . GLU A 1 103 ? -0.228  -9.120  -9.096  1.00 14.74 ? 98  GLU A CA  1 
ATOM   804  C C   . GLU A 1 103 ? 0.387   -9.656  -7.807  1.00 16.61 ? 98  GLU A C   1 
ATOM   805  O O   . GLU A 1 103 ? 0.664   -10.849 -7.697  1.00 16.40 ? 98  GLU A O   1 
ATOM   806  C CB  . GLU A 1 103 ? -1.738  -9.385  -9.104  1.00 18.01 ? 98  GLU A CB  1 
ATOM   807  C CG  . GLU A 1 103 ? -2.552  -8.693  -7.944  1.00 17.21 ? 98  GLU A CG  1 
ATOM   808  C CD  . GLU A 1 103 ? -3.997  -9.166  -7.928  1.00 26.16 ? 98  GLU A CD  1 
ATOM   809  O OE1 . GLU A 1 103 ? -4.302  -10.083 -8.719  1.00 25.77 ? 98  GLU A OE1 1 
ATOM   810  O OE2 . GLU A 1 103 ? -4.826  -8.647  -7.144  1.00 23.68 ? 98  GLU A OE2 1 
ATOM   811  N N   . ARG A 1 104 ? 0.635   -8.768  -6.845  1.00 14.48 ? 99  ARG A N   1 
ATOM   812  C CA  . ARG A 1 104 ? 0.970   -9.176  -5.483  1.00 13.05 ? 99  ARG A CA  1 
ATOM   813  C C   . ARG A 1 104 ? -0.083  -8.601  -4.553  1.00 21.36 ? 99  ARG A C   1 
ATOM   814  O O   . ARG A 1 104 ? -0.399  -7.415  -4.640  1.00 18.21 ? 99  ARG A O   1 
ATOM   815  C CB  . ARG A 1 104 ? 2.352   -8.683  -5.063  1.00 22.41 ? 99  ARG A CB  1 
ATOM   816  C CG  . ARG A 1 104 ? 3.477   -9.124  -5.984  1.00 22.98 ? 99  ARG A CG  1 
ATOM   817  C CD  . ARG A 1 104 ? 3.743   -10.606 -5.830  1.00 23.38 ? 99  ARG A CD  1 
ATOM   818  N NE  . ARG A 1 104 ? 4.880   -11.024 -6.639  1.00 21.80 ? 99  ARG A NE  1 
ATOM   819  C CZ  . ARG A 1 104 ? 4.786   -11.472 -7.884  1.00 28.17 ? 99  ARG A CZ  1 
ATOM   820  N NH1 . ARG A 1 104 ? 3.598   -11.566 -8.475  1.00 22.68 ? 99  ARG A NH1 1 
ATOM   821  N NH2 . ARG A 1 104 ? 5.881   -11.831 -8.535  1.00 26.20 ? 99  ARG A NH2 1 
ATOM   822  N N   . LYS A 1 105 ? -0.626  -9.431  -3.669  1.00 22.89 ? 100 LYS A N   1 
ATOM   823  C CA  . LYS A 1 105 ? -1.621  -8.974  -2.702  1.00 27.77 ? 100 LYS A CA  1 
ATOM   824  C C   . LYS A 1 105 ? -0.925  -8.764  -1.362  1.00 40.67 ? 100 LYS A C   1 
ATOM   825  O O   . LYS A 1 105 ? -0.423  -9.716  -0.760  1.00 41.56 ? 100 LYS A O   1 
ATOM   826  C CB  . LYS A 1 105 ? -2.779  -9.961  -2.588  1.00 32.72 ? 100 LYS A CB  1 
ATOM   827  C CG  . LYS A 1 105 ? -3.726  -9.898  -3.773  1.00 32.87 ? 100 LYS A CG  1 
ATOM   828  C CD  . LYS A 1 105 ? -5.179  -9.963  -3.333  1.00 42.52 ? 100 LYS A CD  1 
ATOM   829  C CE  . LYS A 1 105 ? -5.525  -11.332 -2.791  1.00 45.14 ? 100 LYS A CE  1 
ATOM   830  N NZ  . LYS A 1 105 ? -5.343  -12.397 -3.816  1.00 50.92 ? 100 LYS A NZ  1 
ATOM   831  N N   . ILE A 1 106 ? -0.883  -7.515  -0.911  1.00 37.57 ? 101 ILE A N   1 
ATOM   832  C CA  . ILE A 1 106 ? -0.162  -7.123  0.296   1.00 35.70 ? 101 ILE A CA  1 
ATOM   833  C C   . ILE A 1 106 ? -1.180  -6.934  1.415   1.00 37.89 ? 101 ILE A C   1 
ATOM   834  O O   . ILE A 1 106 ? -2.057  -6.064  1.297   1.00 30.83 ? 101 ILE A O   1 
ATOM   835  C CB  . ILE A 1 106 ? 0.651   -5.838  0.084   1.00 40.02 ? 101 ILE A CB  1 
ATOM   836  C CG1 . ILE A 1 106 ? 1.531   -5.938  -1.162  1.00 33.79 ? 101 ILE A CG1 1 
ATOM   837  C CG2 . ILE A 1 106 ? 1.488   -5.533  1.322   1.00 37.85 ? 101 ILE A CG2 1 
ATOM   838  C CD1 . ILE A 1 106 ? 2.924   -6.429  -0.901  1.00 37.85 ? 101 ILE A CD1 1 
ATOM   839  N N   . PRO A 1 107 ? -1.108  -7.706  2.498   1.00 45.94 ? 102 PRO A N   1 
ATOM   840  C CA  . PRO A 1 107 ? -2.020  -7.469  3.620   1.00 46.79 ? 102 PRO A CA  1 
ATOM   841  C C   . PRO A 1 107 ? -1.584  -6.223  4.370   1.00 32.56 ? 102 PRO A C   1 
ATOM   842  O O   . PRO A 1 107 ? -0.407  -6.055  4.698   1.00 44.61 ? 102 PRO A O   1 
ATOM   843  C CB  . PRO A 1 107 ? -1.866  -8.731  4.473   1.00 49.80 ? 102 PRO A CB  1 
ATOM   844  C CG  . PRO A 1 107 ? -0.448  -9.146  4.232   1.00 48.36 ? 102 PRO A CG  1 
ATOM   845  C CD  . PRO A 1 107 ? -0.138  -8.776  2.795   1.00 48.34 ? 102 PRO A CD  1 
ATOM   846  N N   . HIS A 1 108 ? -2.522  -5.324  4.593   1.00 39.44 ? 103 HIS A N   1 
ATOM   847  C CA  . HIS A 1 108 ? -2.249  -4.131  5.373   1.00 39.31 ? 103 HIS A CA  1 
ATOM   848  C C   . HIS A 1 108 ? -3.259  -4.038  6.493   1.00 38.74 ? 103 HIS A C   1 
ATOM   849  O O   . HIS A 1 108 ? -4.417  -4.433  6.344   1.00 41.37 ? 103 HIS A O   1 
ATOM   850  C CB  . HIS A 1 108 ? -2.307  -2.853  4.538   1.00 32.23 ? 103 HIS A CB  1 
ATOM   851  C CG  . HIS A 1 108 ? -1.843  -1.634  5.275   1.00 27.25 ? 103 HIS A CG  1 
ATOM   852  N ND1 . HIS A 1 108 ? -0.627  -1.574  5.924   1.00 22.22 ? 103 HIS A ND1 1 
ATOM   853  C CD2 . HIS A 1 108 ? -2.438  -0.432  5.475   1.00 31.22 ? 103 HIS A CD2 1 
ATOM   854  C CE1 . HIS A 1 108 ? -0.490  -0.386  6.487   1.00 29.15 ? 103 HIS A CE1 1 
ATOM   855  N NE2 . HIS A 1 108 ? -1.574  0.326   6.230   1.00 25.56 ? 103 HIS A NE2 1 
ATOM   856  N N   . ASP A 1 109 ? -2.814  -3.498  7.616   1.00 35.46 ? 104 ASP A N   1 
ATOM   857  C CA  . ASP A 1 109 ? -3.701  -3.244  8.735   1.00 36.46 ? 104 ASP A CA  1 
ATOM   858  C C   . ASP A 1 109 ? -3.845  -1.738  8.900   1.00 27.88 ? 104 ASP A C   1 
ATOM   859  O O   . ASP A 1 109 ? -2.877  -1.045  9.228   1.00 27.43 ? 104 ASP A O   1 
ATOM   860  C CB  . ASP A 1 109 ? -3.185  -3.884  10.011  1.00 39.27 ? 104 ASP A CB  1 
ATOM   861  C CG  . ASP A 1 109 ? -4.248  -3.959  11.052  1.00 42.03 ? 104 ASP A CG  1 
ATOM   862  O OD1 . ASP A 1 109 ? -5.080  -4.882  10.949  1.00 42.45 ? 104 ASP A OD1 1 
ATOM   863  O OD2 . ASP A 1 109 ? -4.277  -3.073  11.936  1.00 40.81 ? 104 ASP A OD2 1 
ATOM   864  N N   . LEU A 1 110 ? -5.042  -1.237  8.635   1.00 30.59 ? 105 LEU A N   1 
ATOM   865  C CA  . LEU A 1 110 ? -5.369  0.162   8.846   1.00 30.08 ? 105 LEU A CA  1 
ATOM   866  C C   . LEU A 1 110 ? -5.819  0.297   10.294  1.00 31.53 ? 105 LEU A C   1 
ATOM   867  O O   . LEU A 1 110 ? -6.805  -0.323  10.691  1.00 30.09 ? 105 LEU A O   1 
ATOM   868  C CB  . LEU A 1 110 ? -6.461  0.589   7.863   1.00 33.36 ? 105 LEU A CB  1 
ATOM   869  C CG  . LEU A 1 110 ? -6.930  2.038   7.711   1.00 32.33 ? 105 LEU A CG  1 
ATOM   870  C CD1 . LEU A 1 110 ? -7.860  2.439   8.837   1.00 32.42 ? 105 LEU A CD1 1 
ATOM   871  C CD2 . LEU A 1 110 ? -5.750  2.987   7.605   1.00 23.95 ? 105 LEU A CD2 1 
ATOM   872  N N   . ASN A 1 111 ? -5.082  1.057   11.101  1.00 29.52 ? 106 ASN A N   1 
ATOM   873  C CA  . ASN A 1 111 ? -5.463  1.155   12.499  1.00 31.38 ? 106 ASN A CA  1 
ATOM   874  C C   . ASN A 1 111 ? -5.179  2.557   13.022  1.00 30.71 ? 106 ASN A C   1 
ATOM   875  O O   . ASN A 1 111 ? -4.543  3.386   12.367  1.00 31.45 ? 106 ASN A O   1 
ATOM   876  C CB  . ASN A 1 111 ? -4.769  0.091   13.356  1.00 32.93 ? 106 ASN A CB  1 
ATOM   877  C CG  . ASN A 1 111 ? -3.269  0.247   13.389  1.00 33.39 ? 106 ASN A CG  1 
ATOM   878  O OD1 . ASN A 1 111 ? -2.742  1.122   14.074  1.00 35.86 ? 106 ASN A OD1 1 
ATOM   879  N ND2 . ASN A 1 111 ? -2.568  -0.623  12.665  1.00 36.57 ? 106 ASN A ND2 1 
ATOM   880  N N   . PHE A 1 112 ? -5.695  2.818   14.210  1.00 30.07 ? 107 PHE A N   1 
ATOM   881  C CA  . PHE A 1 112 ? -5.651  4.148   14.796  1.00 34.69 ? 107 PHE A CA  1 
ATOM   882  C C   . PHE A 1 112 ? -4.747  4.199   16.017  1.00 39.11 ? 107 PHE A C   1 
ATOM   883  O O   . PHE A 1 112 ? -4.865  5.113   16.837  1.00 37.63 ? 107 PHE A O   1 
ATOM   884  C CB  . PHE A 1 112 ? -7.063  4.603   15.148  1.00 27.50 ? 107 PHE A CB  1 
ATOM   885  C CG  . PHE A 1 112 ? -8.005  4.579   13.993  1.00 27.78 ? 107 PHE A CG  1 
ATOM   886  C CD1 . PHE A 1 112 ? -7.554  4.835   12.705  1.00 24.18 ? 107 PHE A CD1 1 
ATOM   887  C CD2 . PHE A 1 112 ? -9.348  4.308   14.188  1.00 29.46 ? 107 PHE A CD2 1 
ATOM   888  C CE1 . PHE A 1 112 ? -8.427  4.818   11.629  1.00 23.96 ? 107 PHE A CE1 1 
ATOM   889  C CE2 . PHE A 1 112 ? -10.229 4.299   13.122  1.00 30.24 ? 107 PHE A CE2 1 
ATOM   890  C CZ  . PHE A 1 112 ? -9.768  4.548   11.838  1.00 35.23 ? 107 PHE A CZ  1 
ATOM   891  N N   . LEU A 1 113 ? -3.837  3.234   16.140  1.00 41.77 ? 108 LEU A N   1 
ATOM   892  C CA  . LEU A 1 113 ? -2.957  3.180   17.298  1.00 47.34 ? 108 LEU A CA  1 
ATOM   893  C C   . LEU A 1 113 ? -1.973  4.342   17.302  1.00 51.72 ? 108 LEU A C   1 
ATOM   894  O O   . LEU A 1 113 ? -1.631  4.869   18.366  1.00 58.92 ? 108 LEU A O   1 
ATOM   895  C CB  . LEU A 1 113 ? -2.224  1.842   17.311  1.00 49.65 ? 108 LEU A CB  1 
ATOM   896  C CG  . LEU A 1 113 ? -3.185  0.651   17.318  1.00 49.90 ? 108 LEU A CG  1 
ATOM   897  C CD1 . LEU A 1 113 ? -2.460  -0.640  16.959  1.00 47.92 ? 108 LEU A CD1 1 
ATOM   898  C CD2 . LEU A 1 113 ? -3.870  0.546   18.682  1.00 46.80 ? 108 LEU A CD2 1 
ATOM   899  N N   . GLN A 1 114 ? -1.509  4.757   16.126  1.00 46.02 ? 109 GLN A N   1 
ATOM   900  C CA  . GLN A 1 114 ? -0.594  5.878   15.998  1.00 44.86 ? 109 GLN A CA  1 
ATOM   901  C C   . GLN A 1 114 ? -1.152  6.893   15.010  1.00 41.98 ? 109 GLN A C   1 
ATOM   902  O O   . GLN A 1 114 ? -1.946  6.552   14.129  1.00 38.42 ? 109 GLN A O   1 
ATOM   903  C CB  . GLN A 1 114 ? 0.788   5.421   15.533  1.00 44.49 ? 109 GLN A CB  1 
ATOM   904  C CG  . GLN A 1 114 ? 1.318   4.198   16.248  1.00 48.05 ? 109 GLN A CG  1 
ATOM   905  C CD  . GLN A 1 114 ? 2.678   3.787   15.728  1.00 56.61 ? 109 GLN A CD  1 
ATOM   906  O OE1 . GLN A 1 114 ? 3.521   4.636   15.439  1.00 61.92 ? 109 GLN A OE1 1 
ATOM   907  N NE2 . GLN A 1 114 ? 2.897   2.481   15.591  1.00 57.59 ? 109 GLN A NE2 1 
ATOM   908  N N   . GLU A 1 115 ? -0.729  8.153   15.174  1.00 29.53 ? 110 GLU A N   1 
ATOM   909  C CA  . GLU A 1 115 ? -1.023  9.177   14.171  1.00 32.77 ? 110 GLU A CA  1 
ATOM   910  C C   . GLU A 1 115 ? -0.479  8.773   12.801  1.00 30.87 ? 110 GLU A C   1 
ATOM   911  O O   . GLU A 1 115 ? -1.120  9.019   11.769  1.00 25.80 ? 110 GLU A O   1 
ATOM   912  C CB  . GLU A 1 115 ? -0.442  10.528  14.617  1.00 36.20 ? 110 GLU A CB  1 
ATOM   913  C CG  . GLU A 1 115 ? -0.910  11.758  13.823  1.00 47.13 ? 110 GLU A CG  1 
ATOM   914  C CD  . GLU A 1 115 ? -0.359  11.812  12.403  1.00 64.57 ? 110 GLU A CD  1 
ATOM   915  O OE1 . GLU A 1 115 ? 0.872   11.685  12.231  1.00 71.53 ? 110 GLU A OE1 1 
ATOM   916  O OE2 . GLU A 1 115 ? -1.165  11.956  11.455  1.00 66.90 ? 110 GLU A OE2 1 
ATOM   917  N N   . SER A 1 116 ? 0.705   8.165   12.766  1.00 31.57 ? 111 SER A N   1 
ATOM   918  C CA  . SER A 1 116 ? 1.276   7.682   11.511  1.00 31.52 ? 111 SER A CA  1 
ATOM   919  C C   . SER A 1 116 ? 2.166   6.486   11.792  1.00 35.46 ? 111 SER A C   1 
ATOM   920  O O   . SER A 1 116 ? 2.805   6.401   12.846  1.00 34.31 ? 111 SER A O   1 
ATOM   921  C CB  . SER A 1 116 ? 2.090   8.761   10.796  1.00 32.33 ? 111 SER A CB  1 
ATOM   922  O OG  . SER A 1 116 ? 3.074   9.292   11.666  1.00 36.20 ? 111 SER A OG  1 
ATOM   923  N N   . TYR A 1 117 ? 2.229   5.574   10.827  1.00 26.05 ? 112 TYR A N   1 
ATOM   924  C CA  . TYR A 1 117 ? 3.050   4.396   11.025  1.00 25.92 ? 112 TYR A CA  1 
ATOM   925  C C   . TYR A 1 117 ? 3.360   3.800   9.668   1.00 25.45 ? 112 TYR A C   1 
ATOM   926  O O   . TYR A 1 117 ? 2.572   3.922   8.728   1.00 23.15 ? 112 TYR A O   1 
ATOM   927  C CB  . TYR A 1 117 ? 2.362   3.370   11.939  1.00 24.38 ? 112 TYR A CB  1 
ATOM   928  C CG  . TYR A 1 117 ? 1.043   2.855   11.404  1.00 26.84 ? 112 TYR A CG  1 
ATOM   929  C CD1 . TYR A 1 117 ? 0.984   1.669   10.680  1.00 27.93 ? 112 TYR A CD1 1 
ATOM   930  C CD2 . TYR A 1 117 ? -0.142  3.567   11.600  1.00 26.06 ? 112 TYR A CD2 1 
ATOM   931  C CE1 . TYR A 1 117 ? -0.220  1.190   10.180  1.00 24.70 ? 112 TYR A CE1 1 
ATOM   932  C CE2 . TYR A 1 117 ? -1.358  3.095   11.100  1.00 26.80 ? 112 TYR A CE2 1 
ATOM   933  C CZ  . TYR A 1 117 ? -1.387  1.902   10.394  1.00 29.07 ? 112 TYR A CZ  1 
ATOM   934  O OH  . TYR A 1 117 ? -2.576  1.415   9.896   1.00 22.30 ? 112 TYR A OH  1 
ATOM   935  N N   . GLU A 1 118 ? 4.520   3.167   9.579   1.00 27.06 ? 113 GLU A N   1 
ATOM   936  C CA  . GLU A 1 118 ? 5.019   2.606   8.333   1.00 24.78 ? 113 GLU A CA  1 
ATOM   937  C C   . GLU A 1 118 ? 5.232   1.111   8.516   1.00 30.63 ? 113 GLU A C   1 
ATOM   938  O O   . GLU A 1 118 ? 5.637   0.666   9.594   1.00 30.14 ? 113 GLU A O   1 
ATOM   939  C CB  . GLU A 1 118 ? 6.326   3.292   7.918   1.00 28.75 ? 113 GLU A CB  1 
ATOM   940  C CG  . GLU A 1 118 ? 6.228   4.800   7.729   1.00 32.24 ? 113 GLU A CG  1 
ATOM   941  C CD  . GLU A 1 118 ? 6.126   5.559   9.051   1.00 46.69 ? 113 GLU A CD  1 
ATOM   942  O OE1 . GLU A 1 118 ? 5.173   6.350   9.222   1.00 44.40 ? 113 GLU A OE1 1 
ATOM   943  O OE2 . GLU A 1 118 ? 6.992   5.348   9.924   1.00 48.80 ? 113 GLU A OE2 1 
ATOM   944  N N   . VAL A 1 119 ? 4.947   0.335   7.469   1.00 25.10 ? 114 VAL A N   1 
ATOM   945  C CA  . VAL A 1 119 ? 5.103   -1.115  7.490   1.00 25.90 ? 114 VAL A CA  1 
ATOM   946  C C   . VAL A 1 119 ? 5.847   -1.521  6.226   1.00 28.34 ? 114 VAL A C   1 
ATOM   947  O O   . VAL A 1 119 ? 5.545   -1.022  5.141   1.00 22.03 ? 114 VAL A O   1 
ATOM   948  C CB  . VAL A 1 119 ? 3.744   -1.838  7.570   1.00 24.05 ? 114 VAL A CB  1 
ATOM   949  C CG1 . VAL A 1 119 ? 3.942   -3.337  7.617   1.00 30.61 ? 114 VAL A CG1 1 
ATOM   950  C CG2 . VAL A 1 119 ? 2.946   -1.356  8.794   1.00 32.66 ? 114 VAL A CG2 1 
ATOM   951  N N   . GLU A 1 120 ? 6.815   -2.421  6.357   1.00 29.67 ? 115 GLU A N   1 
ATOM   952  C CA  . GLU A 1 120 ? 7.606   -2.829  5.210   1.00 26.94 ? 115 GLU A CA  1 
ATOM   953  C C   . GLU A 1 120 ? 7.244   -4.249  4.794   1.00 31.48 ? 115 GLU A C   1 
ATOM   954  O O   . GLU A 1 120 ? 6.987   -5.111  5.639   1.00 29.62 ? 115 GLU A O   1 
ATOM   955  C CB  . GLU A 1 120 ? 9.096   -2.692  5.519   1.00 29.79 ? 115 GLU A CB  1 
ATOM   956  C CG  . GLU A 1 120 ? 9.526   -1.236  5.516   1.00 30.71 ? 115 GLU A CG  1 
ATOM   957  C CD  . GLU A 1 120 ? 10.843  -0.993  6.213   1.00 39.13 ? 115 GLU A CD  1 
ATOM   958  O OE1 . GLU A 1 120 ? 11.644  -1.945  6.316   1.00 42.20 ? 115 GLU A OE1 1 
ATOM   959  O OE2 . GLU A 1 120 ? 11.076  0.155   6.655   1.00 44.10 ? 115 GLU A OE2 1 
ATOM   960  N N   . HIS A 1 121 ? 7.177   -4.479  3.485   1.00 23.74 ? 116 HIS A N   1 
ATOM   961  C CA  . HIS A 1 121 ? 6.895   -5.804  2.959   1.00 24.38 ? 116 HIS A CA  1 
ATOM   962  C C   . HIS A 1 121 ? 7.896   -6.115  1.865   1.00 24.86 ? 116 HIS A C   1 
ATOM   963  O O   . HIS A 1 121 ? 8.252   -5.238  1.071   1.00 20.98 ? 116 HIS A O   1 
ATOM   964  C CB  . HIS A 1 121 ? 5.474   -5.911  2.395   1.00 25.98 ? 116 HIS A CB  1 
ATOM   965  C CG  . HIS A 1 121 ? 4.408   -5.728  3.425   1.00 33.47 ? 116 HIS A CG  1 
ATOM   966  N ND1 . HIS A 1 121 ? 3.905   -6.776  4.167   1.00 34.24 ? 116 HIS A ND1 1 
ATOM   967  C CD2 . HIS A 1 121 ? 3.756   -4.618  3.846   1.00 32.42 ? 116 HIS A CD2 1 
ATOM   968  C CE1 . HIS A 1 121 ? 2.982   -6.318  4.997   1.00 36.71 ? 116 HIS A CE1 1 
ATOM   969  N NE2 . HIS A 1 121 ? 2.878   -5.012  4.826   1.00 34.56 ? 116 HIS A NE2 1 
ATOM   970  N N   . VAL A 1 122 ? 8.340   -7.367  1.837   1.00 24.26 ? 117 VAL A N   1 
ATOM   971  C CA  . VAL A 1 122 ? 9.261   -7.863  0.825   1.00 23.18 ? 117 VAL A CA  1 
ATOM   972  C C   . VAL A 1 122 ? 8.447   -8.583  -0.236  1.00 18.49 ? 117 VAL A C   1 
ATOM   973  O O   . VAL A 1 122 ? 7.609   -9.433  0.087   1.00 24.05 ? 117 VAL A O   1 
ATOM   974  C CB  . VAL A 1 122 ? 10.315  -8.795  1.450   1.00 23.56 ? 117 VAL A CB  1 
ATOM   975  C CG1 . VAL A 1 122 ? 11.269  -9.301  0.385   1.00 27.39 ? 117 VAL A CG1 1 
ATOM   976  C CG2 . VAL A 1 122 ? 11.082  -8.071  2.544   1.00 24.30 ? 117 VAL A CG2 1 
ATOM   977  N N   . ILE A 1 123 ? 8.667   -8.238  -1.496  1.00 19.30 ? 118 ILE A N   1 
ATOM   978  C CA  . ILE A 1 123 ? 8.040   -8.969  -2.585  1.00 20.77 ? 118 ILE A CA  1 
ATOM   979  C C   . ILE A 1 123 ? 9.124   -9.507  -3.509  1.00 18.43 ? 118 ILE A C   1 
ATOM   980  O O   . ILE A 1 123 ? 10.216  -8.940  -3.620  1.00 18.00 ? 118 ILE A O   1 
ATOM   981  C CB  . ILE A 1 123 ? 7.039   -8.104  -3.370  1.00 17.81 ? 118 ILE A CB  1 
ATOM   982  C CG1 . ILE A 1 123 ? 7.727   -6.885  -3.975  1.00 18.92 ? 118 ILE A CG1 1 
ATOM   983  C CG2 . ILE A 1 123 ? 5.874   -7.686  -2.468  1.00 27.80 ? 118 ILE A CG2 1 
ATOM   984  C CD1 . ILE A 1 123 ? 6.811   -6.023  -4.829  1.00 20.79 ? 118 ILE A CD1 1 
ATOM   985  N N   . GLN A 1 124 ? 8.810   -10.622 -4.163  1.00 22.36 ? 119 GLN A N   1 
ATOM   986  C CA  . GLN A 1 124 ? 9.674   -11.245 -5.162  1.00 20.42 ? 119 GLN A CA  1 
ATOM   987  C C   . GLN A 1 124 ? 9.195   -10.821 -6.547  1.00 18.75 ? 119 GLN A C   1 
ATOM   988  O O   . GLN A 1 124 ? 8.001   -10.917 -6.852  1.00 22.23 ? 119 GLN A O   1 
ATOM   989  C CB  . GLN A 1 124 ? 9.652   -12.769 -5.027  1.00 23.70 ? 119 GLN A CB  1 
ATOM   990  C CG  . GLN A 1 124 ? 10.695  -13.337 -4.094  1.00 37.10 ? 119 GLN A CG  1 
ATOM   991  C CD  . GLN A 1 124 ? 10.667  -14.850 -4.067  1.00 49.76 ? 119 GLN A CD  1 
ATOM   992  O OE1 . GLN A 1 124 ? 9.643   -15.469 -4.358  1.00 53.13 ? 119 GLN A OE1 1 
ATOM   993  N NE2 . GLN A 1 124 ? 11.798  -15.455 -3.729  1.00 57.98 ? 119 GLN A NE2 1 
ATOM   994  N N   . ILE A 1 125 ? 10.120  -10.326 -7.365  1.00 18.20 ? 120 ILE A N   1 
ATOM   995  C CA  . ILE A 1 125 ? 9.798   -9.741  -8.663  1.00 17.52 ? 120 ILE A CA  1 
ATOM   996  C C   . ILE A 1 125 ? 10.569  -10.468 -9.757  1.00 20.89 ? 120 ILE A C   1 
ATOM   997  O O   . ILE A 1 125 ? 11.792  -10.626 -9.647  1.00 19.89 ? 120 ILE A O   1 
ATOM   998  C CB  . ILE A 1 125 ? 10.132  -8.245  -8.685  1.00 17.77 ? 120 ILE A CB  1 
ATOM   999  C CG1 . ILE A 1 125 ? 9.408   -7.519  -7.539  1.00 21.24 ? 120 ILE A CG1 1 
ATOM   1000 C CG2 . ILE A 1 125 ? 9.799   -7.645  -10.055 1.00 15.94 ? 120 ILE A CG2 1 
ATOM   1001 C CD1 . ILE A 1 125 ? 9.944   -6.142  -7.271  1.00 20.64 ? 120 ILE A CD1 1 
ATOM   1002 N N   . PRO A 1 126 ? 9.912   -10.912 -10.821 1.00 18.76 ? 121 PRO A N   1 
ATOM   1003 C CA  . PRO A 1 126 ? 10.626  -11.639 -11.881 1.00 19.64 ? 121 PRO A CA  1 
ATOM   1004 C C   . PRO A 1 126 ? 11.558  -10.734 -12.673 1.00 21.68 ? 121 PRO A C   1 
ATOM   1005 O O   . PRO A 1 126 ? 11.444  -9.507  -12.669 1.00 17.87 ? 121 PRO A O   1 
ATOM   1006 C CB  . PRO A 1 126 ? 9.503   -12.181 -12.766 1.00 19.99 ? 121 PRO A CB  1 
ATOM   1007 C CG  . PRO A 1 126 ? 8.332   -11.304 -12.477 1.00 25.46 ? 121 PRO A CG  1 
ATOM   1008 C CD  . PRO A 1 126 ? 8.456   -10.887 -11.037 1.00 17.14 ? 121 PRO A CD  1 
ATOM   1009 N N   . LEU A 1 127 ? 12.491  -11.378 -13.386 1.00 18.34 ? 122 LEU A N   1 
ATOM   1010 C CA  . LEU A 1 127 ? 13.530  -10.693 -14.147 1.00 18.97 ? 122 LEU A CA  1 
ATOM   1011 C C   . LEU A 1 127 ? 13.411  -10.963 -15.642 1.00 24.82 ? 122 LEU A C   1 
ATOM   1012 O O   . LEU A 1 127 ? 14.417  -10.963 -16.359 1.00 20.94 ? 122 LEU A O   1 
ATOM   1013 C CB  . LEU A 1 127 ? 14.912  -11.121 -13.643 1.00 18.91 ? 122 LEU A CB  1 
ATOM   1014 C CG  . LEU A 1 127 ? 15.244  -10.711 -12.213 1.00 21.34 ? 122 LEU A CG  1 
ATOM   1015 C CD1 . LEU A 1 127 ? 16.571  -11.356 -11.765 1.00 21.78 ? 122 LEU A CD1 1 
ATOM   1016 C CD2 . LEU A 1 127 ? 15.288  -9.189  -12.103 1.00 21.55 ? 122 LEU A CD2 1 
ATOM   1017 N N   . ASN A 1 128 ? 12.197  -11.210 -16.130 1.00 21.53 ? 123 ASN A N   1 
ATOM   1018 C CA  . ASN A 1 128 ? 12.005  -11.650 -17.506 1.00 23.93 ? 123 ASN A CA  1 
ATOM   1019 C C   . ASN A 1 128 ? 11.259  -10.637 -18.367 1.00 22.70 ? 123 ASN A C   1 
ATOM   1020 O O   . ASN A 1 128 ? 10.890  -10.962 -19.499 1.00 19.45 ? 123 ASN A O   1 
ATOM   1021 C CB  . ASN A 1 128 ? 11.279  -12.995 -17.531 1.00 26.72 ? 123 ASN A CB  1 
ATOM   1022 C CG  . ASN A 1 128 ? 9.908   -12.932 -16.897 1.00 28.12 ? 123 ASN A CG  1 
ATOM   1023 O OD1 . ASN A 1 128 ? 9.543   -11.939 -16.259 1.00 21.22 ? 123 ASN A OD1 1 
ATOM   1024 N ND2 . ASN A 1 128 ? 9.139   -14.002 -17.059 1.00 28.90 ? 123 ASN A ND2 1 
ATOM   1025 N N   . LYS A 1 129 ? 11.028  -9.428  -17.865 1.00 18.57 ? 124 LYS A N   1 
ATOM   1026 C CA  . LYS A 1 129 ? 10.349  -8.376  -18.620 1.00 16.04 ? 124 LYS A CA  1 
ATOM   1027 C C   . LYS A 1 129 ? 11.281  -7.180  -18.752 1.00 18.12 ? 124 LYS A C   1 
ATOM   1028 O O   . LYS A 1 129 ? 11.481  -6.444  -17.770 1.00 18.59 ? 124 LYS A O   1 
ATOM   1029 C CB  . LYS A 1 129 ? 9.044   -7.966  -17.931 1.00 16.65 ? 124 LYS A CB  1 
ATOM   1030 C CG  . LYS A 1 129 ? 7.994   -9.068  -17.898 1.00 18.36 ? 124 LYS A CG  1 
ATOM   1031 C CD  . LYS A 1 129 ? 7.511   -9.426  -19.314 1.00 18.79 ? 124 LYS A CD  1 
ATOM   1032 C CE  . LYS A 1 129 ? 6.244   -10.264 -19.291 1.00 26.56 ? 124 LYS A CE  1 
ATOM   1033 N NZ  . LYS A 1 129 ? 6.453   -11.567 -18.621 1.00 33.77 ? 124 LYS A NZ  1 
ATOM   1034 N N   . PRO A 1 130 ? 11.851  -6.940  -19.937 1.00 20.66 ? 125 PRO A N   1 
ATOM   1035 C CA  . PRO A 1 130 ? 12.893  -5.901  -20.075 1.00 21.60 ? 125 PRO A CA  1 
ATOM   1036 C C   . PRO A 1 130 ? 12.582  -4.557  -19.428 1.00 18.03 ? 125 PRO A C   1 
ATOM   1037 O O   . PRO A 1 130 ? 13.447  -3.991  -18.751 1.00 17.34 ? 125 PRO A O   1 
ATOM   1038 C CB  . PRO A 1 130 ? 13.019  -5.778  -21.600 1.00 21.19 ? 125 PRO A CB  1 
ATOM   1039 C CG  . PRO A 1 130 ? 12.752  -7.177  -22.079 1.00 23.22 ? 125 PRO A CG  1 
ATOM   1040 C CD  . PRO A 1 130 ? 11.678  -7.726  -21.172 1.00 20.98 ? 125 PRO A CD  1 
ATOM   1041 N N   . LEU A 1 131 ? 11.377  -4.016  -19.627 1.00 17.30 ? 126 LEU A N   1 
ATOM   1042 C CA  . LEU A 1 131 ? 11.092  -2.691  -19.077 1.00 15.14 ? 126 LEU A CA  1 
ATOM   1043 C C   . LEU A 1 131 ? 11.016  -2.719  -17.558 1.00 15.96 ? 126 LEU A C   1 
ATOM   1044 O O   . LEU A 1 131 ? 11.385  -1.737  -16.903 1.00 16.64 ? 126 LEU A O   1 
ATOM   1045 C CB  . LEU A 1 131 ? 9.795   -2.133  -19.656 1.00 18.71 ? 126 LEU A CB  1 
ATOM   1046 C CG  . LEU A 1 131 ? 9.799   -1.734  -21.134 1.00 18.85 ? 126 LEU A CG  1 
ATOM   1047 C CD1 . LEU A 1 131 ? 8.465   -1.034  -21.445 1.00 19.74 ? 126 LEU A CD1 1 
ATOM   1048 C CD2 . LEU A 1 131 ? 10.990  -0.847  -21.482 1.00 26.86 ? 126 LEU A CD2 1 
ATOM   1049 N N   . LEU A 1 132 ? 10.530  -3.821  -16.984 1.00 12.63 ? 127 LEU A N   1 
ATOM   1050 C CA  . LEU A 1 132 ? 10.514  -3.954  -15.530 1.00 14.51 ? 127 LEU A CA  1 
ATOM   1051 C C   . LEU A 1 132 ? 11.923  -4.132  -14.988 1.00 15.30 ? 127 LEU A C   1 
ATOM   1052 O O   . LEU A 1 132 ? 12.274  -3.568  -13.946 1.00 15.38 ? 127 LEU A O   1 
ATOM   1053 C CB  . LEU A 1 132 ? 9.636   -5.139  -15.130 1.00 15.38 ? 127 LEU A CB  1 
ATOM   1054 C CG  . LEU A 1 132 ? 9.540   -5.474  -13.628 1.00 15.74 ? 127 LEU A CG  1 
ATOM   1055 C CD1 . LEU A 1 132 ? 9.133   -4.269  -12.785 1.00 14.81 ? 127 LEU A CD1 1 
ATOM   1056 C CD2 . LEU A 1 132 ? 8.562   -6.627  -13.394 1.00 15.82 ? 127 LEU A CD2 1 
ATOM   1057 N N   . THR A 1 133 ? 12.748  -4.894  -15.700 1.00 17.37 ? 128 THR A N   1 
ATOM   1058 C CA  . THR A 1 133 ? 14.120  -5.129  -15.261 1.00 19.27 ? 128 THR A CA  1 
ATOM   1059 C C   . THR A 1 133 ? 14.926  -3.835  -15.254 1.00 17.99 ? 128 THR A C   1 
ATOM   1060 O O   . THR A 1 133 ? 15.693  -3.581  -14.323 1.00 19.72 ? 128 THR A O   1 
ATOM   1061 C CB  . THR A 1 133 ? 14.759  -6.187  -16.158 1.00 16.36 ? 128 THR A CB  1 
ATOM   1062 O OG1 . THR A 1 133 ? 13.982  -7.391  -16.074 1.00 18.92 ? 128 THR A OG1 1 
ATOM   1063 C CG2 . THR A 1 133 ? 16.214  -6.477  -15.724 1.00 22.41 ? 128 THR A CG2 1 
ATOM   1064 N N   . GLU A 1 134 ? 14.732  -2.983  -16.264 1.00 19.54 ? 129 GLU A N   1 
ATOM   1065 C CA  . GLU A 1 134 ? 15.409  -1.689  -16.276 1.00 21.09 ? 129 GLU A CA  1 
ATOM   1066 C C   . GLU A 1 134 ? 14.928  -0.798  -15.146 1.00 26.24 ? 129 GLU A C   1 
ATOM   1067 O O   . GLU A 1 134 ? 15.708  -0.026  -14.576 1.00 25.82 ? 129 GLU A O   1 
ATOM   1068 C CB  . GLU A 1 134 ? 15.195  -0.998  -17.619 1.00 24.39 ? 129 GLU A CB  1 
ATOM   1069 C CG  . GLU A 1 134 ? 15.927  -1.692  -18.746 1.00 27.82 ? 129 GLU A CG  1 
ATOM   1070 C CD  . GLU A 1 134 ? 15.891  -0.900  -20.041 1.00 41.78 ? 129 GLU A CD  1 
ATOM   1071 O OE1 . GLU A 1 134 ? 15.228  0.157   -20.069 1.00 41.41 ? 129 GLU A OE1 1 
ATOM   1072 O OE2 . GLU A 1 134 ? 16.524  -1.339  -21.025 1.00 42.29 ? 129 GLU A OE2 1 
ATOM   1073 N N   . GLU A 1 135 ? 13.642  -0.879  -14.818 1.00 17.45 ? 130 GLU A N   1 
ATOM   1074 C CA  . GLU A 1 135 ? 13.125  -0.079  -13.717 1.00 17.97 ? 130 GLU A CA  1 
ATOM   1075 C C   . GLU A 1 135 ? 13.679  -0.570  -12.385 1.00 19.30 ? 130 GLU A C   1 
ATOM   1076 O O   . GLU A 1 135 ? 14.040  0.236   -11.512 1.00 24.66 ? 130 GLU A O   1 
ATOM   1077 C CB  . GLU A 1 135 ? 11.597  -0.128  -13.752 1.00 20.40 ? 130 GLU A CB  1 
ATOM   1078 C CG  . GLU A 1 135 ? 10.898  1.069   -13.183 1.00 28.29 ? 130 GLU A CG  1 
ATOM   1079 C CD  . GLU A 1 135 ? 11.202  2.354   -13.933 1.00 27.79 ? 130 GLU A CD  1 
ATOM   1080 O OE1 . GLU A 1 135 ? 11.528  2.313   -15.141 1.00 26.33 ? 130 GLU A OE1 1 
ATOM   1081 O OE2 . GLU A 1 135 ? 11.099  3.414   -13.294 1.00 31.59 ? 130 GLU A OE2 1 
ATOM   1082 N N   . LEU A 1 136 ? 13.809  -1.890  -12.234 1.00 20.00 ? 131 LEU A N   1 
ATOM   1083 C CA  . LEU A 1 136 ? 14.310  -2.454  -10.984 1.00 22.86 ? 131 LEU A CA  1 
ATOM   1084 C C   . LEU A 1 136 ? 15.728  -1.998  -10.677 1.00 25.04 ? 131 LEU A C   1 
ATOM   1085 O O   . LEU A 1 136 ? 16.129  -1.970  -9.507  1.00 27.11 ? 131 LEU A O   1 
ATOM   1086 C CB  . LEU A 1 136 ? 14.267  -3.978  -11.040 1.00 20.48 ? 131 LEU A CB  1 
ATOM   1087 C CG  . LEU A 1 136 ? 12.909  -4.629  -10.837 1.00 24.53 ? 131 LEU A CG  1 
ATOM   1088 C CD1 . LEU A 1 136 ? 12.977  -6.074  -11.288 1.00 15.75 ? 131 LEU A CD1 1 
ATOM   1089 C CD2 . LEU A 1 136 ? 12.509  -4.533  -9.372  1.00 18.49 ? 131 LEU A CD2 1 
ATOM   1090 N N   . ALA A 1 137 ? 16.506  -1.652  -11.706 1.00 23.75 ? 132 ALA A N   1 
ATOM   1091 C CA  . ALA A 1 137 ? 17.883  -1.223  -11.486 1.00 28.01 ? 132 ALA A CA  1 
ATOM   1092 C C   . ALA A 1 137 ? 17.971  0.054   -10.663 1.00 30.26 ? 132 ALA A C   1 
ATOM   1093 O O   . ALA A 1 137 ? 18.997  0.287   -10.021 1.00 33.08 ? 132 ALA A O   1 
ATOM   1094 C CB  . ALA A 1 137 ? 18.599  -1.033  -12.829 1.00 27.78 ? 132 ALA A CB  1 
ATOM   1095 N N   . LYS A 1 138 ? 16.914  0.874   -10.642 1.00 28.95 ? 133 LYS A N   1 
ATOM   1096 C CA  . LYS A 1 138 ? 16.932  2.099   -9.844  1.00 29.15 ? 133 LYS A CA  1 
ATOM   1097 C C   . LYS A 1 138 ? 16.961  1.834   -8.344  1.00 33.00 ? 133 LYS A C   1 
ATOM   1098 O O   . LYS A 1 138 ? 17.366  2.714   -7.582  1.00 34.44 ? 133 LYS A O   1 
ATOM   1099 C CB  . LYS A 1 138 ? 15.709  2.964   -10.157 1.00 31.35 ? 133 LYS A CB  1 
ATOM   1100 C CG  . LYS A 1 138 ? 15.526  3.313   -11.624 1.00 37.08 ? 133 LYS A CG  1 
ATOM   1101 C CD  . LYS A 1 138 ? 14.269  4.148   -11.812 1.00 37.06 ? 133 LYS A CD  1 
ATOM   1102 C CE  . LYS A 1 138 ? 14.083  4.572   -13.255 1.00 41.64 ? 133 LYS A CE  1 
ATOM   1103 N NZ  . LYS A 1 138 ? 12.829  5.362   -13.390 1.00 44.16 ? 133 LYS A NZ  1 
ATOM   1104 N N   . SER A 1 139 ? 16.530  0.658   -7.897  1.00 29.75 ? 134 SER A N   1 
ATOM   1105 C CA  . SER A 1 139 ? 16.361  0.396   -6.474  1.00 29.80 ? 134 SER A CA  1 
ATOM   1106 C C   . SER A 1 139 ? 17.344  -0.626  -5.915  1.00 31.73 ? 134 SER A C   1 
ATOM   1107 O O   . SER A 1 139 ? 17.287  -0.925  -4.718  1.00 34.39 ? 134 SER A O   1 
ATOM   1108 C CB  . SER A 1 139 ? 14.923  -0.063  -6.192  1.00 30.13 ? 134 SER A CB  1 
ATOM   1109 O OG  . SER A 1 139 ? 14.518  -1.096  -7.082  1.00 26.92 ? 134 SER A OG  1 
ATOM   1110 N N   . GLY A 1 140 ? 18.237  -1.168  -6.725  1.00 27.48 ? 135 GLY A N   1 
ATOM   1111 C CA  . GLY A 1 140 ? 19.203  -2.115  -6.213  1.00 33.41 ? 135 GLY A CA  1 
ATOM   1112 C C   . GLY A 1 140 ? 19.715  -3.013  -7.322  1.00 27.92 ? 135 GLY A C   1 
ATOM   1113 O O   . GLY A 1 140 ? 19.438  -2.801  -8.499  1.00 27.88 ? 135 GLY A O   1 
ATOM   1114 N N   . SER A 1 141 ? 20.475  -4.019  -6.906  1.00 32.21 ? 136 SER A N   1 
ATOM   1115 C CA  . SER A 1 141 ? 21.053  -4.957  -7.856  1.00 35.98 ? 136 SER A CA  1 
ATOM   1116 C C   . SER A 1 141 ? 19.972  -5.849  -8.455  1.00 33.99 ? 136 SER A C   1 
ATOM   1117 O O   . SER A 1 141 ? 18.929  -6.104  -7.842  1.00 32.69 ? 136 SER A O   1 
ATOM   1118 C CB  . SER A 1 141 ? 22.130  -5.812  -7.179  1.00 35.34 ? 136 SER A CB  1 
ATOM   1119 O OG  . SER A 1 141 ? 21.622  -6.452  -6.019  1.00 41.79 ? 136 SER A OG  1 
ATOM   1120 N N   . THR A 1 142 ? 20.237  -6.323  -9.667  1.00 27.76 ? 137 THR A N   1 
ATOM   1121 C CA  . THR A 1 142 ? 19.309  -7.168  -10.407 1.00 29.81 ? 137 THR A CA  1 
ATOM   1122 C C   . THR A 1 142 ? 20.024  -8.424  -10.917 1.00 35.60 ? 137 THR A C   1 
ATOM   1123 O O   . THR A 1 142 ? 21.241  -8.413  -11.131 1.00 34.37 ? 137 THR A O   1 
ATOM   1124 C CB  . THR A 1 142 ? 18.699  -6.409  -11.586 1.00 32.01 ? 137 THR A CB  1 
ATOM   1125 O OG1 . THR A 1 142 ? 19.744  -5.753  -12.313 1.00 30.97 ? 137 THR A OG1 1 
ATOM   1126 C CG2 . THR A 1 142 ? 17.714  -5.363  -11.090 1.00 27.04 ? 137 THR A CG2 1 
ATOM   1127 O OXT . THR A 1 142 ? 19.413  -9.474  -11.127 1.00 31.68 ? 137 THR A OXT 1 
HETATM 1128 C C   . ACE B 2 1   ? -9.576  4.570   19.350  1.00 52.75 ? 4   ACE B C   1 
HETATM 1129 O O   . ACE B 2 1   ? -9.801  4.247   18.186  1.00 46.93 ? 4   ACE B O   1 
HETATM 1130 C CH3 . ACE B 2 1   ? -10.715 4.968   20.284  1.00 54.46 ? 4   ACE B CH3 1 
ATOM   1131 N N   . GLN B 2 2   ? -8.347  4.599   19.871  1.00 50.86 ? 5   GLN B N   1 
ATOM   1132 C CA  . GLN B 2 2   ? -7.192  4.236   19.057  1.00 51.91 ? 5   GLN B CA  1 
ATOM   1133 C C   . GLN B 2 2   ? -7.159  2.750   18.717  1.00 46.63 ? 5   GLN B C   1 
ATOM   1134 O O   . GLN B 2 2   ? -6.480  2.363   17.758  1.00 47.76 ? 5   GLN B O   1 
ATOM   1135 C CB  . GLN B 2 2   ? -5.901  4.649   19.766  1.00 50.88 ? 5   GLN B CB  1 
ATOM   1136 C CG  . GLN B 2 2   ? -5.659  6.153   19.772  1.00 50.18 ? 5   GLN B CG  1 
ATOM   1137 C CD  . GLN B 2 2   ? -4.474  6.550   20.632  1.00 58.00 ? 5   GLN B CD  1 
ATOM   1138 O OE1 . GLN B 2 2   ? -3.651  7.374   20.233  1.00 56.28 ? 5   GLN B OE1 1 
ATOM   1139 N NE2 . GLN B 2 2   ? -4.382  5.966   21.824  1.00 60.05 ? 5   GLN B NE2 1 
ATOM   1140 N N   . THR B 2 3   ? -7.882  1.913   19.462  1.00 47.13 ? 6   THR B N   1 
ATOM   1141 C CA  . THR B 2 3   ? -7.957  0.487   19.170  1.00 49.50 ? 6   THR B CA  1 
ATOM   1142 C C   . THR B 2 3   ? -9.235  0.097   18.438  1.00 50.76 ? 6   THR B C   1 
ATOM   1143 O O   . THR B 2 3   ? -9.504  -1.099  18.291  1.00 48.56 ? 6   THR B O   1 
ATOM   1144 C CB  . THR B 2 3   ? -7.837  -0.339  20.456  1.00 52.21 ? 6   THR B CB  1 
ATOM   1145 O OG1 . THR B 2 3   ? -9.022  -0.180  21.247  1.00 55.56 ? 6   THR B OG1 1 
ATOM   1146 C CG2 . THR B 2 3   ? -6.631  0.103   21.268  1.00 53.07 ? 6   THR B CG2 1 
ATOM   1147 N N   . ALA B 2 4   ? -10.031 1.072   17.991  1.00 42.72 ? 7   ALA B N   1 
ATOM   1148 C CA  . ALA B 2 4   ? -11.260 0.771   17.263  1.00 43.94 ? 7   ALA B CA  1 
ATOM   1149 C C   . ALA B 2 4   ? -10.960 -0.049  16.014  1.00 44.51 ? 7   ALA B C   1 
ATOM   1150 O O   . ALA B 2 4   ? -10.052 0.279   15.244  1.00 42.32 ? 7   ALA B O   1 
ATOM   1151 C CB  . ALA B 2 4   ? -11.974 2.068   16.880  1.00 38.70 ? 7   ALA B CB  1 
ATOM   1152 N N   . ARG B 2 5   ? -11.717 -1.131  15.823  1.00 45.96 ? 8   ARG B N   1 
ATOM   1153 C CA  . ARG B 2 5   ? -11.518 -2.031  14.682  1.00 49.38 ? 8   ARG B CA  1 
ATOM   1154 C C   . ARG B 2 5   ? -12.842 -2.602  14.167  1.00 49.31 ? 8   ARG B C   1 
ATOM   1155 O O   . ARG B 2 5   ? -13.772 -2.818  14.946  1.00 44.44 ? 8   ARG B O   1 
ATOM   1156 C CB  . ARG B 2 5   ? -10.578 -3.179  15.059  1.00 50.48 ? 8   ARG B CB  1 
ATOM   1157 C CG  . ARG B 2 5   ? -9.210  -2.754  15.567  1.00 53.03 ? 8   ARG B CG  1 
ATOM   1158 C CD  . ARG B 2 5   ? -8.314  -3.958  15.746  1.00 64.34 ? 8   ARG B CD  1 
ATOM   1159 N NE  . ARG B 2 5   ? -8.275  -4.763  14.530  1.00 71.48 ? 8   ARG B NE  1 
ATOM   1160 C CZ  . ARG B 2 5   ? -7.474  -4.513  13.498  1.00 69.09 ? 8   ARG B CZ  1 
ATOM   1161 N NH1 . ARG B 2 5   ? -6.640  -3.480  13.539  1.00 58.65 ? 8   ARG B NH1 1 
ATOM   1162 N NH2 . ARG B 2 5   ? -7.505  -5.297  12.428  1.00 69.35 ? 8   ARG B NH2 1 
HETATM 1163 N N   . KCR B 2 6   ? -12.918 -2.852  12.861  1.00 44.82 ? 9   KCR B N   1 
HETATM 1164 C CA  . KCR B 2 6   ? -14.108 -3.445  12.251  1.00 56.67 ? 9   KCR B CA  1 
HETATM 1165 C CB  . KCR B 2 6   ? -14.282 -3.047  10.782  1.00 52.67 ? 9   KCR B CB  1 
HETATM 1166 C CG  . KCR B 2 6   ? -13.955 -1.581  10.543  1.00 46.31 ? 9   KCR B CG  1 
HETATM 1167 C CD  . KCR B 2 6   ? -14.724 -1.108  9.316   1.00 46.59 ? 9   KCR B CD  1 
HETATM 1168 C CE  . KCR B 2 6   ? -14.433 0.374   9.138   1.00 46.33 ? 9   KCR B CE  1 
HETATM 1169 N NZ  . KCR B 2 6   ? -15.303 0.926   8.119   1.00 47.27 ? 9   KCR B NZ  1 
HETATM 1170 C CH  . KCR B 2 6   ? -15.527 2.361   8.074   1.00 50.70 ? 9   KCR B CH  1 
HETATM 1171 O OH  . KCR B 2 6   ? -15.001 3.074   8.864   1.00 44.35 ? 9   KCR B OH  1 
HETATM 1172 C CX  . KCR B 2 6   ? -16.446 2.935   6.997   1.00 49.99 ? 9   KCR B CX  1 
HETATM 1173 C CY  . KCR B 2 6   ? -16.278 4.163   6.561   1.00 51.77 ? 9   KCR B CY  1 
HETATM 1174 C CH3 . KCR B 2 6   ? -17.208 4.711   5.482   1.00 57.17 ? 9   KCR B CH3 1 
HETATM 1175 C C   . KCR B 2 6   ? -14.063 -4.975  12.292  1.00 68.76 ? 9   KCR B C   1 
HETATM 1176 O O   . KCR B 2 6   ? -12.962 -5.584  12.356  1.00 69.63 ? 9   KCR B O   1 
ATOM   1177 N N   . SER B 2 7   ? -15.242 -5.590  12.233  1.00 70.77 ? 10  SER B N   1 
ATOM   1178 C CA  . SER B 2 7   ? -15.365 -7.041  12.192  1.00 75.79 ? 10  SER B CA  1 
ATOM   1179 C C   . SER B 2 7   ? -14.987 -7.590  10.814  1.00 78.27 ? 10  SER B C   1 
ATOM   1180 O O   . SER B 2 7   ? -15.125 -6.902  9.804   1.00 78.72 ? 10  SER B O   1 
ATOM   1181 C CB  . SER B 2 7   ? -16.788 -7.472  12.559  1.00 75.83 ? 10  SER B CB  1 
ATOM   1182 O OG  . SER B 2 7   ? -16.942 -8.877  12.455  1.00 76.29 ? 10  SER B OG  1 
HETATM 1183 O O   . HOH C 3 .   ? -4.633  -7.033  10.420  1.00 45.85 ? 201 HOH A O   1 
HETATM 1184 O O   . HOH C 3 .   ? 1.512   12.572  -1.040  1.00 48.04 ? 202 HOH A O   1 
HETATM 1185 O O   . HOH C 3 .   ? -25.364 0.004   16.143  1.00 34.38 ? 203 HOH A O   1 
HETATM 1186 O O   . HOH C 3 .   ? -22.513 7.163   24.946  1.00 52.44 ? 204 HOH A O   1 
HETATM 1187 O O   . HOH C 3 .   ? 2.098   6.280   -14.075 1.00 40.64 ? 205 HOH A O   1 
HETATM 1188 O O   . HOH C 3 .   ? 17.151  5.148   -7.169  1.00 43.93 ? 206 HOH A O   1 
HETATM 1189 O O   . HOH C 3 .   ? 1.335   -4.156  -15.893 1.00 19.08 ? 207 HOH A O   1 
HETATM 1190 O O   . HOH C 3 .   ? 5.039   8.859   0.579   1.00 40.21 ? 208 HOH A O   1 
HETATM 1191 O O   . HOH C 3 .   ? 12.853  -24.672 -5.692  1.00 48.57 ? 209 HOH A O   1 
HETATM 1192 O O   . HOH C 3 .   ? 0.821   -3.742  5.539   1.00 43.33 ? 210 HOH A O   1 
HETATM 1193 O O   . HOH C 3 .   ? -5.412  12.169  -2.003  1.00 47.71 ? 211 HOH A O   1 
HETATM 1194 O O   . HOH C 3 .   ? -3.378  9.428   -12.188 1.00 40.88 ? 212 HOH A O   1 
HETATM 1195 O O   . HOH C 3 .   ? 20.728  -3.845  -10.955 1.00 34.63 ? 213 HOH A O   1 
HETATM 1196 O O   . HOH C 3 .   ? 13.213  1.622   -19.550 1.00 34.43 ? 214 HOH A O   1 
HETATM 1197 O O   . HOH C 3 .   ? -10.558 6.724   -3.212  1.00 33.70 ? 215 HOH A O   1 
HETATM 1198 O O   . HOH C 3 .   ? 7.023   -11.630 -15.937 1.00 30.03 ? 216 HOH A O   1 
HETATM 1199 O O   . HOH C 3 .   ? 15.120  2.754   5.560   1.00 38.26 ? 217 HOH A O   1 
HETATM 1200 O O   . HOH C 3 .   ? 3.378   7.255   7.623   1.00 30.45 ? 218 HOH A O   1 
HETATM 1201 O O   . HOH C 3 .   ? -22.575 -1.605  17.830  1.00 43.91 ? 219 HOH A O   1 
HETATM 1202 O O   . HOH C 3 .   ? 10.671  -17.948 -13.350 1.00 40.83 ? 220 HOH A O   1 
HETATM 1203 O O   . HOH C 3 .   ? 17.913  -12.185 -7.306  1.00 37.74 ? 221 HOH A O   1 
HETATM 1204 O O   . HOH C 3 .   ? -7.930  -4.016  -12.828 1.00 40.10 ? 222 HOH A O   1 
HETATM 1205 O O   . HOH C 3 .   ? 12.203  -14.231 -14.214 1.00 21.68 ? 223 HOH A O   1 
HETATM 1206 O O   . HOH C 3 .   ? 5.104   -12.751 -10.869 1.00 32.81 ? 224 HOH A O   1 
HETATM 1207 O O   . HOH C 3 .   ? -12.768 6.002   15.625  1.00 25.39 ? 225 HOH A O   1 
HETATM 1208 O O   . HOH C 3 .   ? -11.119 0.108   -8.959  1.00 29.81 ? 226 HOH A O   1 
HETATM 1209 O O   . HOH C 3 .   ? 5.552   -12.945 -14.424 1.00 28.84 ? 227 HOH A O   1 
HETATM 1210 O O   . HOH C 3 .   ? 13.140  0.150   -9.029  1.00 24.63 ? 228 HOH A O   1 
HETATM 1211 O O   . HOH C 3 .   ? 5.954   5.641   -4.558  1.00 18.49 ? 229 HOH A O   1 
HETATM 1212 O O   . HOH C 3 .   ? -3.585  9.372   -5.488  1.00 29.99 ? 230 HOH A O   1 
HETATM 1213 O O   . HOH C 3 .   ? 5.725   7.387   11.611  1.00 39.59 ? 231 HOH A O   1 
HETATM 1214 O O   . HOH C 3 .   ? -15.520 12.713  14.387  1.00 19.69 ? 232 HOH A O   1 
HETATM 1215 O O   . HOH C 3 .   ? 22.058  -6.400  -13.491 1.00 29.21 ? 233 HOH A O   1 
HETATM 1216 O O   . HOH C 3 .   ? 14.220  -2.845  -1.812  1.00 26.07 ? 234 HOH A O   1 
HETATM 1217 O O   . HOH C 3 .   ? 11.536  2.465   -9.088  1.00 33.16 ? 235 HOH A O   1 
HETATM 1218 O O   . HOH C 3 .   ? -22.034 8.856   18.387  1.00 33.73 ? 236 HOH A O   1 
HETATM 1219 O O   . HOH C 3 .   ? 3.558   -4.152  -22.212 1.00 31.69 ? 237 HOH A O   1 
HETATM 1220 O O   . HOH C 3 .   ? 23.528  -7.747  -4.619  1.00 53.71 ? 238 HOH A O   1 
HETATM 1221 O O   . HOH C 3 .   ? 14.106  5.797   4.405   1.00 36.47 ? 239 HOH A O   1 
HETATM 1222 O O   . HOH C 3 .   ? -20.756 2.686   5.769   1.00 54.61 ? 240 HOH A O   1 
HETATM 1223 O O   . HOH C 3 .   ? 9.420   -5.299  -21.411 1.00 18.52 ? 241 HOH A O   1 
HETATM 1224 O O   . HOH C 3 .   ? 8.742   6.820   6.420   1.00 42.02 ? 242 HOH A O   1 
HETATM 1225 O O   . HOH C 3 .   ? 4.450   -1.824  -18.239 1.00 34.61 ? 243 HOH A O   1 
HETATM 1226 O O   . HOH C 3 .   ? 18.086  -16.022 -7.262  1.00 39.76 ? 244 HOH A O   1 
HETATM 1227 O O   . HOH C 3 .   ? 1.580   1.819   7.245   1.00 25.09 ? 245 HOH A O   1 
HETATM 1228 O O   . HOH C 3 .   ? 6.386   3.145   -14.015 1.00 31.15 ? 246 HOH A O   1 
HETATM 1229 O O   . HOH C 3 .   ? 23.384  -7.589  -9.648  1.00 39.23 ? 247 HOH A O   1 
HETATM 1230 O O   . HOH C 3 .   ? 1.103   -7.039  -13.456 1.00 13.97 ? 248 HOH A O   1 
HETATM 1231 O O   . HOH C 3 .   ? -2.179  7.695   -8.217  1.00 24.83 ? 249 HOH A O   1 
HETATM 1232 O O   . HOH C 3 .   ? 0.917   -12.181 -16.502 1.00 32.23 ? 250 HOH A O   1 
HETATM 1233 O O   . HOH C 3 .   ? -19.541 -1.720  -0.432  1.00 43.48 ? 251 HOH A O   1 
HETATM 1234 O O   . HOH C 3 .   ? -21.157 10.513  11.089  1.00 25.65 ? 252 HOH A O   1 
HETATM 1235 O O   . HOH C 3 .   ? 11.410  0.901   -17.737 1.00 24.86 ? 253 HOH A O   1 
HETATM 1236 O O   . HOH C 3 .   ? 13.763  -22.525 -5.460  1.00 50.62 ? 254 HOH A O   1 
HETATM 1237 O O   . HOH C 3 .   ? -9.411  -8.360  -0.710  1.00 43.07 ? 255 HOH A O   1 
HETATM 1238 O O   . HOH C 3 .   ? -23.680 9.278   14.296  1.00 40.67 ? 256 HOH A O   1 
HETATM 1239 O O   . HOH C 3 .   ? 14.525  -8.641  -18.488 1.00 28.58 ? 257 HOH A O   1 
HETATM 1240 O O   . HOH C 3 .   ? -23.010 11.619  16.454  1.00 37.85 ? 258 HOH A O   1 
HETATM 1241 O O   . HOH C 3 .   ? 16.661  -3.105  -3.104  1.00 33.25 ? 259 HOH A O   1 
HETATM 1242 O O   . HOH C 3 .   ? 2.831   3.782   -12.196 1.00 25.10 ? 260 HOH A O   1 
HETATM 1243 O O   . HOH C 3 .   ? -7.270  -9.917  -6.685  1.00 34.92 ? 261 HOH A O   1 
HETATM 1244 O O   . HOH C 3 .   ? -6.326  10.108  -3.397  1.00 35.66 ? 262 HOH A O   1 
HETATM 1245 O O   . HOH C 3 .   ? -8.866  -0.930  -12.236 1.00 35.70 ? 263 HOH A O   1 
HETATM 1246 O O   . HOH C 3 .   ? 11.408  -8.127  -15.248 1.00 17.71 ? 264 HOH A O   1 
HETATM 1247 O O   . HOH C 3 .   ? -12.767 -4.768  -1.235  1.00 30.02 ? 265 HOH A O   1 
HETATM 1248 O O   . HOH C 3 .   ? -19.394 16.830  14.758  1.00 36.29 ? 266 HOH A O   1 
HETATM 1249 O O   . HOH C 3 .   ? 14.328  -14.031 -5.050  1.00 35.03 ? 267 HOH A O   1 
HETATM 1250 O O   . HOH C 3 .   ? -3.917  7.553   -9.992  1.00 26.20 ? 268 HOH A O   1 
HETATM 1251 O O   . HOH C 3 .   ? -14.887 0.777   -7.049  1.00 38.61 ? 269 HOH A O   1 
HETATM 1252 O O   . HOH C 3 .   ? 10.450  -11.178 -22.321 1.00 36.02 ? 270 HOH A O   1 
HETATM 1253 O O   . HOH C 3 .   ? 6.306   -11.877 -3.551  1.00 26.39 ? 271 HOH A O   1 
HETATM 1254 O O   . HOH C 3 .   ? -0.914  9.482   -5.368  1.00 25.69 ? 272 HOH A O   1 
HETATM 1255 O O   . HOH C 3 .   ? 0.449   10.657  -7.404  1.00 29.99 ? 273 HOH A O   1 
HETATM 1256 O O   . HOH C 3 .   ? 0.151   -1.495  13.008  1.00 37.18 ? 274 HOH A O   1 
HETATM 1257 O O   . HOH C 3 .   ? 16.985  -10.505 -4.023  1.00 29.33 ? 275 HOH A O   1 
HETATM 1258 O O   . HOH C 3 .   ? 5.865   2.738   12.098  1.00 37.12 ? 276 HOH A O   1 
HETATM 1259 O O   . HOH C 3 .   ? -1.376  9.249   -15.479 1.00 45.77 ? 277 HOH A O   1 
HETATM 1260 O O   . HOH C 3 .   ? -0.205  8.175   3.980   1.00 26.82 ? 278 HOH A O   1 
HETATM 1261 O O   . HOH C 3 .   ? -15.684 16.702  6.485   1.00 46.20 ? 279 HOH A O   1 
HETATM 1262 O O   . HOH C 3 .   ? 14.388  -6.615  -0.074  1.00 36.87 ? 280 HOH A O   1 
HETATM 1263 O O   . HOH C 3 .   ? -11.217 18.918  10.306  1.00 42.62 ? 281 HOH A O   1 
HETATM 1264 O O   . HOH C 3 .   ? 13.342  -5.521  4.474   1.00 40.73 ? 282 HOH A O   1 
HETATM 1265 O O   . HOH C 3 .   ? -0.142  3.550   -15.081 1.00 35.55 ? 283 HOH A O   1 
HETATM 1266 O O   . HOH C 3 .   ? -11.926 3.426   8.580   1.00 34.27 ? 284 HOH A O   1 
HETATM 1267 O O   . HOH C 3 .   ? 14.288  8.554   2.016   1.00 35.80 ? 285 HOH A O   1 
HETATM 1268 O O   . HOH C 3 .   ? 9.108   9.341   -0.286  1.00 33.91 ? 286 HOH A O   1 
HETATM 1269 O O   . HOH C 3 .   ? -4.071  11.393  15.110  1.00 44.18 ? 287 HOH A O   1 
HETATM 1270 O O   . HOH C 3 .   ? -7.040  -6.672  -7.603  1.00 25.18 ? 288 HOH A O   1 
HETATM 1271 O O   . HOH C 3 .   ? -21.959 11.008  20.643  1.00 42.50 ? 289 HOH A O   1 
HETATM 1272 O O   . HOH C 3 .   ? 3.070   8.551   14.942  1.00 45.19 ? 290 HOH A O   1 
HETATM 1273 O O   . HOH C 3 .   ? 7.344   -15.050 -14.859 1.00 39.82 ? 291 HOH A O   1 
HETATM 1274 O O   . HOH C 3 .   ? -8.547  9.366   -2.281  1.00 30.03 ? 292 HOH A O   1 
HETATM 1275 O O   . HOH C 3 .   ? 12.016  5.363   -8.924  1.00 33.05 ? 293 HOH A O   1 
HETATM 1276 O O   . HOH C 3 .   ? 7.668   -9.202  4.165   1.00 29.65 ? 294 HOH A O   1 
HETATM 1277 O O   . HOH C 3 .   ? 8.345   -2.537  8.986   1.00 37.35 ? 295 HOH A O   1 
HETATM 1278 O O   . HOH C 3 .   ? -5.385  13.128  5.228   1.00 52.05 ? 296 HOH A O   1 
HETATM 1279 O O   . HOH C 3 .   ? 15.160  -25.631 -8.449  1.00 45.44 ? 297 HOH A O   1 
HETATM 1280 O O   . HOH C 3 .   ? -2.763  -4.615  -23.346 1.00 46.56 ? 298 HOH A O   1 
HETATM 1281 O O   . HOH C 3 .   ? 8.581   -0.059  10.065  1.00 42.31 ? 299 HOH A O   1 
HETATM 1282 O O   . HOH C 3 .   ? 3.849   -8.072  -21.275 1.00 35.02 ? 300 HOH A O   1 
HETATM 1283 O O   . HOH C 3 .   ? -15.272 -5.883  -2.966  1.00 26.34 ? 301 HOH A O   1 
HETATM 1284 O O   . HOH C 3 .   ? 3.579   -12.690 -18.935 1.00 50.77 ? 302 HOH A O   1 
HETATM 1285 O O   . HOH C 3 .   ? -15.620 -1.527  -6.376  1.00 39.08 ? 303 HOH A O   1 
HETATM 1286 O O   . HOH C 3 .   ? 18.209  1.135   -16.003 1.00 47.69 ? 304 HOH A O   1 
HETATM 1287 O O   . HOH C 3 .   ? 9.367   -7.080  5.970   1.00 41.29 ? 305 HOH A O   1 
HETATM 1288 O O   . HOH C 3 .   ? -20.280 -0.095  -2.309  1.00 42.38 ? 306 HOH A O   1 
HETATM 1289 O O   . HOH C 3 .   ? 16.326  -6.332  -1.322  1.00 41.41 ? 307 HOH A O   1 
HETATM 1290 O O   . HOH C 3 .   ? 5.493   -20.066 -10.848 1.00 34.26 ? 308 HOH A O   1 
HETATM 1291 O O   . HOH C 3 .   ? 0.729   0.607   14.263  1.00 46.23 ? 309 HOH A O   1 
HETATM 1292 O O   . HOH C 3 .   ? -1.069  -6.509  -24.800 1.00 45.35 ? 310 HOH A O   1 
HETATM 1293 O O   . HOH C 3 .   ? -9.837  5.719   -7.154  1.00 36.36 ? 311 HOH A O   1 
HETATM 1294 O O   . HOH C 3 .   ? -16.015 14.513  16.489  1.00 26.73 ? 312 HOH A O   1 
HETATM 1295 O O   . HOH C 3 .   ? 0.973   -12.275 -3.716  1.00 34.79 ? 313 HOH A O   1 
HETATM 1296 O O   . HOH C 3 .   ? 5.935   -7.473  -22.390 1.00 33.80 ? 314 HOH A O   1 
HETATM 1297 O O   . HOH C 3 .   ? 6.060   10.030  -8.263  1.00 39.16 ? 315 HOH A O   1 
HETATM 1298 O O   . HOH C 3 .   ? -8.497  17.624  7.878   1.00 46.47 ? 316 HOH A O   1 
HETATM 1299 O O   . HOH C 3 .   ? 9.599   8.330   -2.764  1.00 33.91 ? 317 HOH A O   1 
HETATM 1300 O O   . HOH C 3 .   ? -19.858 3.311   23.133  1.00 39.50 ? 318 HOH A O   1 
HETATM 1301 O O   . HOH C 3 .   ? -3.149  -4.567  14.866  1.00 52.81 ? 319 HOH A O   1 
HETATM 1302 O O   . HOH C 3 .   ? 2.034   -4.554  -20.445 1.00 52.17 ? 320 HOH A O   1 
HETATM 1303 O O   . HOH C 3 .   ? 8.791   1.881   -17.395 1.00 36.73 ? 321 HOH A O   1 
HETATM 1304 O O   . HOH C 3 .   ? -1.461  -4.826  13.362  1.00 51.15 ? 322 HOH A O   1 
HETATM 1305 O O   . HOH C 3 .   ? 9.598   -15.599 -13.837 1.00 31.04 ? 323 HOH A O   1 
HETATM 1306 O O   . HOH C 3 .   ? -2.537  -3.510  -14.262 1.00 41.93 ? 324 HOH A O   1 
HETATM 1307 O O   . HOH C 3 .   ? -21.693 5.530   26.659  1.00 42.78 ? 325 HOH A O   1 
HETATM 1308 O O   . HOH C 3 .   ? 19.229  -3.620  -15.573 1.00 40.12 ? 326 HOH A O   1 
HETATM 1309 O O   . HOH C 3 .   ? -2.868  -7.454  8.179   1.00 44.20 ? 327 HOH A O   1 
HETATM 1310 O O   . HOH C 3 .   ? -17.645 -4.752  -3.735  1.00 42.41 ? 328 HOH A O   1 
HETATM 1311 O O   . HOH C 3 .   ? -4.059  12.412  7.671   1.00 42.36 ? 329 HOH A O   1 
HETATM 1312 O O   . HOH C 3 .   ? -6.276  16.022  14.668  1.00 37.05 ? 330 HOH A O   1 
HETATM 1313 O O   . HOH C 3 .   ? -21.873 2.115   1.490   1.00 51.37 ? 331 HOH A O   1 
HETATM 1314 O O   . HOH C 3 .   ? -0.743  -5.643  -15.128 1.00 24.11 ? 332 HOH A O   1 
HETATM 1315 O O   . HOH C 3 .   ? 3.035   -10.732 -20.554 1.00 41.74 ? 333 HOH A O   1 
HETATM 1316 O O   . HOH C 3 .   ? -7.175  19.009  10.378  1.00 51.23 ? 334 HOH A O   1 
HETATM 1317 O O   . HOH C 3 .   ? 6.928   8.190   -4.011  1.00 26.43 ? 335 HOH A O   1 
HETATM 1318 O O   . HOH C 3 .   ? -12.181 -7.190  0.209   1.00 42.64 ? 336 HOH A O   1 
HETATM 1319 O O   . HOH C 3 .   ? 6.634   10.161  -5.885  1.00 32.24 ? 337 HOH A O   1 
HETATM 1320 O O   . HOH C 3 .   ? 3.992   -14.678 -19.974 1.00 38.59 ? 338 HOH A O   1 
HETATM 1321 O O   . HOH C 3 .   ? 7.501   3.483   -16.472 1.00 40.76 ? 339 HOH A O   1 
HETATM 1322 O O   . HOH C 3 .   ? -0.534  12.410  -3.705  1.00 37.61 ? 340 HOH A O   1 
HETATM 1323 O O   . HOH C 3 .   ? 10.527  -15.632 2.008   1.00 60.25 ? 341 HOH A O   1 
HETATM 1324 O O   . HOH C 3 .   ? 14.876  -8.932  1.817   1.00 42.14 ? 342 HOH A O   1 
HETATM 1325 O O   . HOH C 3 .   ? 5.094   5.437   -12.581 1.00 35.59 ? 343 HOH A O   1 
HETATM 1326 O O   . HOH C 3 .   ? 6.415   9.577   -1.750  1.00 31.44 ? 344 HOH A O   1 
HETATM 1327 O O   . HOH C 3 .   ? 3.381   12.824  -3.573  1.00 43.18 ? 345 HOH A O   1 
HETATM 1328 O O   . HOH C 3 .   ? 5.705   11.949  -4.149  1.00 41.04 ? 346 HOH A O   1 
HETATM 1329 O O   . HOH C 3 .   ? 14.411  8.924   -6.676  1.00 39.77 ? 347 HOH A O   1 
HETATM 1330 O O   . HOH C 3 .   ? 16.941  8.845   -5.148  1.00 49.09 ? 348 HOH A O   1 
HETATM 1331 O O   . HOH C 3 .   ? 10.309  -0.859  12.515  1.00 58.50 ? 349 HOH A O   1 
HETATM 1332 O O   . HOH D 3 .   ? -11.303 6.162   17.442  1.00 30.13 ? 101 HOH B O   1 
HETATM 1333 O O   . HOH D 3 .   ? -7.513  0.978   15.624  1.00 31.87 ? 102 HOH B O   1 
HETATM 1334 O O   . HOH D 3 .   ? -10.540 -6.660  12.656  1.00 54.92 ? 103 HOH B O   1 
HETATM 1335 O O   . HOH D 3 .   ? -5.801  -1.532  15.880  1.00 42.14 ? 104 HOH B O   1 
HETATM 1336 O O   . HOH D 3 .   ? -13.429 -2.134  18.392  1.00 50.96 ? 105 HOH B O   1 
HETATM 1337 O O   . HOH D 3 .   ? -15.614 -9.951  8.290   1.00 54.79 ? 106 HOH B O   1 
# 
loop_
_pdbx_poly_seq_scheme.asym_id 
_pdbx_poly_seq_scheme.entity_id 
_pdbx_poly_seq_scheme.seq_id 
_pdbx_poly_seq_scheme.mon_id 
_pdbx_poly_seq_scheme.ndb_seq_num 
_pdbx_poly_seq_scheme.pdb_seq_num 
_pdbx_poly_seq_scheme.auth_seq_num 
_pdbx_poly_seq_scheme.pdb_mon_id 
_pdbx_poly_seq_scheme.auth_mon_id 
_pdbx_poly_seq_scheme.pdb_strand_id 
_pdbx_poly_seq_scheme.pdb_ins_code 
_pdbx_poly_seq_scheme.hetero 
A 1 1   GLY 1   -4  ?   ?   ?   A . n 
A 1 2   PRO 2   -3  ?   ?   ?   A . n 
A 1 3   LEU 3   -2  ?   ?   ?   A . n 
A 1 4   GLY 4   -1  -1  GLY GLY A . n 
A 1 5   SER 5   0   0   SER SER A . n 
A 1 6   MET 6   1   1   MET MET A . n 
A 1 7   VAL 7   2   2   VAL VAL A . n 
A 1 8   ALA 8   3   3   ALA ALA A . n 
A 1 9   THR 9   4   4   THR THR A . n 
A 1 10  VAL 10  5   5   VAL VAL A . n 
A 1 11  LYS 11  6   6   LYS LYS A . n 
A 1 12  ARG 12  7   7   ARG ARG A . n 
A 1 13  THR 13  8   8   THR THR A . n 
A 1 14  ILE 14  9   9   ILE ILE A . n 
A 1 15  ARG 15  10  10  ARG ARG A . n 
A 1 16  ILE 16  11  11  ILE ILE A . n 
A 1 17  LYS 17  12  12  LYS LYS A . n 
A 1 18  THR 18  13  13  THR THR A . n 
A 1 19  GLN 19  14  14  GLN GLN A . n 
A 1 20  GLN 20  15  15  GLN GLN A . n 
A 1 21  HIS 21  16  16  HIS HIS A . n 
A 1 22  ILE 22  17  17  ILE ILE A . n 
A 1 23  LEU 23  18  18  LEU LEU A . n 
A 1 24  PRO 24  19  19  PRO PRO A . n 
A 1 25  GLU 25  20  20  GLU GLU A . n 
A 1 26  VAL 26  21  21  VAL VAL A . n 
A 1 27  PRO 27  22  22  PRO PRO A . n 
A 1 28  PRO 28  23  23  PRO PRO A . n 
A 1 29  VAL 29  24  24  VAL VAL A . n 
A 1 30  GLU 30  25  25  GLU GLU A . n 
A 1 31  ASN 31  26  26  ASN ASN A . n 
A 1 32  PHE 32  27  27  PHE PHE A . n 
A 1 33  PRO 33  28  28  PRO PRO A . n 
A 1 34  VAL 34  29  29  VAL VAL A . n 
A 1 35  ARG 35  30  30  ARG ARG A . n 
A 1 36  GLN 36  31  31  GLN GLN A . n 
A 1 37  TRP 37  32  32  TRP TRP A . n 
A 1 38  SER 38  33  33  SER SER A . n 
A 1 39  ILE 39  34  34  ILE ILE A . n 
A 1 40  GLU 40  35  35  GLU GLU A . n 
A 1 41  ILE 41  36  36  ILE ILE A . n 
A 1 42  VAL 42  37  37  VAL VAL A . n 
A 1 43  LEU 43  38  38  LEU LEU A . n 
A 1 44  LEU 44  39  39  LEU LEU A . n 
A 1 45  ASP 45  40  40  ASP ASP A . n 
A 1 46  ASP 46  41  41  ASP ASP A . n 
A 1 47  GLU 47  42  42  GLU GLU A . n 
A 1 48  GLY 48  43  43  GLY GLY A . n 
A 1 49  LYS 49  44  44  LYS LYS A . n 
A 1 50  GLU 50  45  45  GLU GLU A . n 
A 1 51  ILE 51  46  46  ILE ILE A . n 
A 1 52  PRO 52  47  47  PRO PRO A . n 
A 1 53  ALA 53  48  48  ALA ALA A . n 
A 1 54  THR 54  49  49  THR THR A . n 
A 1 55  ILE 55  50  50  ILE ILE A . n 
A 1 56  PHE 56  51  51  PHE PHE A . n 
A 1 57  ASP 57  52  52  ASP ASP A . n 
A 1 58  LYS 58  53  53  LYS LYS A . n 
A 1 59  VAL 59  54  54  VAL VAL A . n 
A 1 60  ILE 60  55  55  ILE ILE A . n 
A 1 61  TYR 61  56  56  TYR TYR A . n 
A 1 62  HIS 62  57  57  HIS HIS A . n 
A 1 63  LEU 63  58  58  LEU LEU A . n 
A 1 64  HIS 64  59  59  HIS HIS A . n 
A 1 65  PRO 65  60  60  PRO PRO A . n 
A 1 66  THR 66  61  61  THR THR A . n 
A 1 67  PHE 67  62  62  PHE PHE A . n 
A 1 68  ALA 68  63  63  ALA ALA A . n 
A 1 69  ASN 69  64  64  ASN ASN A . n 
A 1 70  PRO 70  65  65  PRO PRO A . n 
A 1 71  ASN 71  66  66  ASN ASN A . n 
A 1 72  ARG 72  67  67  ARG ARG A . n 
A 1 73  THR 73  68  68  THR THR A . n 
A 1 74  PHE 74  69  69  PHE PHE A . n 
A 1 75  THR 75  70  70  THR THR A . n 
A 1 76  ASP 76  71  71  ASP ASP A . n 
A 1 77  PRO 77  72  72  PRO PRO A . n 
A 1 78  PRO 78  73  73  PRO PRO A . n 
A 1 79  PHE 79  74  74  PHE PHE A . n 
A 1 80  ARG 80  75  75  ARG ARG A . n 
A 1 81  ILE 81  76  76  ILE ILE A . n 
A 1 82  GLU 82  77  77  GLU GLU A . n 
A 1 83  GLU 83  78  78  GLU GLU A . n 
A 1 84  GLN 84  79  79  GLN GLN A . n 
A 1 85  GLY 85  80  80  GLY GLY A . n 
A 1 86  TRP 86  81  81  TRP TRP A . n 
A 1 87  ALA 87  82  82  ALA ALA A . n 
A 1 88  GLY 88  83  83  GLY GLY A . n 
A 1 89  PHE 89  84  84  PHE PHE A . n 
A 1 90  PRO 90  85  85  PRO PRO A . n 
A 1 91  LEU 91  86  86  LEU LEU A . n 
A 1 92  ASP 92  87  87  ASP ASP A . n 
A 1 93  ILE 93  88  88  ILE ILE A . n 
A 1 94  SER 94  89  89  SER SER A . n 
A 1 95  VAL 95  90  90  VAL VAL A . n 
A 1 96  PHE 96  91  91  PHE PHE A . n 
A 1 97  LEU 97  92  92  LEU LEU A . n 
A 1 98  LEU 98  93  93  LEU LEU A . n 
A 1 99  GLU 99  94  94  GLU GLU A . n 
A 1 100 LYS 100 95  95  LYS LYS A . n 
A 1 101 ALA 101 96  96  ALA ALA A . n 
A 1 102 GLY 102 97  97  GLY GLY A . n 
A 1 103 GLU 103 98  98  GLU GLU A . n 
A 1 104 ARG 104 99  99  ARG ARG A . n 
A 1 105 LYS 105 100 100 LYS LYS A . n 
A 1 106 ILE 106 101 101 ILE ILE A . n 
A 1 107 PRO 107 102 102 PRO PRO A . n 
A 1 108 HIS 108 103 103 HIS HIS A . n 
A 1 109 ASP 109 104 104 ASP ASP A . n 
A 1 110 LEU 110 105 105 LEU LEU A . n 
A 1 111 ASN 111 106 106 ASN ASN A . n 
A 1 112 PHE 112 107 107 PHE PHE A . n 
A 1 113 LEU 113 108 108 LEU LEU A . n 
A 1 114 GLN 114 109 109 GLN GLN A . n 
A 1 115 GLU 115 110 110 GLU GLU A . n 
A 1 116 SER 116 111 111 SER SER A . n 
A 1 117 TYR 117 112 112 TYR TYR A . n 
A 1 118 GLU 118 113 113 GLU GLU A . n 
A 1 119 VAL 119 114 114 VAL VAL A . n 
A 1 120 GLU 120 115 115 GLU GLU A . n 
A 1 121 HIS 121 116 116 HIS HIS A . n 
A 1 122 VAL 122 117 117 VAL VAL A . n 
A 1 123 ILE 123 118 118 ILE ILE A . n 
A 1 124 GLN 124 119 119 GLN GLN A . n 
A 1 125 ILE 125 120 120 ILE ILE A . n 
A 1 126 PRO 126 121 121 PRO PRO A . n 
A 1 127 LEU 127 122 122 LEU LEU A . n 
A 1 128 ASN 128 123 123 ASN ASN A . n 
A 1 129 LYS 129 124 124 LYS LYS A . n 
A 1 130 PRO 130 125 125 PRO PRO A . n 
A 1 131 LEU 131 126 126 LEU LEU A . n 
A 1 132 LEU 132 127 127 LEU LEU A . n 
A 1 133 THR 133 128 128 THR THR A . n 
A 1 134 GLU 134 129 129 GLU GLU A . n 
A 1 135 GLU 135 130 130 GLU GLU A . n 
A 1 136 LEU 136 131 131 LEU LEU A . n 
A 1 137 ALA 137 132 132 ALA ALA A . n 
A 1 138 LYS 138 133 133 LYS LYS A . n 
A 1 139 SER 139 134 134 SER SER A . n 
A 1 140 GLY 140 135 135 GLY GLY A . n 
A 1 141 SER 141 136 136 SER SER A . n 
A 1 142 THR 142 137 137 THR THR A . n 
B 2 1   ACE 1   4   4   ACE ACE B . n 
B 2 2   GLN 2   5   5   GLN GLN B . n 
B 2 3   THR 3   6   6   THR THR B . n 
B 2 4   ALA 4   7   7   ALA ALA B . n 
B 2 5   ARG 5   8   8   ARG ARG B . n 
B 2 6   KCR 6   9   9   KCR KCR B . n 
B 2 7   SER 7   10  10  SER SER B . n 
B 2 8   THR 8   11  ?   ?   ?   B . n 
# 
loop_
_pdbx_nonpoly_scheme.asym_id 
_pdbx_nonpoly_scheme.entity_id 
_pdbx_nonpoly_scheme.mon_id 
_pdbx_nonpoly_scheme.ndb_seq_num 
_pdbx_nonpoly_scheme.pdb_seq_num 
_pdbx_nonpoly_scheme.auth_seq_num 
_pdbx_nonpoly_scheme.pdb_mon_id 
_pdbx_nonpoly_scheme.auth_mon_id 
_pdbx_nonpoly_scheme.pdb_strand_id 
_pdbx_nonpoly_scheme.pdb_ins_code 
C 3 HOH 1   201 86  HOH HOH A . 
C 3 HOH 2   202 152 HOH HOH A . 
C 3 HOH 3   203 35  HOH HOH A . 
C 3 HOH 4   204 87  HOH HOH A . 
C 3 HOH 5   205 65  HOH HOH A . 
C 3 HOH 6   206 115 HOH HOH A . 
C 3 HOH 7   207 2   HOH HOH A . 
C 3 HOH 8   208 90  HOH HOH A . 
C 3 HOH 9   209 112 HOH HOH A . 
C 3 HOH 10  210 99  HOH HOH A . 
C 3 HOH 11  211 116 HOH HOH A . 
C 3 HOH 12  212 88  HOH HOH A . 
C 3 HOH 13  213 113 HOH HOH A . 
C 3 HOH 14  214 46  HOH HOH A . 
C 3 HOH 15  215 110 HOH HOH A . 
C 3 HOH 16  216 59  HOH HOH A . 
C 3 HOH 17  217 52  HOH HOH A . 
C 3 HOH 18  218 50  HOH HOH A . 
C 3 HOH 19  219 26  HOH HOH A . 
C 3 HOH 20  220 77  HOH HOH A . 
C 3 HOH 21  221 131 HOH HOH A . 
C 3 HOH 22  222 147 HOH HOH A . 
C 3 HOH 23  223 6   HOH HOH A . 
C 3 HOH 24  224 27  HOH HOH A . 
C 3 HOH 25  225 21  HOH HOH A . 
C 3 HOH 26  226 22  HOH HOH A . 
C 3 HOH 27  227 36  HOH HOH A . 
C 3 HOH 28  228 10  HOH HOH A . 
C 3 HOH 29  229 3   HOH HOH A . 
C 3 HOH 30  230 47  HOH HOH A . 
C 3 HOH 31  231 54  HOH HOH A . 
C 3 HOH 32  232 7   HOH HOH A . 
C 3 HOH 33  233 17  HOH HOH A . 
C 3 HOH 34  234 12  HOH HOH A . 
C 3 HOH 35  235 58  HOH HOH A . 
C 3 HOH 36  236 37  HOH HOH A . 
C 3 HOH 37  237 49  HOH HOH A . 
C 3 HOH 38  238 127 HOH HOH A . 
C 3 HOH 39  239 61  HOH HOH A . 
C 3 HOH 40  240 129 HOH HOH A . 
C 3 HOH 41  241 5   HOH HOH A . 
C 3 HOH 42  242 136 HOH HOH A . 
C 3 HOH 43  243 83  HOH HOH A . 
C 3 HOH 44  244 111 HOH HOH A . 
C 3 HOH 45  245 14  HOH HOH A . 
C 3 HOH 46  246 39  HOH HOH A . 
C 3 HOH 47  247 93  HOH HOH A . 
C 3 HOH 48  248 1   HOH HOH A . 
C 3 HOH 49  249 16  HOH HOH A . 
C 3 HOH 50  250 124 HOH HOH A . 
C 3 HOH 51  251 94  HOH HOH A . 
C 3 HOH 52  252 15  HOH HOH A . 
C 3 HOH 53  253 9   HOH HOH A . 
C 3 HOH 54  254 135 HOH HOH A . 
C 3 HOH 55  255 104 HOH HOH A . 
C 3 HOH 56  256 66  HOH HOH A . 
C 3 HOH 57  257 28  HOH HOH A . 
C 3 HOH 58  258 108 HOH HOH A . 
C 3 HOH 59  259 31  HOH HOH A . 
C 3 HOH 60  260 105 HOH HOH A . 
C 3 HOH 61  261 45  HOH HOH A . 
C 3 HOH 62  262 44  HOH HOH A . 
C 3 HOH 63  263 71  HOH HOH A . 
C 3 HOH 64  264 4   HOH HOH A . 
C 3 HOH 65  265 24  HOH HOH A . 
C 3 HOH 66  266 51  HOH HOH A . 
C 3 HOH 67  267 148 HOH HOH A . 
C 3 HOH 68  268 8   HOH HOH A . 
C 3 HOH 69  269 149 HOH HOH A . 
C 3 HOH 70  270 78  HOH HOH A . 
C 3 HOH 71  271 11  HOH HOH A . 
C 3 HOH 72  272 96  HOH HOH A . 
C 3 HOH 73  273 40  HOH HOH A . 
C 3 HOH 74  274 57  HOH HOH A . 
C 3 HOH 75  275 34  HOH HOH A . 
C 3 HOH 76  276 76  HOH HOH A . 
C 3 HOH 77  277 109 HOH HOH A . 
C 3 HOH 78  278 30  HOH HOH A . 
C 3 HOH 79  279 103 HOH HOH A . 
C 3 HOH 80  280 53  HOH HOH A . 
C 3 HOH 81  281 107 HOH HOH A . 
C 3 HOH 82  282 62  HOH HOH A . 
C 3 HOH 83  283 38  HOH HOH A . 
C 3 HOH 84  284 72  HOH HOH A . 
C 3 HOH 85  285 48  HOH HOH A . 
C 3 HOH 86  286 33  HOH HOH A . 
C 3 HOH 87  287 80  HOH HOH A . 
C 3 HOH 88  288 13  HOH HOH A . 
C 3 HOH 89  289 137 HOH HOH A . 
C 3 HOH 90  290 92  HOH HOH A . 
C 3 HOH 91  291 79  HOH HOH A . 
C 3 HOH 92  292 146 HOH HOH A . 
C 3 HOH 93  293 55  HOH HOH A . 
C 3 HOH 94  294 20  HOH HOH A . 
C 3 HOH 95  295 100 HOH HOH A . 
C 3 HOH 96  296 140 HOH HOH A . 
C 3 HOH 97  297 121 HOH HOH A . 
C 3 HOH 98  298 144 HOH HOH A . 
C 3 HOH 99  299 125 HOH HOH A . 
C 3 HOH 100 300 68  HOH HOH A . 
C 3 HOH 101 301 29  HOH HOH A . 
C 3 HOH 102 302 120 HOH HOH A . 
C 3 HOH 103 303 56  HOH HOH A . 
C 3 HOH 104 304 67  HOH HOH A . 
C 3 HOH 105 305 138 HOH HOH A . 
C 3 HOH 106 306 95  HOH HOH A . 
C 3 HOH 107 307 89  HOH HOH A . 
C 3 HOH 108 308 73  HOH HOH A . 
C 3 HOH 109 309 154 HOH HOH A . 
C 3 HOH 110 310 97  HOH HOH A . 
C 3 HOH 111 311 106 HOH HOH A . 
C 3 HOH 112 312 42  HOH HOH A . 
C 3 HOH 113 313 150 HOH HOH A . 
C 3 HOH 114 314 64  HOH HOH A . 
C 3 HOH 115 315 84  HOH HOH A . 
C 3 HOH 116 316 126 HOH HOH A . 
C 3 HOH 117 317 25  HOH HOH A . 
C 3 HOH 118 318 102 HOH HOH A . 
C 3 HOH 119 319 74  HOH HOH A . 
C 3 HOH 120 320 85  HOH HOH A . 
C 3 HOH 121 321 133 HOH HOH A . 
C 3 HOH 122 322 69  HOH HOH A . 
C 3 HOH 123 323 23  HOH HOH A . 
C 3 HOH 124 324 123 HOH HOH A . 
C 3 HOH 125 325 122 HOH HOH A . 
C 3 HOH 126 326 91  HOH HOH A . 
C 3 HOH 127 327 75  HOH HOH A . 
C 3 HOH 128 328 63  HOH HOH A . 
C 3 HOH 129 329 145 HOH HOH A . 
C 3 HOH 130 330 101 HOH HOH A . 
C 3 HOH 131 331 155 HOH HOH A . 
C 3 HOH 132 332 70  HOH HOH A . 
C 3 HOH 133 333 82  HOH HOH A . 
C 3 HOH 134 334 141 HOH HOH A . 
C 3 HOH 135 335 18  HOH HOH A . 
C 3 HOH 136 336 118 HOH HOH A . 
C 3 HOH 137 337 19  HOH HOH A . 
C 3 HOH 138 338 81  HOH HOH A . 
C 3 HOH 139 339 132 HOH HOH A . 
C 3 HOH 140 340 153 HOH HOH A . 
C 3 HOH 141 341 119 HOH HOH A . 
C 3 HOH 142 342 114 HOH HOH A . 
C 3 HOH 143 343 134 HOH HOH A . 
C 3 HOH 144 344 32  HOH HOH A . 
C 3 HOH 145 345 98  HOH HOH A . 
C 3 HOH 146 346 117 HOH HOH A . 
C 3 HOH 147 347 142 HOH HOH A . 
C 3 HOH 148 348 143 HOH HOH A . 
C 3 HOH 149 349 128 HOH HOH A . 
D 3 HOH 1   101 41  HOH HOH B . 
D 3 HOH 2   102 130 HOH HOH B . 
D 3 HOH 3   103 60  HOH HOH B . 
D 3 HOH 4   104 43  HOH HOH B . 
D 3 HOH 5   105 139 HOH HOH B . 
D 3 HOH 6   106 151 HOH HOH B . 
# 
_pdbx_struct_assembly.id                   1 
_pdbx_struct_assembly.details              author_and_software_defined_assembly 
_pdbx_struct_assembly.method_details       PISA 
_pdbx_struct_assembly.oligomeric_details   dimeric 
_pdbx_struct_assembly.oligomeric_count     2 
# 
_pdbx_struct_assembly_gen.assembly_id       1 
_pdbx_struct_assembly_gen.oper_expression   1 
_pdbx_struct_assembly_gen.asym_id_list      A,B,C,D 
# 
loop_
_pdbx_struct_assembly_prop.biol_id 
_pdbx_struct_assembly_prop.type 
_pdbx_struct_assembly_prop.value 
_pdbx_struct_assembly_prop.details 
1 'ABSA (A^2)' 1180 ? 
1 MORE         -1   ? 
1 'SSA (A^2)'  8050 ? 
# 
_pdbx_struct_oper_list.id                   1 
_pdbx_struct_oper_list.type                 'identity operation' 
_pdbx_struct_oper_list.name                 1_555 
_pdbx_struct_oper_list.symmetry_operation   x,y,z 
_pdbx_struct_oper_list.matrix[1][1]         1.0000000000 
_pdbx_struct_oper_list.matrix[1][2]         0.0000000000 
_pdbx_struct_oper_list.matrix[1][3]         0.0000000000 
_pdbx_struct_oper_list.vector[1]            0.0000000000 
_pdbx_struct_oper_list.matrix[2][1]         0.0000000000 
_pdbx_struct_oper_list.matrix[2][2]         1.0000000000 
_pdbx_struct_oper_list.matrix[2][3]         0.0000000000 
_pdbx_struct_oper_list.vector[2]            0.0000000000 
_pdbx_struct_oper_list.matrix[3][1]         0.0000000000 
_pdbx_struct_oper_list.matrix[3][2]         0.0000000000 
_pdbx_struct_oper_list.matrix[3][3]         1.0000000000 
_pdbx_struct_oper_list.vector[3]            0.0000000000 
# 
loop_
_pdbx_audit_revision_history.ordinal 
_pdbx_audit_revision_history.data_content_type 
_pdbx_audit_revision_history.major_revision 
_pdbx_audit_revision_history.minor_revision 
_pdbx_audit_revision_history.revision_date 
1 'Structure model' 1 0 2018-11-14 
2 'Structure model' 1 1 2023-10-11 
3 'Structure model' 1 2 2023-11-15 
# 
_pdbx_audit_revision_details.ordinal             1 
_pdbx_audit_revision_details.revision_ordinal    1 
_pdbx_audit_revision_details.data_content_type   'Structure model' 
_pdbx_audit_revision_details.provider            repository 
_pdbx_audit_revision_details.type                'Initial release' 
_pdbx_audit_revision_details.description         ? 
_pdbx_audit_revision_details.details             ? 
# 
loop_
_pdbx_audit_revision_group.ordinal 
_pdbx_audit_revision_group.revision_ordinal 
_pdbx_audit_revision_group.data_content_type 
_pdbx_audit_revision_group.group 
1 2 'Structure model' 'Data collection'        
2 2 'Structure model' 'Database references'    
3 2 'Structure model' 'Refinement description' 
4 3 'Structure model' 'Data collection'        
# 
loop_
_pdbx_audit_revision_category.ordinal 
_pdbx_audit_revision_category.revision_ordinal 
_pdbx_audit_revision_category.data_content_type 
_pdbx_audit_revision_category.category 
1 2 'Structure model' chem_comp_atom                
2 2 'Structure model' chem_comp_bond                
3 2 'Structure model' database_2                    
4 2 'Structure model' pdbx_initial_refinement_model 
5 3 'Structure model' chem_comp_atom                
6 3 'Structure model' chem_comp_bond                
# 
loop_
_pdbx_audit_revision_item.ordinal 
_pdbx_audit_revision_item.revision_ordinal 
_pdbx_audit_revision_item.data_content_type 
_pdbx_audit_revision_item.item 
1 2 'Structure model' '_database_2.pdbx_DOI'                
2 2 'Structure model' '_database_2.pdbx_database_accession' 
3 3 'Structure model' '_chem_comp_atom.atom_id'             
4 3 'Structure model' '_chem_comp_bond.atom_id_1'           
5 3 'Structure model' '_chem_comp_bond.atom_id_2'           
# 
loop_
_software.citation_id 
_software.classification 
_software.compiler_name 
_software.compiler_version 
_software.contact_author 
_software.contact_author_email 
_software.date 
_software.description 
_software.dependencies 
_software.hardware 
_software.language 
_software.location 
_software.mods 
_software.name 
_software.os 
_software.os_version 
_software.type 
_software.version 
_software.pdbx_ordinal 
? refinement       ? ? ? ? ? ? ? ? ? ? ? PHENIX   ? ? ? '(1.11.1_2575)' 1 
? 'data reduction' ? ? ? ? ? ? ? ? ? ? ? HKL-3000 ? ? ? .               2 
? 'data scaling'   ? ? ? ? ? ? ? ? ? ? ? HKL-3000 ? ? ? .               3 
? phasing          ? ? ? ? ? ? ? ? ? ? ? PHASER   ? ? ? .               4 
# 
_pdbx_validate_torsion.id              1 
_pdbx_validate_torsion.PDB_model_num   1 
_pdbx_validate_torsion.auth_comp_id    TRP 
_pdbx_validate_torsion.auth_asym_id    A 
_pdbx_validate_torsion.auth_seq_id     81 
_pdbx_validate_torsion.PDB_ins_code    ? 
_pdbx_validate_torsion.label_alt_id    ? 
_pdbx_validate_torsion.phi             -140.71 
_pdbx_validate_torsion.psi             -15.56 
# 
loop_
_pdbx_unobs_or_zero_occ_residues.id 
_pdbx_unobs_or_zero_occ_residues.PDB_model_num 
_pdbx_unobs_or_zero_occ_residues.polymer_flag 
_pdbx_unobs_or_zero_occ_residues.occupancy_flag 
_pdbx_unobs_or_zero_occ_residues.auth_asym_id 
_pdbx_unobs_or_zero_occ_residues.auth_comp_id 
_pdbx_unobs_or_zero_occ_residues.auth_seq_id 
_pdbx_unobs_or_zero_occ_residues.PDB_ins_code 
_pdbx_unobs_or_zero_occ_residues.label_asym_id 
_pdbx_unobs_or_zero_occ_residues.label_comp_id 
_pdbx_unobs_or_zero_occ_residues.label_seq_id 
1 1 Y 1 A GLY -4 ? A GLY 1 
2 1 Y 1 A PRO -3 ? A PRO 2 
3 1 Y 1 A LEU -2 ? A LEU 3 
4 1 Y 1 B THR 11 ? B THR 8 
# 
loop_
_chem_comp_atom.comp_id 
_chem_comp_atom.atom_id 
_chem_comp_atom.type_symbol 
_chem_comp_atom.pdbx_aromatic_flag 
_chem_comp_atom.pdbx_stereo_config 
_chem_comp_atom.pdbx_ordinal 
ACE C    C N N 1   
ACE O    O N N 2   
ACE CH3  C N N 3   
ACE H    H N N 4   
ACE H1   H N N 5   
ACE H2   H N N 6   
ACE H3   H N N 7   
ALA N    N N N 8   
ALA CA   C N S 9   
ALA C    C N N 10  
ALA O    O N N 11  
ALA CB   C N N 12  
ALA OXT  O N N 13  
ALA H    H N N 14  
ALA H2   H N N 15  
ALA HA   H N N 16  
ALA HB1  H N N 17  
ALA HB2  H N N 18  
ALA HB3  H N N 19  
ALA HXT  H N N 20  
ARG N    N N N 21  
ARG CA   C N S 22  
ARG C    C N N 23  
ARG O    O N N 24  
ARG CB   C N N 25  
ARG CG   C N N 26  
ARG CD   C N N 27  
ARG NE   N N N 28  
ARG CZ   C N N 29  
ARG NH1  N N N 30  
ARG NH2  N N N 31  
ARG OXT  O N N 32  
ARG H    H N N 33  
ARG H2   H N N 34  
ARG HA   H N N 35  
ARG HB2  H N N 36  
ARG HB3  H N N 37  
ARG HG2  H N N 38  
ARG HG3  H N N 39  
ARG HD2  H N N 40  
ARG HD3  H N N 41  
ARG HE   H N N 42  
ARG HH11 H N N 43  
ARG HH12 H N N 44  
ARG HH21 H N N 45  
ARG HH22 H N N 46  
ARG HXT  H N N 47  
ASN N    N N N 48  
ASN CA   C N S 49  
ASN C    C N N 50  
ASN O    O N N 51  
ASN CB   C N N 52  
ASN CG   C N N 53  
ASN OD1  O N N 54  
ASN ND2  N N N 55  
ASN OXT  O N N 56  
ASN H    H N N 57  
ASN H2   H N N 58  
ASN HA   H N N 59  
ASN HB2  H N N 60  
ASN HB3  H N N 61  
ASN HD21 H N N 62  
ASN HD22 H N N 63  
ASN HXT  H N N 64  
ASP N    N N N 65  
ASP CA   C N S 66  
ASP C    C N N 67  
ASP O    O N N 68  
ASP CB   C N N 69  
ASP CG   C N N 70  
ASP OD1  O N N 71  
ASP OD2  O N N 72  
ASP OXT  O N N 73  
ASP H    H N N 74  
ASP H2   H N N 75  
ASP HA   H N N 76  
ASP HB2  H N N 77  
ASP HB3  H N N 78  
ASP HD2  H N N 79  
ASP HXT  H N N 80  
GLN N    N N N 81  
GLN CA   C N S 82  
GLN C    C N N 83  
GLN O    O N N 84  
GLN CB   C N N 85  
GLN CG   C N N 86  
GLN CD   C N N 87  
GLN OE1  O N N 88  
GLN NE2  N N N 89  
GLN OXT  O N N 90  
GLN H    H N N 91  
GLN H2   H N N 92  
GLN HA   H N N 93  
GLN HB2  H N N 94  
GLN HB3  H N N 95  
GLN HG2  H N N 96  
GLN HG3  H N N 97  
GLN HE21 H N N 98  
GLN HE22 H N N 99  
GLN HXT  H N N 100 
GLU N    N N N 101 
GLU CA   C N S 102 
GLU C    C N N 103 
GLU O    O N N 104 
GLU CB   C N N 105 
GLU CG   C N N 106 
GLU CD   C N N 107 
GLU OE1  O N N 108 
GLU OE2  O N N 109 
GLU OXT  O N N 110 
GLU H    H N N 111 
GLU H2   H N N 112 
GLU HA   H N N 113 
GLU HB2  H N N 114 
GLU HB3  H N N 115 
GLU HG2  H N N 116 
GLU HG3  H N N 117 
GLU HE2  H N N 118 
GLU HXT  H N N 119 
GLY N    N N N 120 
GLY CA   C N N 121 
GLY C    C N N 122 
GLY O    O N N 123 
GLY OXT  O N N 124 
GLY H    H N N 125 
GLY H2   H N N 126 
GLY HA2  H N N 127 
GLY HA3  H N N 128 
GLY HXT  H N N 129 
HIS N    N N N 130 
HIS CA   C N S 131 
HIS C    C N N 132 
HIS O    O N N 133 
HIS CB   C N N 134 
HIS CG   C Y N 135 
HIS ND1  N Y N 136 
HIS CD2  C Y N 137 
HIS CE1  C Y N 138 
HIS NE2  N Y N 139 
HIS OXT  O N N 140 
HIS H    H N N 141 
HIS H2   H N N 142 
HIS HA   H N N 143 
HIS HB2  H N N 144 
HIS HB3  H N N 145 
HIS HD1  H N N 146 
HIS HD2  H N N 147 
HIS HE1  H N N 148 
HIS HE2  H N N 149 
HIS HXT  H N N 150 
HOH O    O N N 151 
HOH H1   H N N 152 
HOH H2   H N N 153 
ILE N    N N N 154 
ILE CA   C N S 155 
ILE C    C N N 156 
ILE O    O N N 157 
ILE CB   C N S 158 
ILE CG1  C N N 159 
ILE CG2  C N N 160 
ILE CD1  C N N 161 
ILE OXT  O N N 162 
ILE H    H N N 163 
ILE H2   H N N 164 
ILE HA   H N N 165 
ILE HB   H N N 166 
ILE HG12 H N N 167 
ILE HG13 H N N 168 
ILE HG21 H N N 169 
ILE HG22 H N N 170 
ILE HG23 H N N 171 
ILE HD11 H N N 172 
ILE HD12 H N N 173 
ILE HD13 H N N 174 
ILE HXT  H N N 175 
KCR N    N N N 176 
KCR CA   C N S 177 
KCR CB   C N N 178 
KCR CG   C N N 179 
KCR CD   C N N 180 
KCR CE   C N N 181 
KCR NZ   N N N 182 
KCR CH   C N N 183 
KCR OH   O N N 184 
KCR CX   C N N 185 
KCR CY   C N N 186 
KCR CH3  C N N 187 
KCR C    C N N 188 
KCR O    O N N 189 
KCR OXT  O N N 190 
KCR H    H N N 191 
KCR H2   H N N 192 
KCR HA   H N N 193 
KCR H5   H N N 194 
KCR H6   H N N 195 
KCR H7   H N N 196 
KCR H8   H N N 197 
KCR H9   H N N 198 
KCR H10  H N N 199 
KCR H11  H N N 200 
KCR H12  H N N 201 
KCR H13  H N N 202 
KCR H14  H N N 203 
KCR H15  H N N 204 
KCR H16  H N N 205 
KCR H17  H N N 206 
KCR H18  H N N 207 
KCR HXT  H N N 208 
LEU N    N N N 209 
LEU CA   C N S 210 
LEU C    C N N 211 
LEU O    O N N 212 
LEU CB   C N N 213 
LEU CG   C N N 214 
LEU CD1  C N N 215 
LEU CD2  C N N 216 
LEU OXT  O N N 217 
LEU H    H N N 218 
LEU H2   H N N 219 
LEU HA   H N N 220 
LEU HB2  H N N 221 
LEU HB3  H N N 222 
LEU HG   H N N 223 
LEU HD11 H N N 224 
LEU HD12 H N N 225 
LEU HD13 H N N 226 
LEU HD21 H N N 227 
LEU HD22 H N N 228 
LEU HD23 H N N 229 
LEU HXT  H N N 230 
LYS N    N N N 231 
LYS CA   C N S 232 
LYS C    C N N 233 
LYS O    O N N 234 
LYS CB   C N N 235 
LYS CG   C N N 236 
LYS CD   C N N 237 
LYS CE   C N N 238 
LYS NZ   N N N 239 
LYS OXT  O N N 240 
LYS H    H N N 241 
LYS H2   H N N 242 
LYS HA   H N N 243 
LYS HB2  H N N 244 
LYS HB3  H N N 245 
LYS HG2  H N N 246 
LYS HG3  H N N 247 
LYS HD2  H N N 248 
LYS HD3  H N N 249 
LYS HE2  H N N 250 
LYS HE3  H N N 251 
LYS HZ1  H N N 252 
LYS HZ2  H N N 253 
LYS HZ3  H N N 254 
LYS HXT  H N N 255 
MET N    N N N 256 
MET CA   C N S 257 
MET C    C N N 258 
MET O    O N N 259 
MET CB   C N N 260 
MET CG   C N N 261 
MET SD   S N N 262 
MET CE   C N N 263 
MET OXT  O N N 264 
MET H    H N N 265 
MET H2   H N N 266 
MET HA   H N N 267 
MET HB2  H N N 268 
MET HB3  H N N 269 
MET HG2  H N N 270 
MET HG3  H N N 271 
MET HE1  H N N 272 
MET HE2  H N N 273 
MET HE3  H N N 274 
MET HXT  H N N 275 
PHE N    N N N 276 
PHE CA   C N S 277 
PHE C    C N N 278 
PHE O    O N N 279 
PHE CB   C N N 280 
PHE CG   C Y N 281 
PHE CD1  C Y N 282 
PHE CD2  C Y N 283 
PHE CE1  C Y N 284 
PHE CE2  C Y N 285 
PHE CZ   C Y N 286 
PHE OXT  O N N 287 
PHE H    H N N 288 
PHE H2   H N N 289 
PHE HA   H N N 290 
PHE HB2  H N N 291 
PHE HB3  H N N 292 
PHE HD1  H N N 293 
PHE HD2  H N N 294 
PHE HE1  H N N 295 
PHE HE2  H N N 296 
PHE HZ   H N N 297 
PHE HXT  H N N 298 
PRO N    N N N 299 
PRO CA   C N S 300 
PRO C    C N N 301 
PRO O    O N N 302 
PRO CB   C N N 303 
PRO CG   C N N 304 
PRO CD   C N N 305 
PRO OXT  O N N 306 
PRO H    H N N 307 
PRO HA   H N N 308 
PRO HB2  H N N 309 
PRO HB3  H N N 310 
PRO HG2  H N N 311 
PRO HG3  H N N 312 
PRO HD2  H N N 313 
PRO HD3  H N N 314 
PRO HXT  H N N 315 
SER N    N N N 316 
SER CA   C N S 317 
SER C    C N N 318 
SER O    O N N 319 
SER CB   C N N 320 
SER OG   O N N 321 
SER OXT  O N N 322 
SER H    H N N 323 
SER H2   H N N 324 
SER HA   H N N 325 
SER HB2  H N N 326 
SER HB3  H N N 327 
SER HG   H N N 328 
SER HXT  H N N 329 
THR N    N N N 330 
THR CA   C N S 331 
THR C    C N N 332 
THR O    O N N 333 
THR CB   C N R 334 
THR OG1  O N N 335 
THR CG2  C N N 336 
THR OXT  O N N 337 
THR H    H N N 338 
THR H2   H N N 339 
THR HA   H N N 340 
THR HB   H N N 341 
THR HG1  H N N 342 
THR HG21 H N N 343 
THR HG22 H N N 344 
THR HG23 H N N 345 
THR HXT  H N N 346 
TRP N    N N N 347 
TRP CA   C N S 348 
TRP C    C N N 349 
TRP O    O N N 350 
TRP CB   C N N 351 
TRP CG   C Y N 352 
TRP CD1  C Y N 353 
TRP CD2  C Y N 354 
TRP NE1  N Y N 355 
TRP CE2  C Y N 356 
TRP CE3  C Y N 357 
TRP CZ2  C Y N 358 
TRP CZ3  C Y N 359 
TRP CH2  C Y N 360 
TRP OXT  O N N 361 
TRP H    H N N 362 
TRP H2   H N N 363 
TRP HA   H N N 364 
TRP HB2  H N N 365 
TRP HB3  H N N 366 
TRP HD1  H N N 367 
TRP HE1  H N N 368 
TRP HE3  H N N 369 
TRP HZ2  H N N 370 
TRP HZ3  H N N 371 
TRP HH2  H N N 372 
TRP HXT  H N N 373 
TYR N    N N N 374 
TYR CA   C N S 375 
TYR C    C N N 376 
TYR O    O N N 377 
TYR CB   C N N 378 
TYR CG   C Y N 379 
TYR CD1  C Y N 380 
TYR CD2  C Y N 381 
TYR CE1  C Y N 382 
TYR CE2  C Y N 383 
TYR CZ   C Y N 384 
TYR OH   O N N 385 
TYR OXT  O N N 386 
TYR H    H N N 387 
TYR H2   H N N 388 
TYR HA   H N N 389 
TYR HB2  H N N 390 
TYR HB3  H N N 391 
TYR HD1  H N N 392 
TYR HD2  H N N 393 
TYR HE1  H N N 394 
TYR HE2  H N N 395 
TYR HH   H N N 396 
TYR HXT  H N N 397 
VAL N    N N N 398 
VAL CA   C N S 399 
VAL C    C N N 400 
VAL O    O N N 401 
VAL CB   C N N 402 
VAL CG1  C N N 403 
VAL CG2  C N N 404 
VAL OXT  O N N 405 
VAL H    H N N 406 
VAL H2   H N N 407 
VAL HA   H N N 408 
VAL HB   H N N 409 
VAL HG11 H N N 410 
VAL HG12 H N N 411 
VAL HG13 H N N 412 
VAL HG21 H N N 413 
VAL HG22 H N N 414 
VAL HG23 H N N 415 
VAL HXT  H N N 416 
# 
loop_
_chem_comp_bond.comp_id 
_chem_comp_bond.atom_id_1 
_chem_comp_bond.atom_id_2 
_chem_comp_bond.value_order 
_chem_comp_bond.pdbx_aromatic_flag 
_chem_comp_bond.pdbx_stereo_config 
_chem_comp_bond.pdbx_ordinal 
ACE C   O    doub N N 1   
ACE C   CH3  sing N N 2   
ACE C   H    sing N N 3   
ACE CH3 H1   sing N N 4   
ACE CH3 H2   sing N N 5   
ACE CH3 H3   sing N N 6   
ALA N   CA   sing N N 7   
ALA N   H    sing N N 8   
ALA N   H2   sing N N 9   
ALA CA  C    sing N N 10  
ALA CA  CB   sing N N 11  
ALA CA  HA   sing N N 12  
ALA C   O    doub N N 13  
ALA C   OXT  sing N N 14  
ALA CB  HB1  sing N N 15  
ALA CB  HB2  sing N N 16  
ALA CB  HB3  sing N N 17  
ALA OXT HXT  sing N N 18  
ARG N   CA   sing N N 19  
ARG N   H    sing N N 20  
ARG N   H2   sing N N 21  
ARG CA  C    sing N N 22  
ARG CA  CB   sing N N 23  
ARG CA  HA   sing N N 24  
ARG C   O    doub N N 25  
ARG C   OXT  sing N N 26  
ARG CB  CG   sing N N 27  
ARG CB  HB2  sing N N 28  
ARG CB  HB3  sing N N 29  
ARG CG  CD   sing N N 30  
ARG CG  HG2  sing N N 31  
ARG CG  HG3  sing N N 32  
ARG CD  NE   sing N N 33  
ARG CD  HD2  sing N N 34  
ARG CD  HD3  sing N N 35  
ARG NE  CZ   sing N N 36  
ARG NE  HE   sing N N 37  
ARG CZ  NH1  sing N N 38  
ARG CZ  NH2  doub N N 39  
ARG NH1 HH11 sing N N 40  
ARG NH1 HH12 sing N N 41  
ARG NH2 HH21 sing N N 42  
ARG NH2 HH22 sing N N 43  
ARG OXT HXT  sing N N 44  
ASN N   CA   sing N N 45  
ASN N   H    sing N N 46  
ASN N   H2   sing N N 47  
ASN CA  C    sing N N 48  
ASN CA  CB   sing N N 49  
ASN CA  HA   sing N N 50  
ASN C   O    doub N N 51  
ASN C   OXT  sing N N 52  
ASN CB  CG   sing N N 53  
ASN CB  HB2  sing N N 54  
ASN CB  HB3  sing N N 55  
ASN CG  OD1  doub N N 56  
ASN CG  ND2  sing N N 57  
ASN ND2 HD21 sing N N 58  
ASN ND2 HD22 sing N N 59  
ASN OXT HXT  sing N N 60  
ASP N   CA   sing N N 61  
ASP N   H    sing N N 62  
ASP N   H2   sing N N 63  
ASP CA  C    sing N N 64  
ASP CA  CB   sing N N 65  
ASP CA  HA   sing N N 66  
ASP C   O    doub N N 67  
ASP C   OXT  sing N N 68  
ASP CB  CG   sing N N 69  
ASP CB  HB2  sing N N 70  
ASP CB  HB3  sing N N 71  
ASP CG  OD1  doub N N 72  
ASP CG  OD2  sing N N 73  
ASP OD2 HD2  sing N N 74  
ASP OXT HXT  sing N N 75  
GLN N   CA   sing N N 76  
GLN N   H    sing N N 77  
GLN N   H2   sing N N 78  
GLN CA  C    sing N N 79  
GLN CA  CB   sing N N 80  
GLN CA  HA   sing N N 81  
GLN C   O    doub N N 82  
GLN C   OXT  sing N N 83  
GLN CB  CG   sing N N 84  
GLN CB  HB2  sing N N 85  
GLN CB  HB3  sing N N 86  
GLN CG  CD   sing N N 87  
GLN CG  HG2  sing N N 88  
GLN CG  HG3  sing N N 89  
GLN CD  OE1  doub N N 90  
GLN CD  NE2  sing N N 91  
GLN NE2 HE21 sing N N 92  
GLN NE2 HE22 sing N N 93  
GLN OXT HXT  sing N N 94  
GLU N   CA   sing N N 95  
GLU N   H    sing N N 96  
GLU N   H2   sing N N 97  
GLU CA  C    sing N N 98  
GLU CA  CB   sing N N 99  
GLU CA  HA   sing N N 100 
GLU C   O    doub N N 101 
GLU C   OXT  sing N N 102 
GLU CB  CG   sing N N 103 
GLU CB  HB2  sing N N 104 
GLU CB  HB3  sing N N 105 
GLU CG  CD   sing N N 106 
GLU CG  HG2  sing N N 107 
GLU CG  HG3  sing N N 108 
GLU CD  OE1  doub N N 109 
GLU CD  OE2  sing N N 110 
GLU OE2 HE2  sing N N 111 
GLU OXT HXT  sing N N 112 
GLY N   CA   sing N N 113 
GLY N   H    sing N N 114 
GLY N   H2   sing N N 115 
GLY CA  C    sing N N 116 
GLY CA  HA2  sing N N 117 
GLY CA  HA3  sing N N 118 
GLY C   O    doub N N 119 
GLY C   OXT  sing N N 120 
GLY OXT HXT  sing N N 121 
HIS N   CA   sing N N 122 
HIS N   H    sing N N 123 
HIS N   H2   sing N N 124 
HIS CA  C    sing N N 125 
HIS CA  CB   sing N N 126 
HIS CA  HA   sing N N 127 
HIS C   O    doub N N 128 
HIS C   OXT  sing N N 129 
HIS CB  CG   sing N N 130 
HIS CB  HB2  sing N N 131 
HIS CB  HB3  sing N N 132 
HIS CG  ND1  sing Y N 133 
HIS CG  CD2  doub Y N 134 
HIS ND1 CE1  doub Y N 135 
HIS ND1 HD1  sing N N 136 
HIS CD2 NE2  sing Y N 137 
HIS CD2 HD2  sing N N 138 
HIS CE1 NE2  sing Y N 139 
HIS CE1 HE1  sing N N 140 
HIS NE2 HE2  sing N N 141 
HIS OXT HXT  sing N N 142 
HOH O   H1   sing N N 143 
HOH O   H2   sing N N 144 
ILE N   CA   sing N N 145 
ILE N   H    sing N N 146 
ILE N   H2   sing N N 147 
ILE CA  C    sing N N 148 
ILE CA  CB   sing N N 149 
ILE CA  HA   sing N N 150 
ILE C   O    doub N N 151 
ILE C   OXT  sing N N 152 
ILE CB  CG1  sing N N 153 
ILE CB  CG2  sing N N 154 
ILE CB  HB   sing N N 155 
ILE CG1 CD1  sing N N 156 
ILE CG1 HG12 sing N N 157 
ILE CG1 HG13 sing N N 158 
ILE CG2 HG21 sing N N 159 
ILE CG2 HG22 sing N N 160 
ILE CG2 HG23 sing N N 161 
ILE CD1 HD11 sing N N 162 
ILE CD1 HD12 sing N N 163 
ILE CD1 HD13 sing N N 164 
ILE OXT HXT  sing N N 165 
KCR CH3 CY   sing N N 166 
KCR CY  CX   doub N E 167 
KCR CX  CH   sing N N 168 
KCR OH  CH   doub N N 169 
KCR CH  NZ   sing N N 170 
KCR NZ  CE   sing N N 171 
KCR CE  CD   sing N N 172 
KCR CG  CD   sing N N 173 
KCR CG  CB   sing N N 174 
KCR CB  CA   sing N N 175 
KCR N   CA   sing N N 176 
KCR CA  C    sing N N 177 
KCR O   C    doub N N 178 
KCR C   OXT  sing N N 179 
KCR N   H    sing N N 180 
KCR N   H2   sing N N 181 
KCR CA  HA   sing N N 182 
KCR CB  H5   sing N N 183 
KCR CB  H6   sing N N 184 
KCR CG  H7   sing N N 185 
KCR CG  H8   sing N N 186 
KCR CD  H9   sing N N 187 
KCR CD  H10  sing N N 188 
KCR CE  H11  sing N N 189 
KCR CE  H12  sing N N 190 
KCR NZ  H13  sing N N 191 
KCR CX  H14  sing N N 192 
KCR CY  H15  sing N N 193 
KCR CH3 H16  sing N N 194 
KCR CH3 H17  sing N N 195 
KCR CH3 H18  sing N N 196 
KCR OXT HXT  sing N N 197 
LEU N   CA   sing N N 198 
LEU N   H    sing N N 199 
LEU N   H2   sing N N 200 
LEU CA  C    sing N N 201 
LEU CA  CB   sing N N 202 
LEU CA  HA   sing N N 203 
LEU C   O    doub N N 204 
LEU C   OXT  sing N N 205 
LEU CB  CG   sing N N 206 
LEU CB  HB2  sing N N 207 
LEU CB  HB3  sing N N 208 
LEU CG  CD1  sing N N 209 
LEU CG  CD2  sing N N 210 
LEU CG  HG   sing N N 211 
LEU CD1 HD11 sing N N 212 
LEU CD1 HD12 sing N N 213 
LEU CD1 HD13 sing N N 214 
LEU CD2 HD21 sing N N 215 
LEU CD2 HD22 sing N N 216 
LEU CD2 HD23 sing N N 217 
LEU OXT HXT  sing N N 218 
LYS N   CA   sing N N 219 
LYS N   H    sing N N 220 
LYS N   H2   sing N N 221 
LYS CA  C    sing N N 222 
LYS CA  CB   sing N N 223 
LYS CA  HA   sing N N 224 
LYS C   O    doub N N 225 
LYS C   OXT  sing N N 226 
LYS CB  CG   sing N N 227 
LYS CB  HB2  sing N N 228 
LYS CB  HB3  sing N N 229 
LYS CG  CD   sing N N 230 
LYS CG  HG2  sing N N 231 
LYS CG  HG3  sing N N 232 
LYS CD  CE   sing N N 233 
LYS CD  HD2  sing N N 234 
LYS CD  HD3  sing N N 235 
LYS CE  NZ   sing N N 236 
LYS CE  HE2  sing N N 237 
LYS CE  HE3  sing N N 238 
LYS NZ  HZ1  sing N N 239 
LYS NZ  HZ2  sing N N 240 
LYS NZ  HZ3  sing N N 241 
LYS OXT HXT  sing N N 242 
MET N   CA   sing N N 243 
MET N   H    sing N N 244 
MET N   H2   sing N N 245 
MET CA  C    sing N N 246 
MET CA  CB   sing N N 247 
MET CA  HA   sing N N 248 
MET C   O    doub N N 249 
MET C   OXT  sing N N 250 
MET CB  CG   sing N N 251 
MET CB  HB2  sing N N 252 
MET CB  HB3  sing N N 253 
MET CG  SD   sing N N 254 
MET CG  HG2  sing N N 255 
MET CG  HG3  sing N N 256 
MET SD  CE   sing N N 257 
MET CE  HE1  sing N N 258 
MET CE  HE2  sing N N 259 
MET CE  HE3  sing N N 260 
MET OXT HXT  sing N N 261 
PHE N   CA   sing N N 262 
PHE N   H    sing N N 263 
PHE N   H2   sing N N 264 
PHE CA  C    sing N N 265 
PHE CA  CB   sing N N 266 
PHE CA  HA   sing N N 267 
PHE C   O    doub N N 268 
PHE C   OXT  sing N N 269 
PHE CB  CG   sing N N 270 
PHE CB  HB2  sing N N 271 
PHE CB  HB3  sing N N 272 
PHE CG  CD1  doub Y N 273 
PHE CG  CD2  sing Y N 274 
PHE CD1 CE1  sing Y N 275 
PHE CD1 HD1  sing N N 276 
PHE CD2 CE2  doub Y N 277 
PHE CD2 HD2  sing N N 278 
PHE CE1 CZ   doub Y N 279 
PHE CE1 HE1  sing N N 280 
PHE CE2 CZ   sing Y N 281 
PHE CE2 HE2  sing N N 282 
PHE CZ  HZ   sing N N 283 
PHE OXT HXT  sing N N 284 
PRO N   CA   sing N N 285 
PRO N   CD   sing N N 286 
PRO N   H    sing N N 287 
PRO CA  C    sing N N 288 
PRO CA  CB   sing N N 289 
PRO CA  HA   sing N N 290 
PRO C   O    doub N N 291 
PRO C   OXT  sing N N 292 
PRO CB  CG   sing N N 293 
PRO CB  HB2  sing N N 294 
PRO CB  HB3  sing N N 295 
PRO CG  CD   sing N N 296 
PRO CG  HG2  sing N N 297 
PRO CG  HG3  sing N N 298 
PRO CD  HD2  sing N N 299 
PRO CD  HD3  sing N N 300 
PRO OXT HXT  sing N N 301 
SER N   CA   sing N N 302 
SER N   H    sing N N 303 
SER N   H2   sing N N 304 
SER CA  C    sing N N 305 
SER CA  CB   sing N N 306 
SER CA  HA   sing N N 307 
SER C   O    doub N N 308 
SER C   OXT  sing N N 309 
SER CB  OG   sing N N 310 
SER CB  HB2  sing N N 311 
SER CB  HB3  sing N N 312 
SER OG  HG   sing N N 313 
SER OXT HXT  sing N N 314 
THR N   CA   sing N N 315 
THR N   H    sing N N 316 
THR N   H2   sing N N 317 
THR CA  C    sing N N 318 
THR CA  CB   sing N N 319 
THR CA  HA   sing N N 320 
THR C   O    doub N N 321 
THR C   OXT  sing N N 322 
THR CB  OG1  sing N N 323 
THR CB  CG2  sing N N 324 
THR CB  HB   sing N N 325 
THR OG1 HG1  sing N N 326 
THR CG2 HG21 sing N N 327 
THR CG2 HG22 sing N N 328 
THR CG2 HG23 sing N N 329 
THR OXT HXT  sing N N 330 
TRP N   CA   sing N N 331 
TRP N   H    sing N N 332 
TRP N   H2   sing N N 333 
TRP CA  C    sing N N 334 
TRP CA  CB   sing N N 335 
TRP CA  HA   sing N N 336 
TRP C   O    doub N N 337 
TRP C   OXT  sing N N 338 
TRP CB  CG   sing N N 339 
TRP CB  HB2  sing N N 340 
TRP CB  HB3  sing N N 341 
TRP CG  CD1  doub Y N 342 
TRP CG  CD2  sing Y N 343 
TRP CD1 NE1  sing Y N 344 
TRP CD1 HD1  sing N N 345 
TRP CD2 CE2  doub Y N 346 
TRP CD2 CE3  sing Y N 347 
TRP NE1 CE2  sing Y N 348 
TRP NE1 HE1  sing N N 349 
TRP CE2 CZ2  sing Y N 350 
TRP CE3 CZ3  doub Y N 351 
TRP CE3 HE3  sing N N 352 
TRP CZ2 CH2  doub Y N 353 
TRP CZ2 HZ2  sing N N 354 
TRP CZ3 CH2  sing Y N 355 
TRP CZ3 HZ3  sing N N 356 
TRP CH2 HH2  sing N N 357 
TRP OXT HXT  sing N N 358 
TYR N   CA   sing N N 359 
TYR N   H    sing N N 360 
TYR N   H2   sing N N 361 
TYR CA  C    sing N N 362 
TYR CA  CB   sing N N 363 
TYR CA  HA   sing N N 364 
TYR C   O    doub N N 365 
TYR C   OXT  sing N N 366 
TYR CB  CG   sing N N 367 
TYR CB  HB2  sing N N 368 
TYR CB  HB3  sing N N 369 
TYR CG  CD1  doub Y N 370 
TYR CG  CD2  sing Y N 371 
TYR CD1 CE1  sing Y N 372 
TYR CD1 HD1  sing N N 373 
TYR CD2 CE2  doub Y N 374 
TYR CD2 HD2  sing N N 375 
TYR CE1 CZ   doub Y N 376 
TYR CE1 HE1  sing N N 377 
TYR CE2 CZ   sing Y N 378 
TYR CE2 HE2  sing N N 379 
TYR CZ  OH   sing N N 380 
TYR OH  HH   sing N N 381 
TYR OXT HXT  sing N N 382 
VAL N   CA   sing N N 383 
VAL N   H    sing N N 384 
VAL N   H2   sing N N 385 
VAL CA  C    sing N N 386 
VAL CA  CB   sing N N 387 
VAL CA  HA   sing N N 388 
VAL C   O    doub N N 389 
VAL C   OXT  sing N N 390 
VAL CB  CG1  sing N N 391 
VAL CB  CG2  sing N N 392 
VAL CB  HB   sing N N 393 
VAL CG1 HG11 sing N N 394 
VAL CG1 HG12 sing N N 395 
VAL CG1 HG13 sing N N 396 
VAL CG2 HG21 sing N N 397 
VAL CG2 HG22 sing N N 398 
VAL CG2 HG23 sing N N 399 
VAL OXT HXT  sing N N 400 
# 
_pdbx_entity_instance_feature.ordinal        1 
_pdbx_entity_instance_feature.comp_id        KCR 
_pdbx_entity_instance_feature.asym_id        ? 
_pdbx_entity_instance_feature.seq_num        ? 
_pdbx_entity_instance_feature.auth_comp_id   KCR 
_pdbx_entity_instance_feature.auth_asym_id   ? 
_pdbx_entity_instance_feature.auth_seq_num   ? 
_pdbx_entity_instance_feature.feature_type   'SUBJECT OF INVESTIGATION' 
_pdbx_entity_instance_feature.details        ? 
# 
_pdbx_entity_nonpoly.entity_id   3 
_pdbx_entity_nonpoly.name        water 
_pdbx_entity_nonpoly.comp_id     HOH 
# 
_pdbx_initial_refinement_model.id               1 
_pdbx_initial_refinement_model.entity_id_list   ? 
_pdbx_initial_refinement_model.type             'experimental model' 
_pdbx_initial_refinement_model.source_name      PDB 
_pdbx_initial_refinement_model.accession_code   5IOK 
_pdbx_initial_refinement_model.details          ? 
# 
_pdbx_struct_assembly_auth_evidence.id                     1 
_pdbx_struct_assembly_auth_evidence.assembly_id            1 
_pdbx_struct_assembly_auth_evidence.experimental_support   'assay for oligomerization' 
_pdbx_struct_assembly_auth_evidence.details                'HSQC NMR titration' 
# 
